data_4PIR
#
_entry.id   4PIR
#
_cell.length_a   121.542
_cell.length_b   187.087
_cell.length_c   240.554
_cell.angle_alpha   90.00
_cell.angle_beta   90.00
_cell.angle_gamma   90.00
#
_symmetry.space_group_name_H-M   'P 21 21 21'
#
loop_
_entity.id
_entity.type
_entity.pdbx_description
1 polymer '5-hydroxytryptamine receptor 3A'
2 polymer VHH15
3 branched 2-acetamido-2-deoxy-beta-D-glucopyranose-(1-4)-2-acetamido-2-deoxy-beta-D-glucopyranose
4 branched beta-D-mannopyranose-(1-4)-2-acetamido-2-deoxy-beta-D-glucopyranose-(1-4)-2-acetamido-2-deoxy-beta-D-glucopyranose
5 non-polymer 'CHLORIDE ION'
6 non-polymer 'SULFATE ION'
7 non-polymer 2-acetamido-2-deoxy-beta-D-glucopyranose
#
loop_
_entity_poly.entity_id
_entity_poly.type
_entity_poly.pdbx_seq_one_letter_code
_entity_poly.pdbx_strand_id
1 'polypeptide(L)'
;ATQARDTTQPALLRLSDHLLANYKKGVRPVRDWRKPTTVSIDVIMYAILNVDEKNQVLTTYIWYRQYWTDEFLQWTPEDF
DNVTKLSIPTDSIWVPDILINEFVDVGKSPNIPYVYVHHRGEVQNYKPLQLVTACSLDIYNFPFDVQNCSLTFTSWLHTI
QDINITLWRSPEEVRSDKSIFINQGEWELLEVFPQFKEFSIDISNSYAEMKFYVIIRRRPLFYAVSLLLPSIFLMVVDIV
GFCLPPDSGERVSFKITLLLGYSVFLIIVSDTLPATAIGTPLIGVYFVVCMALLVISLAETIFIVRLVHKQDLQRPVPDW
LRHLVLDRIAWILCLGEQPMAHRPPATFQANKTDDCSAMGNHCSHVGGPQDLEKTPRGRGSPLPPPREASLAVRGLLQEL
SSIRHFLEKRDEMREVARDWLRVGYVLDRLLFRIYLLAVLAYSITLVTLWSIWHSS
;
A,B,C,D,E
2 'polypeptide(L)'
;DVQLVESGGGLVQPGGSLRLSCAYSGSLFSILRMDWYRQAPGKERELVAGITRDAAGYADSTNYADSVKGRFTISRDSAK
NTVYLQMNSLKPEDTAVYYCNADARTITGRADYWGQGTQVTVSS
;
F,G,H,I,J
#
# COMPACT_ATOMS: atom_id res chain seq x y z
N THR A 8 23.60 21.93 -50.15
CA THR A 8 23.80 20.49 -50.29
C THR A 8 22.47 19.74 -50.27
N GLN A 9 22.52 18.42 -50.17
CA GLN A 9 21.30 17.61 -50.18
C GLN A 9 21.18 16.51 -49.11
N PRO A 10 21.55 16.78 -47.85
CA PRO A 10 21.12 15.81 -46.83
C PRO A 10 19.68 16.05 -46.37
N ALA A 11 19.05 17.11 -46.89
CA ALA A 11 17.70 17.53 -46.53
C ALA A 11 17.62 18.07 -45.09
N LEU A 12 16.58 17.66 -44.37
CA LEU A 12 16.25 18.28 -43.09
C LEU A 12 17.33 18.06 -42.03
N LEU A 13 18.21 17.10 -42.29
CA LEU A 13 19.34 16.83 -41.39
C LEU A 13 20.17 18.10 -41.24
N ARG A 14 20.29 18.85 -42.34
CA ARG A 14 20.95 20.14 -42.30
C ARG A 14 20.29 21.07 -41.29
N LEU A 15 18.97 21.20 -41.42
CA LEU A 15 18.19 22.10 -40.57
C LEU A 15 18.43 21.82 -39.09
N SER A 16 18.26 20.56 -38.71
CA SER A 16 18.45 20.12 -37.32
C SER A 16 19.81 20.56 -36.80
N ASP A 17 20.83 20.47 -37.66
CA ASP A 17 22.15 20.93 -37.29
C ASP A 17 22.15 22.45 -37.16
N HIS A 18 21.75 23.11 -38.25
CA HIS A 18 21.82 24.57 -38.37
C HIS A 18 21.23 25.28 -37.17
N LEU A 19 20.10 24.77 -36.69
CA LEU A 19 19.42 25.33 -35.53
C LEU A 19 20.15 25.00 -34.23
N LEU A 20 20.49 23.72 -34.05
CA LEU A 20 20.95 23.23 -32.76
C LEU A 20 22.47 23.18 -32.63
N ALA A 21 23.17 23.74 -33.61
CA ALA A 21 24.63 23.76 -33.60
C ALA A 21 25.18 24.49 -32.37
N ASN A 22 24.87 25.78 -32.26
CA ASN A 22 25.36 26.60 -31.16
C ASN A 22 24.25 26.95 -30.18
N TYR A 23 23.10 26.28 -30.33
CA TYR A 23 21.92 26.57 -29.51
C TYR A 23 22.17 26.23 -28.04
N LYS A 24 22.23 27.25 -27.20
CA LYS A 24 22.34 27.02 -25.76
C LYS A 24 20.97 26.94 -25.10
N LYS A 25 20.64 25.78 -24.56
CA LYS A 25 19.31 25.52 -24.01
C LYS A 25 19.13 26.10 -22.61
N GLY A 26 20.15 26.77 -22.10
CA GLY A 26 20.09 27.35 -20.76
C GLY A 26 19.53 28.76 -20.75
N VAL A 27 19.78 29.50 -21.83
CA VAL A 27 19.33 30.88 -21.94
C VAL A 27 17.91 30.94 -22.52
N ARG A 28 17.08 31.82 -21.97
CA ARG A 28 15.72 32.01 -22.46
C ARG A 28 15.73 32.52 -23.90
N PRO A 29 15.01 31.83 -24.78
CA PRO A 29 15.03 32.12 -26.23
C PRO A 29 14.39 33.45 -26.61
N VAL A 30 15.12 34.54 -26.38
CA VAL A 30 14.69 35.86 -26.81
C VAL A 30 15.89 36.68 -27.29
N ARG A 31 15.73 37.35 -28.43
CA ARG A 31 16.79 38.19 -28.96
C ARG A 31 16.92 39.46 -28.11
N ASP A 32 15.78 40.01 -27.72
CA ASP A 32 15.74 41.10 -26.75
C ASP A 32 15.35 40.56 -25.38
N TRP A 33 16.24 40.72 -24.41
CA TRP A 33 16.02 40.17 -23.07
C TRP A 33 14.83 40.83 -22.37
N ARG A 34 14.44 42.00 -22.85
CA ARG A 34 13.31 42.72 -22.28
C ARG A 34 12.00 42.08 -22.72
N LYS A 35 12.03 41.39 -23.85
CA LYS A 35 10.85 40.73 -24.39
C LYS A 35 10.54 39.43 -23.65
N PRO A 36 9.34 39.35 -23.05
CA PRO A 36 8.90 38.16 -22.31
C PRO A 36 8.47 37.03 -23.24
N THR A 37 8.72 35.79 -22.83
CA THR A 37 8.26 34.63 -23.59
C THR A 37 6.88 34.20 -23.10
N THR A 38 5.90 34.29 -23.98
CA THR A 38 4.52 33.99 -23.61
C THR A 38 4.15 32.54 -23.92
N VAL A 39 3.74 31.80 -22.90
CA VAL A 39 3.36 30.41 -23.06
C VAL A 39 1.85 30.21 -23.01
N SER A 40 1.26 29.90 -24.15
CA SER A 40 -0.15 29.55 -24.22
C SER A 40 -0.34 28.08 -23.86
N ILE A 41 -1.11 27.83 -22.81
CA ILE A 41 -1.28 26.46 -22.30
C ILE A 41 -2.71 25.97 -22.50
N ASP A 42 -2.87 24.65 -22.48
CA ASP A 42 -4.19 24.04 -22.66
C ASP A 42 -4.33 22.79 -21.81
N VAL A 43 -5.48 22.64 -21.16
CA VAL A 43 -5.71 21.53 -20.23
C VAL A 43 -6.95 20.73 -20.61
N ILE A 44 -6.79 19.41 -20.71
CA ILE A 44 -7.92 18.53 -20.95
C ILE A 44 -8.05 17.49 -19.83
N MET A 45 -9.20 17.45 -19.20
CA MET A 45 -9.43 16.51 -18.10
C MET A 45 -9.72 15.12 -18.64
N TYR A 46 -8.84 14.16 -18.37
CA TYR A 46 -9.04 12.81 -18.87
C TYR A 46 -9.81 11.93 -17.88
N ALA A 47 -9.43 11.99 -16.62
CA ALA A 47 -10.10 11.19 -15.60
C ALA A 47 -9.81 11.70 -14.19
N ILE A 48 -10.82 11.60 -13.33
CA ILE A 48 -10.61 11.82 -11.90
C ILE A 48 -10.25 10.48 -11.29
N LEU A 49 -8.98 10.30 -10.95
CA LEU A 49 -8.49 9.01 -10.50
C LEU A 49 -8.98 8.70 -9.09
N ASN A 50 -8.72 9.62 -8.16
CA ASN A 50 -9.18 9.41 -6.80
C ASN A 50 -9.28 10.69 -5.99
N VAL A 51 -10.35 10.82 -5.20
CA VAL A 51 -10.43 11.91 -4.25
C VAL A 51 -10.16 11.35 -2.85
N ASP A 52 -9.32 12.05 -2.10
CA ASP A 52 -9.07 11.68 -0.72
C ASP A 52 -9.70 12.73 0.19
N GLU A 53 -10.87 12.40 0.72
CA GLU A 53 -11.63 13.32 1.56
C GLU A 53 -10.96 13.52 2.92
N LYS A 54 -10.33 12.47 3.42
CA LYS A 54 -9.68 12.53 4.73
C LYS A 54 -8.46 13.44 4.69
N ASN A 55 -7.54 13.15 3.78
CA ASN A 55 -6.32 13.95 3.66
C ASN A 55 -6.51 15.19 2.79
N GLN A 56 -7.70 15.32 2.23
CA GLN A 56 -8.05 16.45 1.36
C GLN A 56 -7.07 16.58 0.21
N VAL A 57 -7.00 15.56 -0.65
CA VAL A 57 -6.11 15.62 -1.81
C VAL A 57 -6.69 14.91 -3.03
N LEU A 58 -6.71 15.62 -4.15
CA LEU A 58 -7.27 15.12 -5.41
C LEU A 58 -6.19 14.62 -6.36
N THR A 59 -6.41 13.42 -6.90
CA THR A 59 -5.53 12.82 -7.90
C THR A 59 -6.26 12.65 -9.22
N THR A 60 -5.76 13.34 -10.25
CA THR A 60 -6.40 13.34 -11.57
C THR A 60 -5.41 13.09 -12.69
N TYR A 61 -5.91 12.82 -13.90
CA TYR A 61 -5.04 12.67 -15.07
C TYR A 61 -5.41 13.68 -16.15
N ILE A 62 -4.42 14.44 -16.59
CA ILE A 62 -4.64 15.55 -17.52
C ILE A 62 -3.85 15.38 -18.81
N TRP A 63 -4.45 15.75 -19.94
CA TRP A 63 -3.70 15.91 -21.18
C TRP A 63 -3.33 17.37 -21.33
N TYR A 64 -2.03 17.66 -21.29
CA TYR A 64 -1.54 19.02 -21.19
C TYR A 64 -0.79 19.47 -22.44
N ARG A 65 -1.04 20.71 -22.84
CA ARG A 65 -0.42 21.28 -24.04
C ARG A 65 0.29 22.60 -23.72
N GLN A 66 1.53 22.71 -24.20
CA GLN A 66 2.35 23.89 -24.00
C GLN A 66 2.76 24.48 -25.35
N TYR A 67 2.50 25.77 -25.55
CA TYR A 67 2.89 26.42 -26.78
C TYR A 67 3.68 27.69 -26.49
N TRP A 68 4.88 27.82 -27.05
CA TRP A 68 5.60 29.08 -26.86
C TRP A 68 6.43 29.44 -28.08
N THR A 69 7.14 30.56 -28.03
CA THR A 69 7.94 30.98 -29.17
C THR A 69 9.44 30.95 -28.86
N ASP A 70 10.17 30.17 -29.64
CA ASP A 70 11.62 30.12 -29.52
C ASP A 70 12.25 30.96 -30.63
N GLU A 71 12.72 32.15 -30.27
CA GLU A 71 13.20 33.12 -31.24
C GLU A 71 14.50 32.70 -31.90
N PHE A 72 15.19 31.74 -31.31
CA PHE A 72 16.45 31.24 -31.85
C PHE A 72 16.23 30.14 -32.89
N LEU A 73 15.13 29.42 -32.75
CA LEU A 73 14.83 28.29 -33.63
C LEU A 73 14.03 28.70 -34.87
N GLN A 74 14.16 29.95 -35.29
CA GLN A 74 13.46 30.43 -36.47
C GLN A 74 14.29 30.28 -37.74
N TRP A 75 13.62 30.00 -38.85
CA TRP A 75 14.30 29.89 -40.14
C TRP A 75 13.32 30.14 -41.29
N THR A 76 13.85 30.18 -42.51
CA THR A 76 13.03 30.32 -43.70
C THR A 76 12.84 28.96 -44.37
N PRO A 77 11.59 28.62 -44.72
CA PRO A 77 11.24 27.32 -45.32
C PRO A 77 12.06 26.99 -46.56
N GLU A 78 12.34 27.99 -47.39
CA GLU A 78 13.14 27.79 -48.60
C GLU A 78 14.57 27.42 -48.25
N ASP A 79 15.35 27.08 -49.28
CA ASP A 79 16.72 26.55 -49.16
C ASP A 79 16.90 25.49 -48.06
N PHE A 80 15.78 24.95 -47.58
CA PHE A 80 15.76 23.83 -46.65
C PHE A 80 14.80 22.76 -47.19
N ASP A 81 14.54 22.83 -48.48
CA ASP A 81 13.61 21.94 -49.18
C ASP A 81 12.19 22.16 -48.68
N ASN A 82 11.80 23.42 -48.55
CA ASN A 82 10.45 23.83 -48.19
C ASN A 82 9.88 23.14 -46.95
N VAL A 83 10.74 22.89 -45.97
CA VAL A 83 10.29 22.28 -44.72
C VAL A 83 9.60 23.33 -43.84
N THR A 84 8.47 22.95 -43.25
CA THR A 84 7.70 23.86 -42.41
C THR A 84 8.06 23.68 -40.94
N LYS A 85 7.85 22.47 -40.42
CA LYS A 85 8.14 22.18 -39.03
C LYS A 85 9.15 21.03 -38.90
N LEU A 86 9.75 20.91 -37.72
CA LEU A 86 10.76 19.90 -37.46
C LEU A 86 10.62 19.33 -36.05
N SER A 87 10.73 18.02 -35.93
CA SER A 87 10.63 17.36 -34.63
C SER A 87 12.00 17.23 -33.98
N ILE A 88 12.16 17.86 -32.81
CA ILE A 88 13.43 17.82 -32.10
C ILE A 88 13.23 17.45 -30.63
N PRO A 89 14.22 16.76 -30.04
CA PRO A 89 14.16 16.31 -28.64
C PRO A 89 13.87 17.42 -27.64
N THR A 90 12.93 17.16 -26.73
CA THR A 90 12.52 18.12 -25.72
C THR A 90 13.69 18.63 -24.87
N ASP A 91 14.56 17.72 -24.46
CA ASP A 91 15.64 18.06 -23.55
C ASP A 91 16.86 18.63 -24.30
N SER A 92 16.68 18.91 -25.59
CA SER A 92 17.72 19.57 -26.36
C SER A 92 17.40 21.05 -26.58
N ILE A 93 16.27 21.49 -26.03
CA ILE A 93 15.85 22.89 -26.15
C ILE A 93 15.34 23.46 -24.83
N TRP A 94 15.29 24.79 -24.75
CA TRP A 94 14.78 25.48 -23.58
C TRP A 94 13.30 25.18 -23.33
N VAL A 95 12.96 24.91 -22.07
CA VAL A 95 11.59 24.57 -21.69
C VAL A 95 11.15 25.37 -20.46
N PRO A 96 9.94 25.96 -20.49
CA PRO A 96 9.42 26.71 -19.36
C PRO A 96 9.19 25.85 -18.11
N ASP A 97 9.27 26.48 -16.94
CA ASP A 97 9.22 25.76 -15.67
C ASP A 97 7.84 25.82 -15.02
N ILE A 98 6.80 26.02 -15.83
CA ILE A 98 5.42 26.12 -15.31
C ILE A 98 5.00 24.89 -14.52
N LEU A 99 4.57 25.11 -13.28
CA LEU A 99 4.11 24.04 -12.40
C LEU A 99 2.79 24.40 -11.73
N ILE A 100 2.31 23.51 -10.86
CA ILE A 100 1.07 23.76 -10.13
C ILE A 100 1.35 23.95 -8.64
N ASN A 101 0.74 24.99 -8.06
CA ASN A 101 0.95 25.32 -6.66
C ASN A 101 0.35 24.30 -5.71
N GLU A 102 -0.75 23.68 -6.12
CA GLU A 102 -1.48 22.74 -5.26
C GLU A 102 -0.77 21.40 -5.13
N PHE A 103 0.33 21.24 -5.85
CA PHE A 103 1.12 19.99 -5.82
C PHE A 103 1.57 19.62 -4.41
N VAL A 104 1.15 18.44 -3.95
CA VAL A 104 1.64 17.90 -2.68
C VAL A 104 2.45 16.63 -2.92
N ASP A 105 2.57 16.23 -4.18
CA ASP A 105 3.30 15.02 -4.53
C ASP A 105 3.67 15.04 -6.02
N VAL A 106 4.19 13.92 -6.50
CA VAL A 106 4.56 13.79 -7.91
C VAL A 106 3.93 12.56 -8.53
N GLY A 107 3.04 12.79 -9.50
CA GLY A 107 2.37 11.70 -10.18
C GLY A 107 3.21 11.12 -11.30
N LYS A 108 3.15 9.80 -11.48
CA LYS A 108 3.91 9.13 -12.51
C LYS A 108 3.26 9.32 -13.88
N SER A 109 3.96 10.04 -14.77
CA SER A 109 3.44 10.35 -16.10
C SER A 109 4.47 10.03 -17.17
N PRO A 110 3.99 9.50 -18.32
CA PRO A 110 4.86 9.17 -19.45
C PRO A 110 5.63 10.38 -19.97
N ASN A 111 6.91 10.17 -20.27
CA ASN A 111 7.77 11.24 -20.77
C ASN A 111 7.74 11.37 -22.28
N ILE A 112 7.38 12.55 -22.77
CA ILE A 112 7.37 12.82 -24.20
C ILE A 112 8.73 13.36 -24.61
N PRO A 113 9.43 12.63 -25.49
CA PRO A 113 10.80 12.95 -25.90
C PRO A 113 10.91 14.04 -26.98
N TYR A 114 9.88 14.21 -27.81
CA TYR A 114 9.97 15.10 -28.95
C TYR A 114 9.00 16.28 -28.90
N VAL A 115 9.38 17.38 -29.55
CA VAL A 115 8.47 18.50 -29.77
C VAL A 115 8.53 18.99 -31.20
N TYR A 116 7.48 19.69 -31.62
CA TYR A 116 7.42 20.26 -32.96
C TYR A 116 7.81 21.74 -32.94
N VAL A 117 8.85 22.08 -33.67
CA VAL A 117 9.29 23.46 -33.79
C VAL A 117 9.13 23.94 -35.22
N HIS A 118 8.39 25.03 -35.40
CA HIS A 118 8.05 25.52 -36.72
C HIS A 118 8.95 26.68 -37.13
N HIS A 119 8.87 27.08 -38.40
CA HIS A 119 9.85 28.00 -38.97
C HIS A 119 9.72 29.43 -38.42
N ARG A 120 8.59 29.73 -37.80
CA ARG A 120 8.42 31.03 -37.15
C ARG A 120 8.79 30.93 -35.67
N GLY A 121 9.36 29.80 -35.28
CA GLY A 121 9.87 29.62 -33.93
C GLY A 121 8.86 29.11 -32.92
N GLU A 122 7.70 28.67 -33.40
CA GLU A 122 6.68 28.14 -32.51
C GLU A 122 7.02 26.73 -32.03
N VAL A 123 7.10 26.57 -30.72
CA VAL A 123 7.35 25.29 -30.09
C VAL A 123 6.05 24.70 -29.54
N GLN A 124 5.78 23.48 -30.00
CA GLN A 124 4.60 22.69 -29.66
C GLN A 124 4.97 21.50 -28.80
N ASN A 125 4.58 21.55 -27.53
CA ASN A 125 4.92 20.51 -26.57
C ASN A 125 3.69 19.82 -26.00
N TYR A 126 3.49 18.55 -26.34
CA TYR A 126 2.38 17.77 -25.79
C TYR A 126 2.88 16.85 -24.68
N LYS A 127 2.11 16.74 -23.60
CA LYS A 127 2.46 15.80 -22.54
C LYS A 127 1.31 15.56 -21.56
N PRO A 128 1.07 14.28 -21.23
CA PRO A 128 0.11 13.90 -20.20
C PRO A 128 0.74 13.99 -18.81
N LEU A 129 -0.06 14.41 -17.83
CA LEU A 129 0.43 14.58 -16.47
C LEU A 129 -0.50 13.91 -15.47
N GLN A 130 0.07 13.25 -14.47
CA GLN A 130 -0.72 12.76 -13.34
C GLN A 130 -0.59 13.76 -12.20
N LEU A 131 -1.70 14.41 -11.88
CA LEU A 131 -1.68 15.50 -10.92
C LEU A 131 -2.18 15.06 -9.55
N VAL A 132 -1.25 15.05 -8.58
CA VAL A 132 -1.61 14.87 -7.19
C VAL A 132 -1.59 16.24 -6.51
N THR A 133 -2.75 16.87 -6.45
CA THR A 133 -2.85 18.24 -5.96
C THR A 133 -3.78 18.32 -4.76
N ALA A 134 -3.41 19.12 -3.78
CA ALA A 134 -4.22 19.27 -2.58
C ALA A 134 -5.44 20.13 -2.86
N CYS A 135 -6.59 19.71 -2.35
CA CYS A 135 -7.84 20.41 -2.59
C CYS A 135 -8.74 20.39 -1.35
N SER A 136 -9.19 21.55 -0.92
CA SER A 136 -10.08 21.65 0.23
C SER A 136 -11.49 21.19 -0.14
N LEU A 137 -11.91 20.07 0.44
CA LEU A 137 -13.19 19.46 0.11
C LEU A 137 -14.25 19.72 1.17
N ASP A 138 -15.49 19.88 0.72
CA ASP A 138 -16.62 20.07 1.62
C ASP A 138 -17.67 18.98 1.43
N ILE A 139 -17.71 18.05 2.37
CA ILE A 139 -18.61 16.91 2.28
C ILE A 139 -19.91 17.13 3.06
N TYR A 140 -20.29 18.41 3.20
CA TYR A 140 -21.47 18.79 3.96
C TYR A 140 -22.71 18.00 3.56
N ASN A 141 -23.14 18.14 2.31
CA ASN A 141 -24.20 17.29 1.77
C ASN A 141 -23.59 16.06 1.11
N PHE A 142 -23.33 15.02 1.90
CA PHE A 142 -22.49 13.91 1.46
C PHE A 142 -22.95 13.18 0.18
N PRO A 143 -24.21 12.71 0.12
CA PRO A 143 -24.54 11.96 -1.09
C PRO A 143 -24.58 12.84 -2.35
N PHE A 144 -25.13 14.04 -2.23
CA PHE A 144 -25.19 14.96 -3.36
C PHE A 144 -24.35 16.20 -3.09
N ASP A 145 -23.04 16.08 -3.31
CA ASP A 145 -22.12 17.19 -3.08
C ASP A 145 -21.35 17.55 -4.34
N VAL A 146 -21.12 18.84 -4.53
CA VAL A 146 -20.28 19.31 -5.61
C VAL A 146 -18.94 19.76 -5.03
N GLN A 147 -17.86 19.52 -5.78
CA GLN A 147 -16.53 19.86 -5.32
C GLN A 147 -15.84 20.81 -6.28
N ASN A 148 -15.05 21.71 -5.71
CA ASN A 148 -14.42 22.79 -6.44
C ASN A 148 -12.92 22.79 -6.15
N CYS A 149 -12.12 22.33 -7.10
CA CYS A 149 -10.68 22.22 -6.87
C CYS A 149 -9.87 23.12 -7.79
N SER A 150 -8.86 23.77 -7.23
CA SER A 150 -8.05 24.71 -8.00
C SER A 150 -6.78 24.07 -8.54
N LEU A 151 -6.43 24.43 -9.78
CA LEU A 151 -5.15 24.02 -10.36
C LEU A 151 -4.44 25.25 -10.91
N THR A 152 -3.50 25.79 -10.13
CA THR A 152 -2.87 27.06 -10.48
C THR A 152 -1.55 26.87 -11.21
N PHE A 153 -1.58 27.05 -12.53
CA PHE A 153 -0.38 26.93 -13.35
C PHE A 153 0.40 28.23 -13.33
N THR A 154 1.67 28.16 -12.91
CA THR A 154 2.52 29.33 -12.86
C THR A 154 4.00 28.95 -12.87
N SER A 155 4.84 29.82 -13.41
CA SER A 155 6.27 29.61 -13.36
C SER A 155 6.76 29.74 -11.93
N TRP A 156 7.48 28.73 -11.45
CA TRP A 156 7.87 28.67 -10.05
C TRP A 156 9.02 29.62 -9.72
N LEU A 157 9.62 30.22 -10.75
CA LEU A 157 10.74 31.13 -10.55
C LEU A 157 10.58 32.43 -11.34
N HIS A 158 10.44 32.29 -12.66
CA HIS A 158 10.45 33.44 -13.57
C HIS A 158 9.29 34.39 -13.31
N THR A 159 9.59 35.70 -13.41
CA THR A 159 8.57 36.73 -13.24
C THR A 159 7.70 36.85 -14.50
N ILE A 160 6.73 37.76 -14.45
CA ILE A 160 5.80 37.94 -15.57
C ILE A 160 6.48 38.67 -16.74
N GLN A 161 7.64 39.28 -16.49
CA GLN A 161 8.39 39.95 -17.53
C GLN A 161 9.35 38.98 -18.22
N ASP A 162 9.38 37.74 -17.74
CA ASP A 162 10.19 36.70 -18.34
C ASP A 162 9.31 35.62 -18.98
N ILE A 163 8.42 35.04 -18.18
CA ILE A 163 7.49 34.03 -18.66
C ILE A 163 6.05 34.44 -18.34
N ASN A 164 5.19 34.42 -19.35
CA ASN A 164 3.79 34.77 -19.16
C ASN A 164 2.87 33.70 -19.73
N ILE A 165 1.76 33.44 -19.05
CA ILE A 165 0.87 32.35 -19.43
C ILE A 165 -0.47 32.84 -19.97
N THR A 166 -0.87 32.28 -21.10
CA THR A 166 -2.16 32.59 -21.72
C THR A 166 -2.92 31.32 -22.05
N LEU A 167 -4.05 31.46 -22.75
CA LEU A 167 -4.84 30.31 -23.16
C LEU A 167 -4.73 30.09 -24.67
N TRP A 168 -4.27 28.90 -25.05
CA TRP A 168 -4.18 28.50 -26.46
C TRP A 168 -5.49 28.66 -27.22
N ARG A 169 -6.61 28.33 -26.57
CA ARG A 169 -7.91 28.44 -27.21
C ARG A 169 -8.92 29.08 -26.26
N SER A 170 -10.11 29.36 -26.78
CA SER A 170 -11.15 30.06 -26.04
C SER A 170 -11.45 29.41 -24.69
N PRO A 171 -11.65 30.24 -23.65
CA PRO A 171 -11.94 29.76 -22.30
C PRO A 171 -13.25 28.99 -22.23
N GLU A 172 -14.15 29.26 -23.17
CA GLU A 172 -15.42 28.55 -23.24
C GLU A 172 -15.19 27.14 -23.78
N GLU A 173 -14.27 27.02 -24.73
CA GLU A 173 -13.87 25.72 -25.25
C GLU A 173 -13.25 24.87 -24.15
N VAL A 174 -12.37 25.49 -23.35
CA VAL A 174 -11.72 24.82 -22.23
C VAL A 174 -12.75 24.40 -21.19
N ARG A 175 -13.71 25.28 -20.94
CA ARG A 175 -14.77 25.03 -19.97
C ARG A 175 -15.65 23.85 -20.39
N SER A 176 -16.18 23.92 -21.60
CA SER A 176 -17.14 22.93 -22.08
C SER A 176 -16.51 21.61 -22.47
N ASP A 177 -15.17 21.56 -22.50
CA ASP A 177 -14.47 20.37 -22.95
C ASP A 177 -14.71 19.21 -22.00
N LYS A 178 -15.57 18.29 -22.42
CA LYS A 178 -15.81 17.06 -21.67
C LYS A 178 -15.40 15.86 -22.51
N SER A 179 -14.82 16.14 -23.66
CA SER A 179 -14.32 15.10 -24.55
C SER A 179 -13.07 14.45 -23.98
N ILE A 180 -12.88 13.17 -24.29
CA ILE A 180 -11.79 12.37 -23.73
C ILE A 180 -11.84 12.44 -22.21
N PHE A 181 -13.01 12.12 -21.65
CA PHE A 181 -13.19 12.03 -20.22
C PHE A 181 -14.02 10.80 -19.88
N ILE A 182 -13.64 10.10 -18.81
CA ILE A 182 -14.28 8.85 -18.45
C ILE A 182 -15.38 9.02 -17.42
N ASN A 183 -16.61 8.76 -17.83
CA ASN A 183 -17.74 8.75 -16.92
C ASN A 183 -17.91 7.38 -16.29
N GLN A 184 -19.12 7.10 -15.80
CA GLN A 184 -19.45 5.83 -15.15
C GLN A 184 -18.60 5.62 -13.89
N GLY A 185 -18.10 6.72 -13.34
CA GLY A 185 -17.28 6.68 -12.15
C GLY A 185 -18.01 7.25 -10.94
N GLU A 186 -17.27 7.47 -9.87
CA GLU A 186 -17.85 8.01 -8.64
C GLU A 186 -18.16 9.50 -8.79
N TRP A 187 -17.43 10.16 -9.68
CA TRP A 187 -17.58 11.60 -9.87
C TRP A 187 -17.98 11.97 -11.29
N GLU A 188 -18.73 13.08 -11.40
CA GLU A 188 -19.16 13.59 -12.70
C GLU A 188 -18.56 14.98 -12.94
N LEU A 189 -17.79 15.11 -14.01
CA LEU A 189 -17.16 16.38 -14.34
C LEU A 189 -18.19 17.38 -14.84
N LEU A 190 -18.27 18.53 -14.19
CA LEU A 190 -19.19 19.58 -14.61
C LEU A 190 -18.50 20.54 -15.57
N GLU A 191 -17.45 21.21 -15.09
CA GLU A 191 -16.69 22.13 -15.93
C GLU A 191 -15.27 22.34 -15.42
N VAL A 192 -14.40 22.77 -16.32
CA VAL A 192 -13.06 23.21 -15.96
C VAL A 192 -12.90 24.68 -16.34
N PHE A 193 -13.06 25.56 -15.36
CA PHE A 193 -13.12 26.99 -15.61
C PHE A 193 -11.76 27.66 -15.45
N PRO A 194 -11.18 28.12 -16.57
CA PRO A 194 -9.89 28.82 -16.55
C PRO A 194 -10.04 30.29 -16.19
N GLN A 195 -9.06 30.83 -15.47
CA GLN A 195 -9.06 32.26 -15.11
C GLN A 195 -7.65 32.78 -14.91
N PHE A 196 -7.32 33.89 -15.55
CA PHE A 196 -6.00 34.50 -15.41
C PHE A 196 -5.95 35.48 -14.24
N LYS A 197 -4.83 35.48 -13.52
CA LYS A 197 -4.61 36.38 -12.39
C LYS A 197 -3.13 36.76 -12.29
N GLU A 198 -2.85 38.00 -11.89
CA GLU A 198 -1.49 38.43 -11.66
C GLU A 198 -1.19 38.43 -10.17
N PHE A 199 -0.41 37.44 -9.72
CA PHE A 199 -0.15 37.27 -8.30
C PHE A 199 1.18 37.88 -7.90
N SER A 200 1.16 38.74 -6.88
CA SER A 200 2.38 39.34 -6.37
C SER A 200 2.38 39.30 -4.83
N ILE A 201 3.53 38.96 -4.26
CA ILE A 201 3.68 38.96 -2.81
C ILE A 201 4.36 40.27 -2.39
N ASP A 202 4.75 41.05 -3.39
CA ASP A 202 5.42 42.33 -3.15
C ASP A 202 5.44 43.19 -4.41
N ILE A 203 5.96 44.40 -4.27
CA ILE A 203 6.15 45.30 -5.39
C ILE A 203 7.40 44.86 -6.17
N SER A 204 7.47 45.22 -7.44
CA SER A 204 8.62 44.99 -8.33
C SER A 204 8.79 43.53 -8.75
N ASN A 205 8.03 42.63 -8.12
CA ASN A 205 8.04 41.23 -8.50
C ASN A 205 6.62 40.68 -8.62
N SER A 206 6.16 40.52 -9.86
CA SER A 206 4.83 39.99 -10.13
C SER A 206 4.92 38.73 -10.98
N TYR A 207 4.08 37.75 -10.68
CA TYR A 207 4.09 36.49 -11.40
C TYR A 207 2.74 36.23 -12.06
N ALA A 208 2.76 35.47 -13.14
CA ALA A 208 1.56 35.16 -13.89
C ALA A 208 0.96 33.83 -13.46
N GLU A 209 -0.30 33.88 -13.04
CA GLU A 209 -1.04 32.69 -12.65
C GLU A 209 -2.20 32.39 -13.60
N MET A 210 -2.34 31.11 -13.94
CA MET A 210 -3.48 30.65 -14.73
C MET A 210 -4.18 29.53 -13.97
N LYS A 211 -5.29 29.89 -13.31
CA LYS A 211 -6.02 28.94 -12.48
C LYS A 211 -7.01 28.13 -13.29
N PHE A 212 -7.18 26.88 -12.91
CA PHE A 212 -8.17 26.00 -13.51
C PHE A 212 -9.06 25.41 -12.42
N TYR A 213 -10.30 25.89 -12.34
CA TYR A 213 -11.23 25.36 -11.36
C TYR A 213 -11.96 24.15 -11.93
N VAL A 214 -11.55 22.97 -11.48
CA VAL A 214 -12.22 21.74 -11.87
C VAL A 214 -13.36 21.48 -10.90
N ILE A 215 -14.56 21.41 -11.44
CA ILE A 215 -15.76 21.20 -10.64
C ILE A 215 -16.35 19.83 -10.90
N ILE A 216 -16.44 19.01 -9.87
CA ILE A 216 -16.91 17.64 -10.03
C ILE A 216 -18.07 17.31 -9.10
N ARG A 217 -19.06 16.58 -9.62
CA ARG A 217 -20.23 16.22 -8.82
C ARG A 217 -20.28 14.73 -8.56
N ARG A 218 -20.61 14.36 -7.33
CA ARG A 218 -20.63 12.95 -6.93
C ARG A 218 -21.87 12.25 -7.50
N ARG A 219 -21.77 10.93 -7.66
CA ARG A 219 -22.89 10.14 -8.13
C ARG A 219 -23.55 9.41 -6.97
N PRO A 220 -24.71 9.91 -6.51
CA PRO A 220 -25.40 9.39 -5.32
C PRO A 220 -26.18 8.10 -5.59
N LEU A 221 -25.48 7.06 -6.01
CA LEU A 221 -26.13 5.78 -6.27
C LEU A 221 -25.48 4.65 -5.47
N PHE A 222 -24.16 4.57 -5.53
CA PHE A 222 -23.42 3.61 -4.74
C PHE A 222 -23.61 3.84 -3.25
N TYR A 223 -23.76 5.10 -2.86
CA TYR A 223 -23.95 5.45 -1.45
C TYR A 223 -25.44 5.46 -1.09
N ALA A 224 -26.29 5.21 -2.07
CA ALA A 224 -27.73 5.14 -1.83
C ALA A 224 -28.06 3.80 -1.17
N VAL A 225 -27.93 2.73 -1.94
CA VAL A 225 -28.21 1.37 -1.47
C VAL A 225 -27.46 1.04 -0.18
N SER A 226 -26.17 1.40 -0.13
CA SER A 226 -25.33 1.09 1.01
C SER A 226 -25.75 1.82 2.28
N LEU A 227 -26.67 2.78 2.15
CA LEU A 227 -27.12 3.56 3.29
C LEU A 227 -28.60 3.34 3.64
N LEU A 228 -29.49 3.68 2.72
CA LEU A 228 -30.93 3.70 3.02
C LEU A 228 -31.58 2.32 3.06
N LEU A 229 -31.08 1.39 2.25
CA LEU A 229 -31.68 0.06 2.16
C LEU A 229 -31.66 -0.72 3.50
N PRO A 230 -30.49 -0.82 4.16
CA PRO A 230 -30.52 -1.57 5.42
C PRO A 230 -31.35 -0.89 6.50
N SER A 231 -31.42 0.43 6.46
CA SER A 231 -32.18 1.20 7.44
C SER A 231 -33.68 0.90 7.34
N ILE A 232 -34.21 0.97 6.13
CA ILE A 232 -35.64 0.71 5.92
C ILE A 232 -35.93 -0.77 6.09
N PHE A 233 -34.92 -1.61 5.83
CA PHE A 233 -35.04 -3.05 6.04
C PHE A 233 -35.24 -3.35 7.52
N LEU A 234 -34.30 -2.88 8.34
CA LEU A 234 -34.38 -3.08 9.78
C LEU A 234 -35.61 -2.38 10.35
N MET A 235 -36.07 -1.35 9.66
CA MET A 235 -37.26 -0.62 10.07
C MET A 235 -38.50 -1.51 9.92
N VAL A 236 -38.67 -2.11 8.74
CA VAL A 236 -39.83 -2.96 8.52
C VAL A 236 -39.72 -4.26 9.32
N VAL A 237 -38.50 -4.68 9.62
CA VAL A 237 -38.30 -5.84 10.48
C VAL A 237 -38.76 -5.50 11.89
N ASP A 238 -38.51 -4.26 12.32
CA ASP A 238 -39.00 -3.79 13.61
C ASP A 238 -40.53 -3.72 13.61
N ILE A 239 -41.09 -3.29 12.48
CA ILE A 239 -42.54 -3.25 12.31
C ILE A 239 -43.13 -4.64 12.48
N VAL A 240 -42.47 -5.64 11.89
CA VAL A 240 -42.86 -7.03 12.10
C VAL A 240 -42.71 -7.40 13.57
N GLY A 241 -41.72 -6.81 14.22
CA GLY A 241 -41.44 -7.07 15.62
C GLY A 241 -42.52 -6.58 16.56
N PHE A 242 -43.23 -5.51 16.17
CA PHE A 242 -44.33 -5.01 16.97
C PHE A 242 -45.48 -6.02 17.06
N CYS A 243 -45.63 -6.83 16.03
CA CYS A 243 -46.74 -7.79 15.95
C CYS A 243 -46.63 -8.87 17.03
N LEU A 244 -45.44 -9.04 17.58
CA LEU A 244 -45.25 -9.96 18.71
C LEU A 244 -45.96 -9.45 19.95
N PRO A 245 -46.77 -10.31 20.57
CA PRO A 245 -47.48 -9.96 21.81
C PRO A 245 -46.52 -9.75 22.98
N PRO A 246 -46.77 -8.72 23.81
CA PRO A 246 -45.95 -8.38 24.97
C PRO A 246 -45.83 -9.53 25.97
N ASP A 247 -46.80 -10.43 25.97
CA ASP A 247 -46.83 -11.54 26.91
C ASP A 247 -45.75 -12.58 26.61
N SER A 248 -45.45 -12.76 25.31
CA SER A 248 -44.47 -13.76 24.87
C SER A 248 -43.11 -13.62 25.55
N GLY A 249 -42.63 -12.38 25.66
CA GLY A 249 -41.33 -12.14 26.27
C GLY A 249 -40.20 -12.14 25.24
N GLU A 250 -40.42 -12.84 24.13
CA GLU A 250 -39.44 -12.89 23.05
C GLU A 250 -39.39 -11.55 22.31
N ARG A 251 -40.38 -10.71 22.55
CA ARG A 251 -40.46 -9.39 21.94
C ARG A 251 -39.31 -8.48 22.41
N VAL A 252 -38.94 -8.63 23.67
CA VAL A 252 -37.88 -7.84 24.26
C VAL A 252 -36.53 -8.22 23.63
N SER A 253 -36.27 -9.52 23.56
CA SER A 253 -35.07 -10.04 22.92
C SER A 253 -35.05 -9.64 21.44
N PHE A 254 -36.23 -9.59 20.84
CA PHE A 254 -36.39 -9.13 19.47
C PHE A 254 -35.84 -7.72 19.33
N LYS A 255 -36.37 -6.80 20.14
CA LYS A 255 -36.01 -5.39 20.04
C LYS A 255 -34.53 -5.17 20.37
N ILE A 256 -34.03 -5.93 21.32
CA ILE A 256 -32.62 -5.82 21.71
C ILE A 256 -31.68 -6.30 20.61
N THR A 257 -31.99 -7.47 20.04
CA THR A 257 -31.15 -8.01 18.98
C THR A 257 -31.18 -7.11 17.76
N LEU A 258 -32.35 -6.57 17.44
CA LEU A 258 -32.49 -5.67 16.31
C LEU A 258 -31.68 -4.39 16.54
N LEU A 259 -31.76 -3.86 17.75
CA LEU A 259 -31.01 -2.67 18.10
C LEU A 259 -29.51 -2.93 18.00
N LEU A 260 -29.09 -4.11 18.43
CA LEU A 260 -27.70 -4.52 18.31
C LEU A 260 -27.26 -4.59 16.85
N GLY A 261 -28.11 -5.16 16.01
CA GLY A 261 -27.82 -5.28 14.59
C GLY A 261 -27.69 -3.93 13.92
N TYR A 262 -28.55 -2.99 14.31
CA TYR A 262 -28.48 -1.65 13.74
C TYR A 262 -27.28 -0.90 14.28
N SER A 263 -26.89 -1.21 15.51
CA SER A 263 -25.70 -0.62 16.12
C SER A 263 -24.43 -1.04 15.39
N VAL A 264 -24.26 -2.34 15.19
CA VAL A 264 -23.08 -2.83 14.49
C VAL A 264 -23.15 -2.38 13.03
N PHE A 265 -24.36 -2.21 12.51
CA PHE A 265 -24.53 -1.68 11.17
C PHE A 265 -24.00 -0.25 11.05
N LEU A 266 -24.40 0.61 11.99
CA LEU A 266 -23.98 2.00 11.97
C LEU A 266 -22.50 2.15 12.29
N ILE A 267 -21.94 1.18 13.00
CA ILE A 267 -20.51 1.19 13.28
C ILE A 267 -19.73 0.77 12.03
N ILE A 268 -20.27 -0.18 11.28
CA ILE A 268 -19.64 -0.60 10.03
C ILE A 268 -19.72 0.48 8.96
N VAL A 269 -20.89 1.11 8.84
CA VAL A 269 -21.09 2.16 7.85
C VAL A 269 -20.42 3.46 8.26
N SER A 270 -19.96 3.51 9.52
CA SER A 270 -19.23 4.67 10.03
C SER A 270 -17.90 4.84 9.30
N ASP A 271 -17.36 3.74 8.81
CA ASP A 271 -16.14 3.77 8.01
C ASP A 271 -16.47 3.72 6.53
N THR A 272 -16.89 4.86 6.00
CA THR A 272 -17.17 5.03 4.57
C THR A 272 -16.64 6.38 4.13
N LEU A 273 -17.12 7.43 4.80
CA LEU A 273 -16.66 8.78 4.54
C LEU A 273 -16.55 9.57 5.84
N PRO A 274 -15.36 10.14 6.11
CA PRO A 274 -15.13 10.96 7.31
C PRO A 274 -15.61 12.39 7.14
N ALA A 275 -15.74 13.11 8.25
CA ALA A 275 -16.17 14.50 8.22
C ALA A 275 -15.23 15.38 9.04
N THR A 280 -19.50 17.52 10.76
CA THR A 280 -20.62 16.59 10.64
C THR A 280 -21.01 16.35 9.18
N PRO A 281 -21.26 15.08 8.83
CA PRO A 281 -21.65 14.70 7.46
C PRO A 281 -23.07 15.10 7.10
N LEU A 282 -23.83 15.58 8.08
CA LEU A 282 -25.22 16.02 7.91
C LEU A 282 -26.18 14.88 7.56
N ILE A 283 -25.69 13.87 6.87
CA ILE A 283 -26.49 12.69 6.54
C ILE A 283 -26.59 11.78 7.77
N GLY A 284 -25.72 12.04 8.75
CA GLY A 284 -25.75 11.30 10.00
C GLY A 284 -26.96 11.64 10.84
N VAL A 285 -27.45 12.86 10.69
CA VAL A 285 -28.65 13.30 11.40
C VAL A 285 -29.86 12.52 10.91
N TYR A 286 -29.97 12.40 9.59
CA TYR A 286 -31.07 11.67 8.95
C TYR A 286 -30.90 10.17 9.16
N PHE A 287 -29.93 9.82 9.99
CA PHE A 287 -29.60 8.44 10.29
C PHE A 287 -29.78 8.21 11.80
N VAL A 288 -29.26 9.12 12.59
CA VAL A 288 -29.44 9.11 14.03
C VAL A 288 -30.93 9.28 14.35
N VAL A 289 -31.70 9.81 13.41
CA VAL A 289 -33.15 9.82 13.53
C VAL A 289 -33.69 8.39 13.60
N CYS A 290 -33.24 7.54 12.67
CA CYS A 290 -33.62 6.13 12.67
C CYS A 290 -33.13 5.44 13.94
N MET A 291 -31.91 5.77 14.35
CA MET A 291 -31.33 5.22 15.58
C MET A 291 -32.24 5.49 16.78
N ALA A 292 -32.60 6.77 16.94
CA ALA A 292 -33.47 7.20 18.02
C ALA A 292 -34.86 6.59 17.89
N LEU A 293 -35.28 6.33 16.66
CA LEU A 293 -36.58 5.72 16.39
C LEU A 293 -36.61 4.29 16.91
N LEU A 294 -35.51 3.57 16.72
CA LEU A 294 -35.42 2.21 17.23
C LEU A 294 -35.31 2.25 18.75
N VAL A 295 -34.66 3.29 19.27
CA VAL A 295 -34.53 3.47 20.71
C VAL A 295 -35.90 3.66 21.37
N ILE A 296 -36.71 4.57 20.83
CA ILE A 296 -38.04 4.83 21.38
C ILE A 296 -38.96 3.65 21.12
N SER A 297 -38.67 2.88 20.08
CA SER A 297 -39.40 1.63 19.84
C SER A 297 -39.15 0.67 21.00
N LEU A 298 -37.88 0.55 21.37
CA LEU A 298 -37.48 -0.33 22.47
C LEU A 298 -38.11 0.16 23.79
N ALA A 299 -38.08 1.48 23.99
CA ALA A 299 -38.66 2.09 25.18
C ALA A 299 -40.16 1.82 25.26
N GLU A 300 -40.82 1.82 24.10
CA GLU A 300 -42.24 1.53 24.03
C GLU A 300 -42.47 0.08 24.45
N THR A 301 -41.67 -0.82 23.89
CA THR A 301 -41.79 -2.25 24.18
C THR A 301 -41.62 -2.54 25.67
N ILE A 302 -40.57 -1.99 26.27
CA ILE A 302 -40.33 -2.23 27.70
C ILE A 302 -41.39 -1.54 28.57
N PHE A 303 -41.97 -0.47 28.04
CA PHE A 303 -43.03 0.23 28.75
C PHE A 303 -44.28 -0.64 28.85
N ILE A 304 -44.78 -1.08 27.70
CA ILE A 304 -45.99 -1.88 27.69
C ILE A 304 -45.76 -3.25 28.32
N VAL A 305 -44.53 -3.74 28.26
CA VAL A 305 -44.22 -5.02 28.89
C VAL A 305 -44.11 -4.84 30.41
N ARG A 306 -43.87 -3.60 30.84
CA ARG A 306 -43.92 -3.30 32.27
C ARG A 306 -45.39 -3.20 32.70
N LEU A 307 -46.23 -2.72 31.80
CA LEU A 307 -47.65 -2.60 32.09
C LEU A 307 -48.31 -3.96 32.30
N VAL A 308 -48.27 -4.82 31.28
CA VAL A 308 -48.88 -6.15 31.41
C VAL A 308 -47.86 -7.18 31.92
N HIS A 309 -48.12 -7.69 33.11
CA HIS A 309 -47.27 -8.68 33.76
C HIS A 309 -47.91 -9.19 35.03
N LYS A 310 -47.44 -10.33 35.54
CA LYS A 310 -47.95 -10.89 36.77
C LYS A 310 -46.98 -10.64 37.92
N GLN A 311 -47.21 -9.57 38.67
CA GLN A 311 -46.34 -9.22 39.79
C GLN A 311 -47.06 -9.28 41.12
N ASP A 312 -48.27 -9.84 41.10
CA ASP A 312 -49.06 -10.08 42.32
C ASP A 312 -49.32 -8.81 43.12
N LEU A 313 -49.36 -7.66 42.45
CA LEU A 313 -49.55 -6.38 43.12
C LEU A 313 -50.61 -5.50 42.47
N GLN A 314 -51.13 -4.57 43.26
CA GLN A 314 -51.96 -3.45 42.81
C GLN A 314 -53.29 -3.83 42.14
N ARG A 315 -53.94 -2.80 41.59
CA ARG A 315 -55.19 -2.92 40.86
C ARG A 315 -55.25 -1.78 39.85
N PRO A 316 -55.94 -1.99 38.72
CA PRO A 316 -56.06 -0.90 37.73
C PRO A 316 -56.87 0.28 38.27
N VAL A 317 -56.26 1.46 38.30
CA VAL A 317 -56.93 2.65 38.79
C VAL A 317 -58.05 3.07 37.84
N PRO A 318 -59.25 3.31 38.40
CA PRO A 318 -60.45 3.66 37.62
C PRO A 318 -60.26 4.94 36.79
N ASP A 319 -59.57 5.90 37.38
CA ASP A 319 -59.32 7.19 36.72
C ASP A 319 -58.62 7.00 35.38
N TRP A 320 -57.61 6.13 35.37
CA TRP A 320 -56.87 5.84 34.15
C TRP A 320 -57.41 4.59 33.47
N LEU A 321 -58.46 4.02 34.04
CA LEU A 321 -59.16 2.91 33.41
C LEU A 321 -60.16 3.45 32.39
N ARG A 322 -60.82 4.53 32.76
CA ARG A 322 -61.75 5.20 31.86
C ARG A 322 -61.00 5.91 30.72
N HIS A 323 -59.82 6.42 31.04
CA HIS A 323 -59.01 7.15 30.08
C HIS A 323 -58.43 6.24 29.00
N LEU A 324 -58.24 4.97 29.32
CA LEU A 324 -57.60 4.04 28.39
C LEU A 324 -58.56 2.97 27.88
N VAL A 325 -59.09 2.15 28.79
CA VAL A 325 -59.92 1.01 28.42
C VAL A 325 -61.30 1.42 27.91
N LEU A 326 -61.64 2.70 28.07
CA LEU A 326 -62.95 3.19 27.65
C LEU A 326 -62.84 4.23 26.54
N ASP A 327 -62.20 5.35 26.84
CA ASP A 327 -62.09 6.45 25.88
C ASP A 327 -61.10 6.14 24.76
N ARG A 328 -59.88 5.76 25.15
CA ARG A 328 -58.83 5.47 24.17
C ARG A 328 -59.15 4.21 23.38
N ILE A 329 -60.00 3.36 23.93
CA ILE A 329 -60.42 2.14 23.25
C ILE A 329 -61.37 2.49 22.10
N ALA A 330 -62.28 3.42 22.36
CA ALA A 330 -63.21 3.88 21.33
C ALA A 330 -62.47 4.72 20.31
N TRP A 331 -61.47 5.47 20.76
CA TRP A 331 -60.67 6.30 19.88
C TRP A 331 -59.79 5.44 18.96
N ILE A 332 -59.33 4.30 19.48
CA ILE A 332 -58.49 3.40 18.70
C ILE A 332 -59.31 2.50 17.79
N LEU A 333 -60.52 2.16 18.23
CA LEU A 333 -61.39 1.28 17.45
C LEU A 333 -61.84 1.94 16.15
N CYS A 334 -61.94 3.27 16.17
CA CYS A 334 -62.35 4.02 14.99
C CYS A 334 -61.14 4.48 14.18
N VAL A 393 -73.29 -30.99 64.84
CA VAL A 393 -72.57 -30.00 64.08
C VAL A 393 -71.17 -30.50 63.69
N ARG A 394 -70.78 -30.27 62.44
CA ARG A 394 -69.49 -30.71 61.95
C ARG A 394 -68.65 -29.53 61.45
N GLY A 395 -67.34 -29.62 61.64
CA GLY A 395 -66.44 -28.56 61.26
C GLY A 395 -65.88 -28.68 59.86
N LEU A 396 -66.67 -29.25 58.95
CA LEU A 396 -66.22 -29.43 57.57
C LEU A 396 -66.26 -28.12 56.79
N LEU A 397 -67.11 -27.20 57.22
CA LEU A 397 -67.31 -25.93 56.52
C LEU A 397 -66.12 -25.00 56.64
N GLN A 398 -65.43 -25.09 57.77
CA GLN A 398 -64.29 -24.22 58.05
C GLN A 398 -63.09 -24.56 57.16
N GLU A 399 -63.10 -25.77 56.60
CA GLU A 399 -62.05 -26.20 55.68
C GLU A 399 -62.37 -25.72 54.27
N LEU A 400 -63.62 -25.91 53.87
CA LEU A 400 -64.09 -25.51 52.55
C LEU A 400 -64.00 -24.00 52.37
N SER A 401 -64.26 -23.27 53.45
CA SER A 401 -64.16 -21.81 53.43
C SER A 401 -62.72 -21.38 53.14
N SER A 402 -61.77 -22.06 53.75
CA SER A 402 -60.36 -21.73 53.55
C SER A 402 -59.87 -22.10 52.15
N ILE A 403 -60.31 -23.26 51.67
CA ILE A 403 -59.94 -23.71 50.32
C ILE A 403 -60.48 -22.73 49.27
N ARG A 404 -61.76 -22.40 49.41
CA ARG A 404 -62.39 -21.42 48.52
C ARG A 404 -61.67 -20.08 48.62
N HIS A 405 -61.26 -19.73 49.83
CA HIS A 405 -60.53 -18.50 50.07
C HIS A 405 -59.25 -18.45 49.26
N PHE A 406 -58.46 -19.52 49.30
CA PHE A 406 -57.22 -19.58 48.53
C PHE A 406 -57.50 -19.53 47.02
N LEU A 407 -58.57 -20.19 46.62
CA LEU A 407 -58.94 -20.25 45.20
C LEU A 407 -59.26 -18.86 44.66
N GLU A 408 -60.15 -18.15 45.35
CA GLU A 408 -60.53 -16.81 44.90
C GLU A 408 -59.38 -15.83 45.16
N LYS A 409 -58.50 -16.19 46.07
CA LYS A 409 -57.30 -15.40 46.35
C LYS A 409 -56.41 -15.37 45.12
N ARG A 410 -56.23 -16.51 44.48
CA ARG A 410 -55.47 -16.54 43.22
C ARG A 410 -56.28 -15.93 42.08
N ASP A 411 -57.56 -16.28 42.02
CA ASP A 411 -58.44 -15.83 40.94
C ASP A 411 -58.54 -14.30 40.84
N GLU A 412 -58.51 -13.63 41.98
CA GLU A 412 -58.59 -12.17 42.03
C GLU A 412 -57.39 -11.54 41.34
N MET A 413 -56.20 -11.99 41.73
CA MET A 413 -54.96 -11.50 41.12
C MET A 413 -54.92 -11.83 39.64
N ARG A 414 -55.51 -12.96 39.27
CA ARG A 414 -55.59 -13.34 37.87
C ARG A 414 -56.46 -12.36 37.08
N GLU A 415 -57.56 -11.93 37.69
CA GLU A 415 -58.46 -10.97 37.04
C GLU A 415 -57.82 -9.60 36.92
N VAL A 416 -57.10 -9.19 37.97
CA VAL A 416 -56.41 -7.91 37.95
C VAL A 416 -55.35 -7.90 36.85
N ALA A 417 -54.58 -8.98 36.79
CA ALA A 417 -53.58 -9.15 35.74
C ALA A 417 -54.22 -9.14 34.36
N ARG A 418 -55.45 -9.66 34.28
CA ARG A 418 -56.19 -9.64 33.03
C ARG A 418 -56.54 -8.21 32.60
N ASP A 419 -56.97 -7.39 33.57
CA ASP A 419 -57.32 -6.01 33.27
C ASP A 419 -56.09 -5.19 32.87
N TRP A 420 -54.99 -5.39 33.59
CA TRP A 420 -53.74 -4.72 33.25
C TRP A 420 -53.27 -5.17 31.87
N LEU A 421 -53.55 -6.42 31.54
CA LEU A 421 -53.26 -6.96 30.21
C LEU A 421 -54.08 -6.22 29.16
N ARG A 422 -55.34 -5.94 29.47
CA ARG A 422 -56.20 -5.17 28.57
C ARG A 422 -55.62 -3.78 28.31
N VAL A 423 -55.31 -3.08 29.40
CA VAL A 423 -54.74 -1.73 29.31
C VAL A 423 -53.47 -1.72 28.47
N GLY A 424 -52.53 -2.59 28.84
CA GLY A 424 -51.28 -2.73 28.12
C GLY A 424 -51.46 -3.01 26.65
N TYR A 425 -52.41 -3.87 26.32
CA TYR A 425 -52.68 -4.22 24.93
C TYR A 425 -53.23 -3.04 24.14
N VAL A 426 -54.18 -2.32 24.74
CA VAL A 426 -54.76 -1.16 24.06
C VAL A 426 -53.69 -0.11 23.79
N LEU A 427 -52.91 0.23 24.82
CA LEU A 427 -51.83 1.19 24.66
C LEU A 427 -50.81 0.73 23.62
N ASP A 428 -50.48 -0.55 23.63
CA ASP A 428 -49.51 -1.11 22.69
C ASP A 428 -49.99 -0.97 21.25
N ARG A 429 -51.28 -1.27 21.02
CA ARG A 429 -51.84 -1.15 19.68
C ARG A 429 -51.88 0.29 19.21
N LEU A 430 -52.28 1.19 20.10
CA LEU A 430 -52.34 2.62 19.78
C LEU A 430 -50.95 3.16 19.41
N LEU A 431 -49.97 2.85 20.25
CA LEU A 431 -48.59 3.28 20.01
C LEU A 431 -48.04 2.63 18.74
N PHE A 432 -48.54 1.45 18.40
CA PHE A 432 -48.17 0.80 17.15
C PHE A 432 -48.67 1.60 15.96
N ARG A 433 -49.92 2.06 16.05
CA ARG A 433 -50.49 2.91 15.02
C ARG A 433 -49.65 4.19 14.86
N ILE A 434 -49.35 4.82 15.99
CA ILE A 434 -48.57 6.06 15.98
C ILE A 434 -47.19 5.87 15.35
N TYR A 435 -46.49 4.82 15.77
CA TYR A 435 -45.16 4.53 15.25
C TYR A 435 -45.20 4.27 13.75
N LEU A 436 -46.19 3.49 13.32
CA LEU A 436 -46.32 3.15 11.91
C LEU A 436 -46.54 4.41 11.06
N LEU A 437 -47.47 5.26 11.50
CA LEU A 437 -47.76 6.49 10.78
C LEU A 437 -46.54 7.42 10.76
N ALA A 438 -45.80 7.44 11.86
CA ALA A 438 -44.59 8.25 11.95
C ALA A 438 -43.55 7.79 10.94
N VAL A 439 -43.38 6.48 10.84
CA VAL A 439 -42.44 5.90 9.88
C VAL A 439 -42.84 6.25 8.45
N LEU A 440 -44.13 6.11 8.15
CA LEU A 440 -44.62 6.42 6.81
C LEU A 440 -44.43 7.90 6.45
N ALA A 441 -44.67 8.78 7.42
CA ALA A 441 -44.49 10.21 7.19
C ALA A 441 -43.02 10.56 6.98
N TYR A 442 -42.16 9.98 7.79
CA TYR A 442 -40.72 10.20 7.66
C TYR A 442 -40.24 9.72 6.30
N SER A 443 -40.81 8.61 5.84
CA SER A 443 -40.47 8.05 4.54
C SER A 443 -40.94 8.95 3.39
N ILE A 444 -42.15 9.50 3.51
CA ILE A 444 -42.68 10.34 2.43
C ILE A 444 -41.90 11.66 2.37
N THR A 445 -41.40 12.12 3.52
CA THR A 445 -40.54 13.30 3.54
C THR A 445 -39.20 12.95 2.90
N LEU A 446 -38.74 11.72 3.16
CA LEU A 446 -37.49 11.25 2.58
C LEU A 446 -37.55 11.23 1.05
N VAL A 447 -38.64 10.69 0.50
CA VAL A 447 -38.74 10.59 -0.95
C VAL A 447 -39.05 11.96 -1.58
N THR A 448 -39.77 12.82 -0.86
CA THR A 448 -40.03 14.16 -1.40
C THR A 448 -38.72 14.94 -1.45
N LEU A 449 -37.81 14.65 -0.52
CA LEU A 449 -36.47 15.23 -0.57
C LEU A 449 -35.63 14.60 -1.68
N TRP A 450 -35.83 13.30 -1.90
CA TRP A 450 -35.12 12.58 -2.95
C TRP A 450 -35.48 13.10 -4.34
N SER A 451 -36.74 13.46 -4.54
CA SER A 451 -37.21 13.93 -5.84
C SER A 451 -36.69 15.34 -6.16
N ILE A 452 -36.71 16.22 -5.17
CA ILE A 452 -36.30 17.61 -5.38
C ILE A 452 -34.80 17.71 -5.63
N THR B 8 40.31 -2.86 -43.93
CA THR B 8 41.06 -3.35 -42.77
C THR B 8 40.39 -4.59 -42.18
N GLN B 9 40.84 -5.00 -40.99
CA GLN B 9 40.30 -6.20 -40.35
C GLN B 9 39.95 -6.10 -38.86
N PRO B 10 39.31 -5.00 -38.40
CA PRO B 10 38.71 -5.13 -37.07
C PRO B 10 37.34 -5.80 -37.12
N ALA B 11 36.88 -6.12 -38.32
CA ALA B 11 35.57 -6.73 -38.57
C ALA B 11 34.41 -5.80 -38.29
N LEU B 12 33.37 -6.32 -37.64
CA LEU B 12 32.09 -5.63 -37.53
C LEU B 12 32.17 -4.33 -36.74
N LEU B 13 33.25 -4.16 -35.99
CA LEU B 13 33.46 -2.93 -35.23
C LEU B 13 33.50 -1.75 -36.20
N ARG B 14 34.11 -1.98 -37.37
CA ARG B 14 34.17 -0.97 -38.42
C ARG B 14 32.76 -0.52 -38.73
N LEU B 15 31.88 -1.50 -38.95
CA LEU B 15 30.49 -1.22 -39.28
C LEU B 15 29.92 -0.31 -38.21
N SER B 16 30.12 -0.71 -36.95
CA SER B 16 29.59 0.03 -35.80
C SER B 16 30.01 1.48 -35.85
N ASP B 17 31.26 1.73 -36.25
CA ASP B 17 31.72 3.09 -36.41
C ASP B 17 31.03 3.75 -37.58
N HIS B 18 31.15 3.11 -38.75
CA HIS B 18 30.69 3.67 -40.02
C HIS B 18 29.26 4.19 -39.97
N LEU B 19 28.40 3.44 -39.30
CA LEU B 19 27.00 3.84 -39.15
C LEU B 19 26.83 4.97 -38.15
N LEU B 20 27.45 4.82 -36.97
CA LEU B 20 27.16 5.71 -35.85
C LEU B 20 28.14 6.87 -35.69
N ALA B 21 29.02 7.04 -36.66
CA ALA B 21 30.03 8.11 -36.63
C ALA B 21 29.38 9.49 -36.55
N ASN B 22 28.62 9.83 -37.58
CA ASN B 22 27.97 11.14 -37.64
C ASN B 22 26.47 11.06 -37.43
N TYR B 23 25.98 9.90 -37.03
CA TYR B 23 24.55 9.68 -36.86
C TYR B 23 23.95 10.49 -35.71
N LYS B 24 23.08 11.43 -36.08
CA LYS B 24 22.32 12.23 -35.13
C LYS B 24 20.99 11.55 -34.82
N LYS B 25 20.83 11.15 -33.57
CA LYS B 25 19.67 10.38 -33.15
C LYS B 25 18.44 11.26 -32.91
N GLY B 26 18.60 12.56 -33.13
CA GLY B 26 17.51 13.49 -32.91
C GLY B 26 16.63 13.66 -34.13
N VAL B 27 17.24 13.56 -35.31
CA VAL B 27 16.52 13.72 -36.56
C VAL B 27 15.93 12.40 -37.03
N ARG B 28 14.70 12.45 -37.54
CA ARG B 28 14.02 11.26 -38.05
C ARG B 28 14.76 10.70 -39.27
N PRO B 29 15.08 9.40 -39.22
CA PRO B 29 15.91 8.74 -40.25
C PRO B 29 15.21 8.59 -41.61
N VAL B 30 15.16 9.69 -42.36
CA VAL B 30 14.65 9.66 -43.73
C VAL B 30 15.47 10.58 -44.62
N ARG B 31 15.81 10.11 -45.82
CA ARG B 31 16.56 10.94 -46.76
C ARG B 31 15.65 12.03 -47.30
N ASP B 32 14.41 11.67 -47.62
CA ASP B 32 13.40 12.65 -47.98
C ASP B 32 12.47 12.90 -46.81
N TRP B 33 12.41 14.14 -46.35
CA TRP B 33 11.62 14.49 -45.17
C TRP B 33 10.13 14.31 -45.41
N ARG B 34 9.73 14.27 -46.67
CA ARG B 34 8.33 14.09 -47.04
C ARG B 34 7.92 12.62 -46.84
N LYS B 35 8.90 11.73 -46.89
CA LYS B 35 8.65 10.30 -46.71
C LYS B 35 8.44 9.95 -45.24
N PRO B 36 7.26 9.40 -44.92
CA PRO B 36 6.92 9.02 -43.54
C PRO B 36 7.60 7.72 -43.10
N THR B 37 7.94 7.64 -41.82
CA THR B 37 8.51 6.42 -41.26
C THR B 37 7.40 5.52 -40.71
N THR B 38 7.25 4.35 -41.29
CA THR B 38 6.17 3.44 -40.91
C THR B 38 6.63 2.44 -39.86
N VAL B 39 5.95 2.43 -38.71
CA VAL B 39 6.28 1.52 -37.63
C VAL B 39 5.26 0.40 -37.50
N SER B 40 5.68 -0.82 -37.85
CA SER B 40 4.86 -2.01 -37.66
C SER B 40 5.00 -2.49 -36.22
N ILE B 41 3.87 -2.56 -35.50
CA ILE B 41 3.90 -2.92 -34.09
C ILE B 41 3.21 -4.26 -33.84
N ASP B 42 3.54 -4.87 -32.70
CA ASP B 42 2.95 -6.15 -32.34
C ASP B 42 2.75 -6.25 -30.83
N VAL B 43 1.59 -6.77 -30.43
CA VAL B 43 1.23 -6.85 -29.02
C VAL B 43 0.91 -8.28 -28.60
N ILE B 44 1.55 -8.75 -27.53
CA ILE B 44 1.25 -10.07 -26.99
C ILE B 44 0.83 -9.98 -25.52
N MET B 45 -0.35 -10.48 -25.20
CA MET B 45 -0.83 -10.46 -23.82
C MET B 45 -0.18 -11.55 -22.98
N TYR B 46 0.61 -11.15 -21.98
CA TYR B 46 1.26 -12.13 -21.13
C TYR B 46 0.40 -12.47 -19.92
N ALA B 47 -0.17 -11.45 -19.29
CA ALA B 47 -1.02 -11.66 -18.13
C ALA B 47 -1.90 -10.45 -17.84
N ILE B 48 -3.10 -10.71 -17.36
CA ILE B 48 -3.94 -9.66 -16.81
C ILE B 48 -3.61 -9.59 -15.32
N LEU B 49 -2.90 -8.56 -14.92
CA LEU B 49 -2.40 -8.45 -13.56
C LEU B 49 -3.51 -8.15 -12.57
N ASN B 50 -4.26 -7.08 -12.81
CA ASN B 50 -5.37 -6.73 -11.94
C ASN B 50 -6.39 -5.81 -12.59
N VAL B 51 -7.66 -6.08 -12.35
CA VAL B 51 -8.70 -5.15 -12.75
C VAL B 51 -9.20 -4.39 -11.53
N ASP B 52 -9.32 -3.07 -11.68
CA ASP B 52 -9.87 -2.25 -10.62
C ASP B 52 -11.24 -1.75 -11.06
N GLU B 53 -12.28 -2.42 -10.57
CA GLU B 53 -13.65 -2.08 -10.93
C GLU B 53 -14.08 -0.75 -10.33
N LYS B 54 -13.57 -0.45 -9.14
CA LYS B 54 -13.94 0.77 -8.43
C LYS B 54 -13.38 1.99 -9.15
N ASN B 55 -12.08 2.02 -9.37
CA ASN B 55 -11.43 3.14 -10.04
C ASN B 55 -11.50 3.03 -11.55
N GLN B 56 -12.05 1.92 -12.03
CA GLN B 56 -12.18 1.64 -13.46
C GLN B 56 -10.83 1.72 -14.17
N VAL B 57 -9.89 0.87 -13.77
CA VAL B 57 -8.58 0.85 -14.42
C VAL B 57 -7.99 -0.57 -14.48
N LEU B 58 -7.57 -0.95 -15.68
CA LEU B 58 -6.99 -2.26 -15.96
C LEU B 58 -5.47 -2.23 -15.98
N THR B 59 -4.85 -3.16 -15.25
CA THR B 59 -3.40 -3.31 -15.24
C THR B 59 -2.99 -4.66 -15.82
N THR B 60 -2.25 -4.61 -16.93
CA THR B 60 -1.85 -5.83 -17.65
C THR B 60 -0.36 -5.83 -17.97
N TYR B 61 0.16 -6.98 -18.40
CA TYR B 61 1.54 -7.06 -18.83
C TYR B 61 1.64 -7.54 -20.28
N ILE B 62 2.34 -6.75 -21.10
CA ILE B 62 2.39 -6.99 -22.54
C ILE B 62 3.82 -7.20 -23.03
N TRP B 63 4.00 -8.13 -23.97
CA TRP B 63 5.24 -8.22 -24.72
C TRP B 63 5.07 -7.46 -26.02
N TYR B 64 5.84 -6.40 -26.18
CA TYR B 64 5.64 -5.44 -27.26
C TYR B 64 6.80 -5.44 -28.26
N ARG B 65 6.44 -5.36 -29.54
CA ARG B 65 7.42 -5.39 -30.62
C ARG B 65 7.27 -4.19 -31.55
N GLN B 66 8.40 -3.55 -31.84
CA GLN B 66 8.44 -2.39 -32.72
C GLN B 66 9.38 -2.64 -33.90
N TYR B 67 8.88 -2.42 -35.11
CA TYR B 67 9.71 -2.59 -36.31
C TYR B 67 9.62 -1.34 -37.17
N TRP B 68 10.75 -0.73 -37.50
CA TRP B 68 10.68 0.42 -38.41
C TRP B 68 11.89 0.49 -39.32
N THR B 69 11.95 1.50 -40.18
CA THR B 69 13.06 1.61 -41.12
C THR B 69 13.93 2.83 -40.83
N ASP B 70 15.22 2.58 -40.56
CA ASP B 70 16.18 3.66 -40.36
C ASP B 70 16.99 3.83 -41.64
N GLU B 71 16.66 4.88 -42.39
CA GLU B 71 17.24 5.07 -43.71
C GLU B 71 18.73 5.42 -43.67
N PHE B 72 19.20 5.85 -42.50
CA PHE B 72 20.60 6.22 -42.33
C PHE B 72 21.47 5.03 -41.95
N LEU B 73 20.87 4.04 -41.30
CA LEU B 73 21.62 2.87 -40.81
C LEU B 73 21.68 1.76 -41.85
N GLN B 74 21.58 2.12 -43.13
CA GLN B 74 21.64 1.13 -44.21
C GLN B 74 23.07 0.96 -44.73
N TRP B 75 23.41 -0.26 -45.13
CA TRP B 75 24.71 -0.54 -45.71
C TRP B 75 24.67 -1.77 -46.61
N THR B 76 25.78 -2.05 -47.28
CA THR B 76 25.89 -3.26 -48.09
C THR B 76 26.68 -4.33 -47.34
N PRO B 77 26.15 -5.56 -47.30
CA PRO B 77 26.76 -6.68 -46.58
C PRO B 77 28.21 -6.92 -46.97
N GLU B 78 28.54 -6.76 -48.25
CA GLU B 78 29.90 -6.95 -48.72
C GLU B 78 30.83 -5.87 -48.15
N ASP B 79 32.13 -6.03 -48.38
CA ASP B 79 33.20 -5.20 -47.79
C ASP B 79 33.01 -4.89 -46.29
N PHE B 80 32.13 -5.64 -45.65
CA PHE B 80 31.94 -5.60 -44.20
C PHE B 80 31.98 -7.04 -43.67
N ASP B 81 32.56 -7.93 -44.47
CA ASP B 81 32.65 -9.36 -44.17
C ASP B 81 31.27 -10.01 -44.12
N ASN B 82 30.43 -9.68 -45.11
CA ASN B 82 29.12 -10.30 -45.27
C ASN B 82 28.24 -10.27 -44.02
N VAL B 83 28.31 -9.20 -43.26
CA VAL B 83 27.47 -9.06 -42.07
C VAL B 83 26.05 -8.69 -42.47
N THR B 84 25.07 -9.34 -41.84
CA THR B 84 23.66 -9.11 -42.15
C THR B 84 23.03 -8.10 -41.18
N LYS B 85 23.04 -8.43 -39.90
CA LYS B 85 22.47 -7.55 -38.89
C LYS B 85 23.49 -7.20 -37.81
N LEU B 86 23.19 -6.15 -37.06
CA LEU B 86 24.09 -5.66 -36.03
C LEU B 86 23.31 -5.22 -34.80
N SER B 87 23.80 -5.60 -33.62
CA SER B 87 23.14 -5.22 -32.37
C SER B 87 23.73 -3.92 -31.83
N ILE B 88 22.89 -2.90 -31.72
CA ILE B 88 23.34 -1.60 -31.22
C ILE B 88 22.39 -1.05 -30.16
N PRO B 89 22.94 -0.30 -29.18
CA PRO B 89 22.15 0.26 -28.08
C PRO B 89 20.93 1.06 -28.51
N THR B 90 19.79 0.78 -27.87
CA THR B 90 18.52 1.43 -28.18
C THR B 90 18.58 2.95 -28.13
N ASP B 91 19.23 3.48 -27.09
CA ASP B 91 19.27 4.91 -26.84
C ASP B 91 20.36 5.60 -27.65
N SER B 92 20.96 4.86 -28.58
CA SER B 92 21.95 5.44 -29.49
C SER B 92 21.35 5.69 -30.87
N ILE B 93 20.06 5.40 -31.03
CA ILE B 93 19.37 5.60 -32.30
C ILE B 93 18.00 6.25 -32.11
N TRP B 94 17.46 6.79 -33.20
CA TRP B 94 16.14 7.40 -33.21
C TRP B 94 15.06 6.37 -32.88
N VAL B 95 14.14 6.75 -32.00
CA VAL B 95 13.06 5.87 -31.57
C VAL B 95 11.71 6.60 -31.59
N PRO B 96 10.68 5.95 -32.15
CA PRO B 96 9.33 6.53 -32.21
C PRO B 96 8.72 6.74 -30.83
N ASP B 97 7.82 7.72 -30.73
CA ASP B 97 7.23 8.12 -29.45
C ASP B 97 5.85 7.52 -29.21
N ILE B 98 5.58 6.38 -29.85
CA ILE B 98 4.29 5.72 -29.74
C ILE B 98 3.92 5.38 -28.30
N LEU B 99 2.75 5.86 -27.86
CA LEU B 99 2.25 5.59 -26.52
C LEU B 99 0.79 5.16 -26.55
N ILE B 100 0.22 4.95 -25.37
CA ILE B 100 -1.18 4.56 -25.25
C ILE B 100 -1.99 5.67 -24.61
N ASN B 101 -3.14 5.98 -25.22
CA ASN B 101 -4.01 7.05 -24.73
C ASN B 101 -4.66 6.73 -23.39
N GLU B 102 -4.93 5.46 -23.15
CA GLU B 102 -5.65 5.03 -21.96
C GLU B 102 -4.78 5.08 -20.69
N PHE B 103 -3.52 5.43 -20.85
CA PHE B 103 -2.59 5.52 -19.72
C PHE B 103 -3.07 6.48 -18.63
N VAL B 104 -3.25 5.96 -17.44
CA VAL B 104 -3.55 6.78 -16.27
C VAL B 104 -2.40 6.73 -15.26
N ASP B 105 -1.36 5.98 -15.59
CA ASP B 105 -0.22 5.81 -14.70
C ASP B 105 0.98 5.29 -15.50
N VAL B 106 2.05 4.95 -14.79
CA VAL B 106 3.24 4.40 -15.42
C VAL B 106 3.65 3.09 -14.77
N GLY B 107 3.59 2.00 -15.54
CA GLY B 107 3.95 0.69 -15.04
C GLY B 107 5.45 0.43 -15.08
N LYS B 108 5.94 -0.27 -14.07
CA LYS B 108 7.36 -0.59 -13.99
C LYS B 108 7.73 -1.71 -14.94
N SER B 109 8.52 -1.39 -15.95
CA SER B 109 8.91 -2.36 -16.97
C SER B 109 10.41 -2.36 -17.21
N PRO B 110 10.99 -3.56 -17.40
CA PRO B 110 12.43 -3.72 -17.68
C PRO B 110 12.87 -2.99 -18.94
N ASN B 111 14.01 -2.32 -18.87
CA ASN B 111 14.54 -1.58 -20.02
C ASN B 111 15.44 -2.46 -20.88
N ILE B 112 15.09 -2.58 -22.15
CA ILE B 112 15.89 -3.35 -23.10
C ILE B 112 16.93 -2.43 -23.73
N PRO B 113 18.21 -2.73 -23.52
CA PRO B 113 19.32 -1.87 -23.96
C PRO B 113 19.68 -1.98 -25.44
N TYR B 114 19.40 -3.13 -26.07
CA TYR B 114 19.85 -3.34 -27.45
C TYR B 114 18.73 -3.53 -28.47
N VAL B 115 19.02 -3.18 -29.71
CA VAL B 115 18.14 -3.47 -30.84
C VAL B 115 18.93 -4.04 -32.01
N TYR B 116 18.22 -4.74 -32.90
CA TYR B 116 18.82 -5.29 -34.10
C TYR B 116 18.57 -4.40 -35.30
N VAL B 117 19.65 -3.92 -35.91
CA VAL B 117 19.54 -3.11 -37.13
C VAL B 117 20.18 -3.85 -38.29
N HIS B 118 19.41 -4.04 -39.35
CA HIS B 118 19.85 -4.85 -40.48
C HIS B 118 20.34 -3.96 -41.63
N HIS B 119 20.96 -4.57 -42.64
CA HIS B 119 21.66 -3.80 -43.66
C HIS B 119 20.72 -3.03 -44.58
N ARG B 120 19.44 -3.42 -44.60
CA ARG B 120 18.45 -2.68 -45.37
C ARG B 120 17.76 -1.63 -44.50
N GLY B 121 18.29 -1.43 -43.29
CA GLY B 121 17.81 -0.38 -42.42
C GLY B 121 16.65 -0.76 -41.52
N GLU B 122 16.33 -2.05 -41.46
CA GLU B 122 15.26 -2.52 -40.59
C GLU B 122 15.70 -2.55 -39.13
N VAL B 123 14.97 -1.82 -38.30
CA VAL B 123 15.20 -1.77 -36.87
C VAL B 123 14.17 -2.63 -36.14
N GLN B 124 14.70 -3.57 -35.36
CA GLN B 124 13.93 -4.53 -34.59
C GLN B 124 14.07 -4.25 -33.08
N ASN B 125 12.99 -3.78 -32.47
CA ASN B 125 12.99 -3.41 -31.06
C ASN B 125 12.01 -4.24 -30.23
N TYR B 126 12.54 -5.08 -29.35
CA TYR B 126 11.69 -5.85 -28.45
C TYR B 126 11.67 -5.22 -27.07
N LYS B 127 10.50 -5.19 -26.43
CA LYS B 127 10.41 -4.68 -25.06
C LYS B 127 9.07 -5.01 -24.40
N PRO B 128 9.13 -5.49 -23.14
CA PRO B 128 7.94 -5.73 -22.32
C PRO B 128 7.47 -4.45 -21.64
N LEU B 129 6.16 -4.30 -21.52
CA LEU B 129 5.57 -3.11 -20.92
C LEU B 129 4.53 -3.51 -19.86
N GLN B 130 4.53 -2.78 -18.75
CA GLN B 130 3.47 -2.91 -17.76
C GLN B 130 2.47 -1.79 -17.99
N LEU B 131 1.27 -2.15 -18.42
CA LEU B 131 0.28 -1.16 -18.81
C LEU B 131 -0.78 -0.93 -17.75
N VAL B 132 -0.75 0.26 -17.16
CA VAL B 132 -1.83 0.72 -16.30
C VAL B 132 -2.71 1.65 -17.10
N THR B 133 -3.77 1.10 -17.68
CA THR B 133 -4.61 1.85 -18.60
C THR B 133 -6.06 1.90 -18.12
N ALA B 134 -6.69 3.05 -18.28
CA ALA B 134 -8.07 3.22 -17.85
C ALA B 134 -9.05 2.53 -18.79
N CYS B 135 -10.02 1.83 -18.22
CA CYS B 135 -11.01 1.10 -19.00
C CYS B 135 -12.38 1.17 -18.36
N SER B 136 -13.39 1.56 -19.14
CA SER B 136 -14.76 1.63 -18.64
C SER B 136 -15.34 0.23 -18.52
N LEU B 137 -15.60 -0.19 -17.28
CA LEU B 137 -16.06 -1.54 -17.02
C LEU B 137 -17.55 -1.60 -16.72
N ASP B 138 -18.19 -2.68 -17.16
CA ASP B 138 -19.61 -2.90 -16.90
C ASP B 138 -19.81 -4.22 -16.14
N ILE B 139 -20.08 -4.12 -14.85
CA ILE B 139 -20.22 -5.29 -13.99
C ILE B 139 -21.68 -5.69 -13.81
N TYR B 140 -22.51 -5.35 -14.79
CA TYR B 140 -23.95 -5.62 -14.75
C TYR B 140 -24.25 -7.07 -14.38
N ASN B 141 -23.81 -8.01 -15.22
CA ASN B 141 -23.89 -9.42 -14.88
C ASN B 141 -22.63 -9.84 -14.15
N PHE B 142 -22.60 -9.65 -12.83
CA PHE B 142 -21.37 -9.74 -12.06
C PHE B 142 -20.62 -11.08 -12.16
N PRO B 143 -21.29 -12.20 -11.87
CA PRO B 143 -20.49 -13.43 -11.90
C PRO B 143 -20.03 -13.81 -13.31
N PHE B 144 -20.90 -13.65 -14.30
CA PHE B 144 -20.57 -13.95 -15.68
C PHE B 144 -20.58 -12.69 -16.54
N ASP B 145 -19.50 -11.92 -16.50
CA ASP B 145 -19.41 -10.70 -17.28
C ASP B 145 -18.21 -10.71 -18.22
N VAL B 146 -18.38 -10.13 -19.40
CA VAL B 146 -17.28 -9.95 -20.33
C VAL B 146 -16.88 -8.48 -20.33
N GLN B 147 -15.59 -8.22 -20.47
CA GLN B 147 -15.06 -6.86 -20.45
C GLN B 147 -14.29 -6.53 -21.72
N ASN B 148 -14.43 -5.28 -22.15
CA ASN B 148 -13.89 -4.80 -23.40
C ASN B 148 -13.04 -3.55 -23.15
N CYS B 149 -11.72 -3.71 -23.21
CA CYS B 149 -10.82 -2.60 -22.91
C CYS B 149 -9.98 -2.20 -24.12
N SER B 150 -9.83 -0.90 -24.34
CA SER B 150 -9.10 -0.40 -25.50
C SER B 150 -7.64 -0.06 -25.17
N LEU B 151 -6.75 -0.38 -26.09
CA LEU B 151 -5.35 0.03 -26.00
C LEU B 151 -4.95 0.72 -27.29
N THR B 152 -4.98 2.05 -27.29
CA THR B 152 -4.76 2.82 -28.52
C THR B 152 -3.32 3.28 -28.66
N PHE B 153 -2.58 2.60 -29.53
CA PHE B 153 -1.18 2.97 -29.78
C PHE B 153 -1.11 4.08 -30.82
N THR B 154 -0.49 5.20 -30.45
CA THR B 154 -0.35 6.32 -31.36
C THR B 154 0.81 7.24 -30.96
N SER B 155 1.40 7.90 -31.95
CA SER B 155 2.43 8.91 -31.68
C SER B 155 1.80 10.12 -31.01
N TRP B 156 2.36 10.53 -29.87
CA TRP B 156 1.77 11.59 -29.08
C TRP B 156 2.02 12.98 -29.67
N LEU B 157 2.87 13.05 -30.68
CA LEU B 157 3.20 14.32 -31.31
C LEU B 157 3.14 14.27 -32.83
N HIS B 158 3.90 13.36 -33.42
CA HIS B 158 4.09 13.30 -34.86
C HIS B 158 2.79 13.01 -35.62
N THR B 159 2.63 13.68 -36.77
CA THR B 159 1.48 13.46 -37.63
C THR B 159 1.64 12.17 -38.44
N ILE B 160 0.64 11.86 -39.25
CA ILE B 160 0.66 10.64 -40.06
C ILE B 160 1.64 10.77 -41.23
N GLN B 161 2.06 11.99 -41.53
CA GLN B 161 3.03 12.23 -42.59
C GLN B 161 4.45 12.13 -42.03
N ASP B 162 4.53 11.91 -40.73
CA ASP B 162 5.81 11.70 -40.05
C ASP B 162 5.91 10.26 -39.55
N ILE B 163 4.90 9.84 -38.78
CA ILE B 163 4.84 8.49 -38.26
C ILE B 163 3.55 7.77 -38.66
N ASN B 164 3.70 6.57 -39.19
CA ASN B 164 2.59 5.72 -39.62
C ASN B 164 2.68 4.37 -38.94
N ILE B 165 1.55 3.85 -38.49
CA ILE B 165 1.55 2.62 -37.71
C ILE B 165 0.84 1.48 -38.44
N THR B 166 1.51 0.32 -38.48
CA THR B 166 0.92 -0.87 -39.08
C THR B 166 1.05 -2.08 -38.17
N LEU B 167 0.70 -3.25 -38.68
CA LEU B 167 0.82 -4.50 -37.93
C LEU B 167 1.94 -5.36 -38.51
N TRP B 168 2.90 -5.71 -37.64
CA TRP B 168 4.01 -6.58 -38.02
C TRP B 168 3.52 -7.89 -38.64
N ARG B 169 2.45 -8.44 -38.08
CA ARG B 169 1.89 -9.69 -38.58
C ARG B 169 0.37 -9.60 -38.68
N SER B 170 -0.23 -10.63 -39.27
CA SER B 170 -1.68 -10.65 -39.53
C SER B 170 -2.51 -10.36 -38.29
N PRO B 171 -3.58 -9.57 -38.46
CA PRO B 171 -4.47 -9.21 -37.34
C PRO B 171 -5.17 -10.41 -36.74
N GLU B 172 -5.32 -11.48 -37.52
CA GLU B 172 -5.93 -12.70 -37.03
C GLU B 172 -4.95 -13.43 -36.12
N GLU B 173 -3.66 -13.37 -36.46
CA GLU B 173 -2.61 -13.94 -35.62
C GLU B 173 -2.57 -13.20 -34.28
N VAL B 174 -2.65 -11.88 -34.34
CA VAL B 174 -2.67 -11.05 -33.13
C VAL B 174 -3.90 -11.35 -32.29
N ARG B 175 -5.03 -11.54 -32.95
CA ARG B 175 -6.29 -11.83 -32.29
C ARG B 175 -6.25 -13.16 -31.55
N SER B 176 -5.89 -14.22 -32.27
CA SER B 176 -5.93 -15.58 -31.74
C SER B 176 -4.78 -15.89 -30.79
N ASP B 177 -3.80 -14.99 -30.71
CA ASP B 177 -2.60 -15.23 -29.91
C ASP B 177 -2.92 -15.33 -28.42
N LYS B 178 -2.95 -16.56 -27.92
CA LYS B 178 -3.12 -16.81 -26.49
C LYS B 178 -1.87 -17.51 -25.93
N SER B 179 -0.87 -17.66 -26.78
CA SER B 179 0.39 -18.26 -26.38
C SER B 179 1.17 -17.30 -25.49
N ILE B 180 1.94 -17.86 -24.57
CA ILE B 180 2.65 -17.08 -23.55
C ILE B 180 1.64 -16.18 -22.83
N PHE B 181 0.58 -16.82 -22.32
CA PHE B 181 -0.41 -16.14 -21.51
C PHE B 181 -0.78 -17.01 -20.32
N ILE B 182 -0.94 -16.39 -19.16
CA ILE B 182 -1.18 -17.14 -17.95
C ILE B 182 -2.66 -17.24 -17.59
N ASN B 183 -3.17 -18.47 -17.64
CA ASN B 183 -4.53 -18.76 -17.21
C ASN B 183 -4.57 -19.05 -15.72
N GLN B 184 -5.61 -19.76 -15.29
CA GLN B 184 -5.79 -20.14 -13.88
C GLN B 184 -5.93 -18.89 -13.00
N GLY B 185 -6.32 -17.79 -13.61
CA GLY B 185 -6.50 -16.54 -12.89
C GLY B 185 -7.96 -16.17 -12.77
N GLU B 186 -8.23 -14.95 -12.33
CA GLU B 186 -9.60 -14.48 -12.16
C GLU B 186 -10.25 -14.20 -13.51
N TRP B 187 -9.42 -13.89 -14.52
CA TRP B 187 -9.92 -13.54 -15.84
C TRP B 187 -9.43 -14.48 -16.94
N GLU B 188 -10.25 -14.64 -17.96
CA GLU B 188 -9.91 -15.45 -19.11
C GLU B 188 -9.86 -14.60 -20.37
N LEU B 189 -8.69 -14.57 -21.02
CA LEU B 189 -8.53 -13.79 -22.24
C LEU B 189 -9.27 -14.43 -23.41
N LEU B 190 -10.15 -13.67 -24.04
CA LEU B 190 -10.89 -14.16 -25.20
C LEU B 190 -10.14 -13.82 -26.49
N GLU B 191 -9.96 -12.53 -26.74
CA GLU B 191 -9.24 -12.10 -27.93
C GLU B 191 -8.64 -10.69 -27.76
N VAL B 192 -7.61 -10.41 -28.56
CA VAL B 192 -7.05 -9.07 -28.67
C VAL B 192 -7.20 -8.59 -30.11
N PHE B 193 -8.23 -7.80 -30.38
CA PHE B 193 -8.57 -7.42 -31.74
C PHE B 193 -7.95 -6.08 -32.15
N PRO B 194 -6.98 -6.12 -33.07
CA PRO B 194 -6.35 -4.90 -33.57
C PRO B 194 -7.16 -4.23 -34.68
N GLN B 195 -7.15 -2.90 -34.72
CA GLN B 195 -7.85 -2.16 -35.76
C GLN B 195 -7.20 -0.80 -36.00
N PHE B 196 -6.93 -0.47 -37.25
CA PHE B 196 -6.34 0.82 -37.57
C PHE B 196 -7.41 1.89 -37.80
N LYS B 197 -7.09 3.11 -37.36
CA LYS B 197 -7.99 4.25 -37.56
C LYS B 197 -7.17 5.51 -37.77
N GLU B 198 -7.65 6.41 -38.62
CA GLU B 198 -7.00 7.69 -38.82
C GLU B 198 -7.73 8.77 -38.04
N PHE B 199 -7.12 9.21 -36.95
CA PHE B 199 -7.77 10.16 -36.05
C PHE B 199 -7.35 11.59 -36.30
N SER B 200 -8.33 12.47 -36.49
CA SER B 200 -8.07 13.89 -36.65
C SER B 200 -9.04 14.72 -35.83
N ILE B 201 -8.53 15.75 -35.16
CA ILE B 201 -9.38 16.66 -34.41
C ILE B 201 -9.64 17.89 -35.26
N ASP B 202 -9.00 17.92 -36.43
CA ASP B 202 -9.12 19.03 -37.35
C ASP B 202 -8.59 18.66 -38.74
N ILE B 203 -8.75 19.59 -39.68
CA ILE B 203 -8.18 19.44 -41.02
C ILE B 203 -6.68 19.76 -40.94
N SER B 204 -5.92 19.23 -41.91
CA SER B 204 -4.49 19.50 -42.07
C SER B 204 -3.61 18.83 -41.02
N ASN B 205 -4.23 18.26 -40.00
CA ASN B 205 -3.49 17.52 -38.98
C ASN B 205 -4.14 16.17 -38.69
N SER B 206 -3.54 15.11 -39.21
CA SER B 206 -4.05 13.76 -39.00
C SER B 206 -3.03 12.86 -38.31
N TYR B 207 -3.51 12.04 -37.39
CA TYR B 207 -2.65 11.14 -36.63
C TYR B 207 -3.04 9.69 -36.85
N ALA B 208 -2.08 8.79 -36.72
CA ALA B 208 -2.32 7.37 -36.92
C ALA B 208 -2.61 6.65 -35.61
N GLU B 209 -3.75 5.98 -35.55
CA GLU B 209 -4.12 5.21 -34.37
C GLU B 209 -4.18 3.71 -34.66
N MET B 210 -3.64 2.92 -33.74
CA MET B 210 -3.73 1.47 -33.83
C MET B 210 -4.33 0.92 -32.54
N LYS B 211 -5.63 0.63 -32.57
CA LYS B 211 -6.36 0.20 -31.39
C LYS B 211 -6.25 -1.30 -31.16
N PHE B 212 -6.18 -1.69 -29.90
CA PHE B 212 -6.19 -3.10 -29.53
C PHE B 212 -7.30 -3.34 -28.51
N TYR B 213 -8.36 -4.01 -28.95
CA TYR B 213 -9.45 -4.33 -28.04
C TYR B 213 -9.18 -5.64 -27.33
N VAL B 214 -8.78 -5.55 -26.06
CA VAL B 214 -8.58 -6.74 -25.25
C VAL B 214 -9.89 -7.10 -24.56
N ILE B 215 -10.36 -8.32 -24.85
CA ILE B 215 -11.62 -8.80 -24.31
C ILE B 215 -11.39 -9.93 -23.31
N ILE B 216 -11.82 -9.72 -22.08
CA ILE B 216 -11.57 -10.70 -21.02
C ILE B 216 -12.84 -11.14 -20.32
N ARG B 217 -12.96 -12.43 -20.04
CA ARG B 217 -14.16 -12.96 -19.38
C ARG B 217 -13.83 -13.48 -17.97
N ARG B 218 -14.70 -13.17 -17.03
CA ARG B 218 -14.48 -13.54 -15.63
C ARG B 218 -14.74 -15.03 -15.41
N ARG B 219 -14.10 -15.58 -14.38
CA ARG B 219 -14.30 -16.99 -14.02
C ARG B 219 -15.23 -17.10 -12.82
N PRO B 220 -16.50 -17.49 -13.06
CA PRO B 220 -17.53 -17.54 -12.03
C PRO B 220 -17.44 -18.79 -11.16
N LEU B 221 -16.32 -18.96 -10.48
CA LEU B 221 -16.13 -20.12 -9.60
C LEU B 221 -15.77 -19.66 -8.19
N PHE B 222 -14.79 -18.78 -8.09
CA PHE B 222 -14.40 -18.20 -6.81
C PHE B 222 -15.56 -17.41 -6.21
N TYR B 223 -16.36 -16.80 -7.07
CA TYR B 223 -17.51 -16.02 -6.62
C TYR B 223 -18.77 -16.87 -6.52
N ALA B 224 -18.65 -18.14 -6.88
CA ALA B 224 -19.78 -19.07 -6.77
C ALA B 224 -19.96 -19.50 -5.32
N VAL B 225 -19.02 -20.26 -4.81
CA VAL B 225 -19.04 -20.76 -3.44
C VAL B 225 -19.21 -19.63 -2.43
N SER B 226 -18.46 -18.54 -2.61
CA SER B 226 -18.50 -17.41 -1.69
C SER B 226 -19.84 -16.69 -1.67
N LEU B 227 -20.72 -17.03 -2.60
CA LEU B 227 -22.03 -16.38 -2.69
C LEU B 227 -23.20 -17.31 -2.41
N LEU B 228 -23.37 -18.34 -3.24
CA LEU B 228 -24.57 -19.18 -3.18
C LEU B 228 -24.58 -20.16 -2.01
N LEU B 229 -23.40 -20.65 -1.63
CA LEU B 229 -23.30 -21.66 -0.58
C LEU B 229 -23.83 -21.18 0.80
N PRO B 230 -23.38 -20.00 1.27
CA PRO B 230 -23.90 -19.59 2.58
C PRO B 230 -25.40 -19.30 2.57
N SER B 231 -25.91 -18.83 1.43
CA SER B 231 -27.31 -18.51 1.30
C SER B 231 -28.18 -19.76 1.45
N ILE B 232 -27.84 -20.81 0.71
CA ILE B 232 -28.60 -22.04 0.77
C ILE B 232 -28.36 -22.75 2.10
N PHE B 233 -27.20 -22.52 2.69
CA PHE B 233 -26.91 -23.05 4.01
C PHE B 233 -27.85 -22.47 5.06
N LEU B 234 -27.87 -21.14 5.14
CA LEU B 234 -28.75 -20.45 6.08
C LEU B 234 -30.21 -20.74 5.75
N MET B 235 -30.47 -21.05 4.48
CA MET B 235 -31.80 -21.40 4.04
C MET B 235 -32.26 -22.72 4.67
N VAL B 236 -31.41 -23.75 4.55
CA VAL B 236 -31.78 -25.06 5.10
C VAL B 236 -31.73 -25.03 6.63
N VAL B 237 -30.92 -24.13 7.19
CA VAL B 237 -30.92 -23.94 8.64
C VAL B 237 -32.26 -23.34 9.07
N ASP B 238 -32.79 -22.44 8.25
CA ASP B 238 -34.10 -21.87 8.51
C ASP B 238 -35.18 -22.95 8.39
N ILE B 239 -35.00 -23.83 7.42
CA ILE B 239 -35.91 -24.98 7.24
C ILE B 239 -35.92 -25.84 8.49
N VAL B 240 -34.73 -26.07 9.07
CA VAL B 240 -34.62 -26.77 10.34
C VAL B 240 -35.34 -25.97 11.42
N GLY B 241 -35.28 -24.65 11.30
CA GLY B 241 -35.92 -23.76 12.25
C GLY B 241 -37.43 -23.83 12.27
N PHE B 242 -38.02 -24.16 11.13
CA PHE B 242 -39.47 -24.32 11.07
C PHE B 242 -39.97 -25.49 11.91
N CYS B 243 -39.11 -26.50 12.06
CA CYS B 243 -39.48 -27.71 12.78
C CYS B 243 -39.71 -27.45 14.27
N LEU B 244 -39.19 -26.33 14.76
CA LEU B 244 -39.45 -25.91 16.14
C LEU B 244 -40.91 -25.55 16.33
N PRO B 245 -41.55 -26.14 17.35
CA PRO B 245 -42.94 -25.83 17.67
C PRO B 245 -43.11 -24.39 18.14
N PRO B 246 -44.18 -23.71 17.69
CA PRO B 246 -44.49 -22.32 18.05
C PRO B 246 -44.61 -22.10 19.56
N ASP B 247 -44.96 -23.15 20.30
CA ASP B 247 -45.15 -23.05 21.73
C ASP B 247 -43.85 -22.84 22.49
N SER B 248 -42.77 -23.43 21.97
CA SER B 248 -41.46 -23.35 22.62
C SER B 248 -41.00 -21.93 22.90
N GLY B 249 -41.18 -21.03 21.94
CA GLY B 249 -40.75 -19.66 22.09
C GLY B 249 -39.34 -19.43 21.60
N GLU B 250 -38.54 -20.50 21.59
CA GLU B 250 -37.18 -20.45 21.09
C GLU B 250 -37.14 -20.31 19.57
N ARG B 251 -38.29 -20.56 18.94
CA ARG B 251 -38.44 -20.45 17.49
C ARG B 251 -38.28 -19.00 17.02
N VAL B 252 -38.78 -18.07 17.83
CA VAL B 252 -38.70 -16.66 17.52
C VAL B 252 -37.26 -16.18 17.58
N SER B 253 -36.56 -16.56 18.66
CA SER B 253 -35.15 -16.26 18.82
C SER B 253 -34.33 -16.91 17.71
N PHE B 254 -34.78 -18.09 17.27
CA PHE B 254 -34.17 -18.78 16.15
C PHE B 254 -34.20 -17.89 14.92
N LYS B 255 -35.40 -17.45 14.54
CA LYS B 255 -35.57 -16.67 13.32
C LYS B 255 -34.84 -15.33 13.39
N ILE B 256 -34.84 -14.73 14.58
CA ILE B 256 -34.15 -13.47 14.79
C ILE B 256 -32.64 -13.61 14.66
N THR B 257 -32.08 -14.61 15.32
CA THR B 257 -30.64 -14.84 15.29
C THR B 257 -30.18 -15.19 13.88
N LEU B 258 -30.97 -16.00 13.18
CA LEU B 258 -30.66 -16.38 11.82
C LEU B 258 -30.70 -15.15 10.91
N LEU B 259 -31.70 -14.30 11.13
CA LEU B 259 -31.84 -13.07 10.36
C LEU B 259 -30.62 -12.17 10.57
N LEU B 260 -30.17 -12.10 11.82
CA LEU B 260 -28.98 -11.34 12.17
C LEU B 260 -27.74 -11.90 11.46
N GLY B 261 -27.61 -13.23 11.46
CA GLY B 261 -26.48 -13.87 10.83
C GLY B 261 -26.43 -13.64 9.32
N TYR B 262 -27.60 -13.65 8.70
CA TYR B 262 -27.66 -13.41 7.26
C TYR B 262 -27.41 -11.93 6.97
N SER B 263 -27.82 -11.07 7.91
CA SER B 263 -27.57 -9.63 7.78
C SER B 263 -26.08 -9.32 7.83
N VAL B 264 -25.39 -9.84 8.84
CA VAL B 264 -23.96 -9.60 8.96
C VAL B 264 -23.24 -10.29 7.80
N PHE B 265 -23.81 -11.39 7.32
CA PHE B 265 -23.26 -12.06 6.14
C PHE B 265 -23.31 -11.16 4.91
N LEU B 266 -24.47 -10.55 4.65
CA LEU B 266 -24.63 -9.70 3.48
C LEU B 266 -23.84 -8.40 3.63
N ILE B 267 -23.54 -8.02 4.87
CA ILE B 267 -22.71 -6.86 5.11
C ILE B 267 -21.25 -7.20 4.81
N ILE B 268 -20.85 -8.43 5.15
CA ILE B 268 -19.50 -8.89 4.85
C ILE B 268 -19.29 -9.08 3.35
N VAL B 269 -20.28 -9.69 2.69
CA VAL B 269 -20.19 -9.94 1.26
C VAL B 269 -20.42 -8.67 0.45
N SER B 270 -20.88 -7.62 1.12
CA SER B 270 -21.08 -6.32 0.48
C SER B 270 -19.75 -5.73 0.02
N ASP B 271 -18.68 -6.11 0.71
CA ASP B 271 -17.34 -5.69 0.32
C ASP B 271 -16.64 -6.79 -0.48
N THR B 272 -17.01 -6.92 -1.74
CA THR B 272 -16.38 -7.86 -2.66
C THR B 272 -16.22 -7.19 -4.03
N LEU B 273 -17.34 -6.73 -4.58
CA LEU B 273 -17.34 -5.99 -5.83
C LEU B 273 -18.37 -4.86 -5.78
N PRO B 274 -17.91 -3.62 -6.07
CA PRO B 274 -18.81 -2.46 -6.10
C PRO B 274 -19.56 -2.32 -7.42
N ALA B 275 -20.61 -1.52 -7.43
CA ALA B 275 -21.39 -1.29 -8.64
C ALA B 275 -21.59 0.20 -8.90
N THR B 280 -26.36 -0.91 -9.83
CA THR B 280 -26.74 -2.16 -9.18
C THR B 280 -26.04 -3.36 -9.82
N PRO B 281 -25.55 -4.29 -8.98
CA PRO B 281 -24.84 -5.48 -9.45
C PRO B 281 -25.77 -6.51 -10.08
N LEU B 282 -27.08 -6.29 -9.97
CA LEU B 282 -28.13 -7.17 -10.52
C LEU B 282 -28.18 -8.54 -9.84
N ILE B 283 -27.03 -9.02 -9.38
CA ILE B 283 -26.96 -10.28 -8.65
C ILE B 283 -27.44 -10.05 -7.21
N GLY B 284 -27.52 -8.78 -6.83
CA GLY B 284 -28.04 -8.40 -5.53
C GLY B 284 -29.54 -8.65 -5.44
N VAL B 285 -30.21 -8.59 -6.58
CA VAL B 285 -31.64 -8.86 -6.65
C VAL B 285 -31.90 -10.33 -6.29
N TYR B 286 -31.10 -11.21 -6.88
CA TYR B 286 -31.21 -12.65 -6.64
C TYR B 286 -30.69 -12.99 -5.24
N PHE B 287 -30.43 -11.96 -4.46
CA PHE B 287 -29.91 -12.09 -3.11
C PHE B 287 -30.91 -11.46 -2.13
N VAL B 288 -31.35 -10.25 -2.48
CA VAL B 288 -32.39 -9.57 -1.72
C VAL B 288 -33.69 -10.37 -1.77
N VAL B 289 -33.81 -11.24 -2.77
CA VAL B 289 -34.91 -12.21 -2.80
C VAL B 289 -34.82 -13.13 -1.58
N CYS B 290 -33.63 -13.66 -1.33
CA CYS B 290 -33.40 -14.49 -0.16
C CYS B 290 -33.65 -13.71 1.12
N MET B 291 -33.22 -12.45 1.13
CA MET B 291 -33.47 -11.58 2.26
C MET B 291 -34.96 -11.48 2.59
N ALA B 292 -35.75 -11.17 1.56
CA ALA B 292 -37.19 -11.05 1.70
C ALA B 292 -37.82 -12.37 2.10
N LEU B 293 -37.20 -13.47 1.67
CA LEU B 293 -37.67 -14.80 2.01
C LEU B 293 -37.51 -15.06 3.51
N LEU B 294 -36.38 -14.62 4.06
CA LEU B 294 -36.15 -14.77 5.49
C LEU B 294 -37.08 -13.83 6.28
N VAL B 295 -37.35 -12.67 5.69
CA VAL B 295 -38.25 -11.71 6.31
C VAL B 295 -39.67 -12.28 6.42
N ILE B 296 -40.19 -12.82 5.33
CA ILE B 296 -41.54 -13.38 5.34
C ILE B 296 -41.58 -14.66 6.17
N SER B 297 -40.44 -15.34 6.28
CA SER B 297 -40.33 -16.49 7.18
C SER B 297 -40.55 -16.05 8.63
N LEU B 298 -39.85 -14.98 9.01
CA LEU B 298 -39.95 -14.45 10.36
C LEU B 298 -41.37 -13.95 10.63
N ALA B 299 -41.94 -13.26 9.65
CA ALA B 299 -43.31 -12.74 9.75
C ALA B 299 -44.30 -13.89 9.92
N GLU B 300 -44.03 -15.01 9.25
CA GLU B 300 -44.87 -16.19 9.39
C GLU B 300 -44.79 -16.71 10.82
N THR B 301 -43.56 -16.82 11.33
CA THR B 301 -43.34 -17.32 12.68
C THR B 301 -44.05 -16.48 13.73
N ILE B 302 -43.91 -15.16 13.65
CA ILE B 302 -44.56 -14.28 14.62
C ILE B 302 -46.07 -14.28 14.43
N PHE B 303 -46.52 -14.56 13.20
CA PHE B 303 -47.94 -14.65 12.93
C PHE B 303 -48.56 -15.84 13.66
N ILE B 304 -48.02 -17.03 13.39
CA ILE B 304 -48.58 -18.23 14.01
C ILE B 304 -48.34 -18.24 15.51
N VAL B 305 -47.28 -17.58 15.97
CA VAL B 305 -47.03 -17.50 17.41
C VAL B 305 -47.97 -16.47 18.03
N ARG B 306 -48.51 -15.57 17.22
CA ARG B 306 -49.54 -14.66 17.68
C ARG B 306 -50.86 -15.41 17.77
N LEU B 307 -51.06 -16.36 16.86
CA LEU B 307 -52.26 -17.18 16.89
C LEU B 307 -52.37 -18.05 18.14
N VAL B 308 -51.39 -18.92 18.36
CA VAL B 308 -51.40 -19.79 19.52
C VAL B 308 -50.65 -19.16 20.71
N HIS B 309 -51.41 -18.87 21.77
CA HIS B 309 -50.85 -18.28 22.98
C HIS B 309 -51.93 -18.23 24.07
N LYS B 310 -51.51 -18.05 25.32
CA LYS B 310 -52.44 -17.94 26.42
C LYS B 310 -52.57 -16.48 26.86
N GLN B 311 -53.59 -15.80 26.33
CA GLN B 311 -53.81 -14.40 26.63
C GLN B 311 -55.14 -14.17 27.36
N ASP B 312 -55.75 -15.26 27.80
CA ASP B 312 -56.98 -15.21 28.59
C ASP B 312 -58.13 -14.48 27.90
N LEU B 313 -58.12 -14.47 26.57
CA LEU B 313 -59.12 -13.75 25.80
C LEU B 313 -59.76 -14.55 24.68
N GLN B 314 -60.95 -14.11 24.27
CA GLN B 314 -61.62 -14.55 23.05
C GLN B 314 -61.99 -16.02 22.96
N ARG B 315 -62.44 -16.40 21.77
CA ARG B 315 -62.81 -17.76 21.42
C ARG B 315 -62.61 -17.94 19.91
N PRO B 316 -62.31 -19.17 19.47
CA PRO B 316 -62.15 -19.39 18.03
C PRO B 316 -63.46 -19.20 17.27
N VAL B 317 -63.47 -18.28 16.33
CA VAL B 317 -64.67 -17.99 15.54
C VAL B 317 -65.01 -19.17 14.63
N PRO B 318 -66.27 -19.64 14.67
CA PRO B 318 -66.72 -20.81 13.91
C PRO B 318 -66.54 -20.63 12.40
N ASP B 319 -66.80 -19.41 11.92
CA ASP B 319 -66.63 -19.07 10.51
C ASP B 319 -65.23 -19.40 10.01
N TRP B 320 -64.23 -19.04 10.80
CA TRP B 320 -62.84 -19.30 10.45
C TRP B 320 -62.33 -20.56 11.12
N LEU B 321 -63.21 -21.22 11.86
CA LEU B 321 -62.90 -22.53 12.43
C LEU B 321 -63.12 -23.61 11.38
N ARG B 322 -64.19 -23.45 10.61
CA ARG B 322 -64.48 -24.38 9.52
C ARG B 322 -63.48 -24.19 8.38
N HIS B 323 -63.05 -22.94 8.19
CA HIS B 323 -62.12 -22.59 7.13
C HIS B 323 -60.72 -23.16 7.36
N LEU B 324 -60.37 -23.37 8.63
CA LEU B 324 -59.03 -23.80 8.98
C LEU B 324 -58.98 -25.22 9.53
N VAL B 325 -59.66 -25.43 10.66
CA VAL B 325 -59.61 -26.71 11.36
C VAL B 325 -60.35 -27.83 10.64
N LEU B 326 -61.12 -27.49 9.61
CA LEU B 326 -61.92 -28.48 8.90
C LEU B 326 -61.49 -28.65 7.44
N ASP B 327 -61.64 -27.58 6.66
CA ASP B 327 -61.34 -27.63 5.23
C ASP B 327 -59.84 -27.66 4.95
N ARG B 328 -59.12 -26.70 5.51
CA ARG B 328 -57.68 -26.59 5.29
C ARG B 328 -56.93 -27.74 5.95
N ILE B 329 -57.56 -28.36 6.93
CA ILE B 329 -56.97 -29.51 7.62
C ILE B 329 -57.01 -30.74 6.71
N ALA B 330 -58.13 -30.92 6.02
CA ALA B 330 -58.28 -32.02 5.08
C ALA B 330 -57.44 -31.77 3.83
N TRP B 331 -57.34 -30.51 3.43
CA TRP B 331 -56.53 -30.13 2.29
C TRP B 331 -55.04 -30.33 2.56
N ILE B 332 -54.63 -30.09 3.80
CA ILE B 332 -53.24 -30.23 4.19
C ILE B 332 -52.86 -31.69 4.49
N LEU B 333 -53.83 -32.44 5.01
CA LEU B 333 -53.60 -33.84 5.36
C LEU B 333 -53.33 -34.69 4.12
N CYS B 334 -53.90 -34.29 2.99
CA CYS B 334 -53.72 -35.01 1.74
C CYS B 334 -52.56 -34.43 0.94
N VAL B 393 -80.61 -28.78 56.63
CA VAL B 393 -79.94 -28.26 55.44
C VAL B 393 -78.64 -27.53 55.81
N ARG B 394 -77.59 -27.80 55.04
CA ARG B 394 -76.29 -27.19 55.30
C ARG B 394 -75.82 -26.38 54.09
N GLY B 395 -75.10 -25.29 54.37
CA GLY B 395 -74.63 -24.40 53.32
C GLY B 395 -73.25 -24.75 52.77
N LEU B 396 -72.94 -26.05 52.75
CA LEU B 396 -71.65 -26.51 52.24
C LEU B 396 -71.61 -26.45 50.71
N LEU B 397 -72.79 -26.51 50.10
CA LEU B 397 -72.90 -26.56 48.64
C LEU B 397 -72.51 -25.24 47.99
N GLN B 398 -72.75 -24.13 48.69
CA GLN B 398 -72.47 -22.81 48.15
C GLN B 398 -70.97 -22.56 48.07
N GLU B 399 -70.21 -23.34 48.82
CA GLU B 399 -68.75 -23.24 48.80
C GLU B 399 -68.19 -24.10 47.65
N LEU B 400 -68.70 -25.32 47.56
CA LEU B 400 -68.26 -26.26 46.53
C LEU B 400 -68.60 -25.74 45.14
N SER B 401 -69.74 -25.07 45.03
CA SER B 401 -70.17 -24.48 43.76
C SER B 401 -69.18 -23.41 43.31
N SER B 402 -68.72 -22.61 44.26
CA SER B 402 -67.76 -21.54 43.98
C SER B 402 -66.40 -22.11 43.61
N ILE B 403 -65.98 -23.15 44.32
CA ILE B 403 -64.69 -23.80 44.04
C ILE B 403 -64.71 -24.39 42.63
N ARG B 404 -65.79 -25.11 42.32
CA ARG B 404 -65.96 -25.69 40.98
C ARG B 404 -65.97 -24.59 39.94
N HIS B 405 -66.60 -23.47 40.26
CA HIS B 405 -66.67 -22.33 39.37
C HIS B 405 -65.27 -21.84 39.03
N PHE B 406 -64.44 -21.67 40.06
CA PHE B 406 -63.06 -21.25 39.87
C PHE B 406 -62.28 -22.26 39.03
N LEU B 407 -62.54 -23.54 39.23
CA LEU B 407 -61.86 -24.59 38.48
C LEU B 407 -62.19 -24.55 36.98
N GLU B 408 -63.48 -24.55 36.68
CA GLU B 408 -63.95 -24.56 35.29
C GLU B 408 -63.71 -23.22 34.60
N LYS B 409 -63.54 -22.17 35.39
CA LYS B 409 -63.22 -20.85 34.86
C LYS B 409 -61.87 -20.91 34.14
N ARG B 410 -60.90 -21.55 34.77
CA ARG B 410 -59.60 -21.76 34.15
C ARG B 410 -59.66 -22.83 33.07
N ASP B 411 -60.37 -23.92 33.35
CA ASP B 411 -60.45 -25.04 32.40
C ASP B 411 -61.00 -24.62 31.04
N GLU B 412 -61.98 -23.70 31.06
CA GLU B 412 -62.59 -23.21 29.84
C GLU B 412 -61.58 -22.48 28.97
N MET B 413 -60.86 -21.54 29.58
CA MET B 413 -59.82 -20.79 28.88
C MET B 413 -58.74 -21.72 28.37
N ARG B 414 -58.48 -22.79 29.13
CA ARG B 414 -57.51 -23.79 28.72
C ARG B 414 -57.96 -24.49 27.44
N GLU B 415 -59.26 -24.78 27.36
CA GLU B 415 -59.83 -25.42 26.17
C GLU B 415 -59.79 -24.48 24.97
N VAL B 416 -60.08 -23.21 25.20
CA VAL B 416 -60.06 -22.20 24.14
C VAL B 416 -58.64 -22.07 23.58
N ALA B 417 -57.67 -21.97 24.50
CA ALA B 417 -56.26 -21.90 24.12
C ALA B 417 -55.85 -23.15 23.36
N ARG B 418 -56.45 -24.29 23.72
CA ARG B 418 -56.20 -25.53 23.00
C ARG B 418 -56.69 -25.44 21.56
N ASP B 419 -57.88 -24.88 21.37
CA ASP B 419 -58.44 -24.75 20.02
C ASP B 419 -57.62 -23.79 19.16
N TRP B 420 -57.23 -22.66 19.75
CA TRP B 420 -56.38 -21.70 19.04
C TRP B 420 -55.03 -22.34 18.70
N LEU B 421 -54.56 -23.20 19.59
CA LEU B 421 -53.33 -23.96 19.35
C LEU B 421 -53.50 -24.88 18.14
N ARG B 422 -54.67 -25.51 18.04
CA ARG B 422 -54.98 -26.38 16.89
C ARG B 422 -54.93 -25.59 15.59
N VAL B 423 -55.66 -24.47 15.56
CA VAL B 423 -55.73 -23.62 14.38
C VAL B 423 -54.32 -23.17 13.96
N GLY B 424 -53.60 -22.58 14.91
CA GLY B 424 -52.25 -22.12 14.69
C GLY B 424 -51.34 -23.20 14.15
N TYR B 425 -51.46 -24.41 14.68
CA TYR B 425 -50.63 -25.53 14.25
C TYR B 425 -50.94 -25.93 12.81
N VAL B 426 -52.22 -26.01 12.47
CA VAL B 426 -52.62 -26.37 11.11
C VAL B 426 -52.09 -25.35 10.11
N LEU B 427 -52.34 -24.08 10.39
CA LEU B 427 -51.86 -23.00 9.53
C LEU B 427 -50.35 -23.03 9.39
N ASP B 428 -49.66 -23.27 10.51
CA ASP B 428 -48.20 -23.32 10.51
C ASP B 428 -47.68 -24.44 9.62
N ARG B 429 -48.32 -25.60 9.67
CA ARG B 429 -47.91 -26.73 8.85
C ARG B 429 -48.13 -26.44 7.37
N LEU B 430 -49.29 -25.86 7.06
CA LEU B 430 -49.61 -25.51 5.67
C LEU B 430 -48.60 -24.51 5.09
N LEU B 431 -48.34 -23.45 5.86
CA LEU B 431 -47.39 -22.43 5.45
C LEU B 431 -45.97 -22.99 5.35
N PHE B 432 -45.69 -24.03 6.14
CA PHE B 432 -44.40 -24.71 6.05
C PHE B 432 -44.29 -25.43 4.71
N ARG B 433 -45.36 -26.10 4.31
CA ARG B 433 -45.40 -26.76 3.01
C ARG B 433 -45.16 -25.74 1.89
N ILE B 434 -45.90 -24.63 1.97
CA ILE B 434 -45.80 -23.58 0.96
C ILE B 434 -44.38 -23.01 0.85
N TYR B 435 -43.80 -22.68 2.00
CA TYR B 435 -42.45 -22.12 2.04
C TYR B 435 -41.43 -23.10 1.46
N LEU B 436 -41.57 -24.38 1.83
CA LEU B 436 -40.66 -25.41 1.35
C LEU B 436 -40.71 -25.52 -0.17
N LEU B 437 -41.93 -25.59 -0.70
CA LEU B 437 -42.10 -25.70 -2.15
C LEU B 437 -41.57 -24.46 -2.87
N ALA B 438 -41.76 -23.30 -2.26
CA ALA B 438 -41.25 -22.05 -2.82
C ALA B 438 -39.73 -22.06 -2.91
N VAL B 439 -39.08 -22.54 -1.84
CA VAL B 439 -37.63 -22.64 -1.82
C VAL B 439 -37.14 -23.60 -2.89
N LEU B 440 -37.79 -24.74 -3.02
CA LEU B 440 -37.40 -25.73 -4.02
C LEU B 440 -37.55 -25.19 -5.45
N ALA B 441 -38.63 -24.46 -5.70
CA ALA B 441 -38.87 -23.87 -7.01
C ALA B 441 -37.83 -22.79 -7.34
N TYR B 442 -37.53 -21.96 -6.35
CA TYR B 442 -36.54 -20.90 -6.52
C TYR B 442 -35.18 -21.52 -6.82
N SER B 443 -34.89 -22.64 -6.15
CA SER B 443 -33.63 -23.35 -6.35
C SER B 443 -33.55 -23.99 -7.74
N ILE B 444 -34.65 -24.57 -8.22
CA ILE B 444 -34.63 -25.22 -9.52
C ILE B 444 -34.51 -24.17 -10.63
N THR B 445 -35.06 -22.98 -10.38
CA THR B 445 -34.89 -21.88 -11.32
C THR B 445 -33.44 -21.41 -11.29
N LEU B 446 -32.85 -21.42 -10.10
CA LEU B 446 -31.46 -21.04 -9.93
C LEU B 446 -30.53 -21.94 -10.73
N VAL B 447 -30.73 -23.26 -10.63
CA VAL B 447 -29.86 -24.19 -11.32
C VAL B 447 -30.15 -24.23 -12.83
N THR B 448 -31.40 -24.00 -13.21
CA THR B 448 -31.72 -23.95 -14.64
C THR B 448 -31.06 -22.72 -15.26
N LEU B 449 -30.92 -21.65 -14.47
CA LEU B 449 -30.18 -20.47 -14.91
C LEU B 449 -28.68 -20.74 -14.91
N TRP B 450 -28.21 -21.52 -13.95
CA TRP B 450 -26.79 -21.89 -13.88
C TRP B 450 -26.35 -22.70 -15.08
N SER B 451 -27.22 -23.59 -15.55
CA SER B 451 -26.90 -24.46 -16.69
C SER B 451 -26.85 -23.69 -18.01
N ILE B 452 -27.80 -22.80 -18.22
CA ILE B 452 -27.89 -22.05 -19.48
C ILE B 452 -26.74 -21.06 -19.61
N THR C 8 56.37 2.76 -18.94
CA THR C 8 56.38 3.77 -17.89
C THR C 8 56.01 3.17 -16.54
N GLN C 9 55.78 4.01 -15.54
CA GLN C 9 55.45 3.53 -14.20
C GLN C 9 54.27 4.21 -13.47
N PRO C 10 53.14 4.47 -14.18
CA PRO C 10 51.96 4.79 -13.37
C PRO C 10 51.24 3.52 -12.88
N ALA C 11 51.77 2.37 -13.28
CA ALA C 11 51.22 1.04 -12.98
C ALA C 11 49.89 0.78 -13.69
N LEU C 12 48.93 0.21 -12.96
CA LEU C 12 47.72 -0.33 -13.57
C LEU C 12 46.86 0.73 -14.24
N LEU C 13 47.11 1.99 -13.92
CA LEU C 13 46.40 3.10 -14.54
C LEU C 13 46.62 3.05 -16.04
N ARG C 14 47.82 2.65 -16.45
CA ARG C 14 48.12 2.45 -17.86
C ARG C 14 47.18 1.41 -18.46
N LEU C 15 47.07 0.26 -17.80
CA LEU C 15 46.26 -0.84 -18.29
C LEU C 15 44.83 -0.39 -18.56
N SER C 16 44.23 0.24 -17.55
CA SER C 16 42.86 0.74 -17.63
C SER C 16 42.68 1.62 -18.86
N ASP C 17 43.69 2.43 -19.16
CA ASP C 17 43.65 3.25 -20.35
C ASP C 17 43.74 2.38 -21.59
N HIS C 18 44.81 1.58 -21.65
CA HIS C 18 45.14 0.76 -22.81
C HIS C 18 43.96 -0.04 -23.32
N LEU C 19 43.20 -0.61 -22.38
CA LEU C 19 42.01 -1.39 -22.70
C LEU C 19 40.85 -0.49 -23.14
N LEU C 20 40.58 0.55 -22.35
CA LEU C 20 39.35 1.31 -22.51
C LEU C 20 39.51 2.58 -23.34
N ALA C 21 40.68 2.74 -23.96
CA ALA C 21 40.97 3.92 -24.78
C ALA C 21 39.98 4.03 -25.94
N ASN C 22 39.99 3.04 -26.83
CA ASN C 22 39.12 3.05 -28.00
C ASN C 22 37.99 2.03 -27.87
N TYR C 23 37.83 1.48 -26.68
CA TYR C 23 36.84 0.43 -26.45
C TYR C 23 35.42 0.97 -26.62
N LYS C 24 34.73 0.52 -27.66
CA LYS C 24 33.33 0.88 -27.84
C LYS C 24 32.43 -0.15 -27.19
N LYS C 25 31.67 0.30 -26.18
CA LYS C 25 30.85 -0.60 -25.37
C LYS C 25 29.53 -0.96 -26.05
N GLY C 26 29.32 -0.47 -27.26
CA GLY C 26 28.10 -0.75 -28.00
C GLY C 26 28.20 -2.01 -28.85
N VAL C 27 29.40 -2.30 -29.35
CA VAL C 27 29.62 -3.46 -30.19
C VAL C 27 29.94 -4.69 -29.34
N ARG C 28 29.39 -5.84 -29.74
CA ARG C 28 29.64 -7.09 -29.02
C ARG C 28 31.11 -7.49 -29.12
N PRO C 29 31.75 -7.73 -27.97
CA PRO C 29 33.20 -7.99 -27.88
C PRO C 29 33.65 -9.30 -28.50
N VAL C 30 33.73 -9.33 -29.83
CA VAL C 30 34.27 -10.48 -30.54
C VAL C 30 35.09 -10.01 -31.74
N ARG C 31 36.27 -10.60 -31.92
CA ARG C 31 37.12 -10.26 -33.05
C ARG C 31 36.52 -10.82 -34.33
N ASP C 32 36.00 -12.04 -34.26
CA ASP C 32 35.24 -12.62 -35.35
C ASP C 32 33.75 -12.53 -35.03
N TRP C 33 33.00 -11.81 -35.85
CA TRP C 33 31.58 -11.56 -35.59
C TRP C 33 30.76 -12.85 -35.65
N ARG C 34 31.32 -13.87 -36.29
CA ARG C 34 30.65 -15.15 -36.42
C ARG C 34 30.71 -15.93 -35.11
N LYS C 35 31.70 -15.60 -34.28
CA LYS C 35 31.88 -16.24 -32.99
C LYS C 35 30.88 -15.71 -31.95
N PRO C 36 30.04 -16.60 -31.40
CA PRO C 36 29.05 -16.22 -30.40
C PRO C 36 29.66 -15.99 -29.02
N THR C 37 29.09 -15.07 -28.26
CA THR C 37 29.54 -14.82 -26.89
C THR C 37 28.75 -15.67 -25.89
N THR C 38 29.44 -16.56 -25.21
CA THR C 38 28.81 -17.48 -24.28
C THR C 38 28.83 -16.96 -22.84
N VAL C 39 27.65 -16.81 -22.25
CA VAL C 39 27.54 -16.33 -20.88
C VAL C 39 27.17 -17.44 -19.89
N SER C 40 28.13 -17.80 -19.05
CA SER C 40 27.88 -18.76 -17.98
C SER C 40 27.24 -18.05 -16.79
N ILE C 41 26.05 -18.47 -16.41
CA ILE C 41 25.31 -17.80 -15.34
C ILE C 41 25.15 -18.68 -14.11
N ASP C 42 24.90 -18.04 -12.97
CA ASP C 42 24.72 -18.77 -11.71
C ASP C 42 23.67 -18.10 -10.82
N VAL C 43 22.82 -18.92 -10.21
CA VAL C 43 21.71 -18.41 -9.41
C VAL C 43 21.73 -18.98 -7.99
N ILE C 44 21.66 -18.09 -7.00
CA ILE C 44 21.57 -18.51 -5.60
C ILE C 44 20.30 -17.95 -4.97
N MET C 45 19.46 -18.83 -4.45
CA MET C 45 18.21 -18.39 -3.82
C MET C 45 18.47 -17.88 -2.41
N TYR C 46 18.24 -16.59 -2.19
CA TYR C 46 18.48 -16.01 -0.87
C TYR C 46 17.24 -16.08 0.02
N ALA C 47 16.09 -15.71 -0.54
CA ALA C 47 14.85 -15.74 0.23
C ALA C 47 13.62 -15.71 -0.68
N ILE C 48 12.57 -16.40 -0.28
CA ILE C 48 11.27 -16.25 -0.91
C ILE C 48 10.55 -15.15 -0.14
N LEU C 49 10.44 -13.98 -0.76
CA LEU C 49 9.91 -12.82 -0.08
C LEU C 49 8.41 -12.93 0.13
N ASN C 50 7.67 -13.17 -0.96
CA ASN C 50 6.23 -13.33 -0.83
C ASN C 50 5.59 -14.08 -2.00
N VAL C 51 4.65 -14.96 -1.70
CA VAL C 51 3.85 -15.57 -2.75
C VAL C 51 2.47 -14.91 -2.76
N ASP C 52 2.01 -14.56 -3.95
CA ASP C 52 0.67 -14.02 -4.09
C ASP C 52 -0.18 -15.05 -4.81
N GLU C 53 -0.98 -15.79 -4.05
CA GLU C 53 -1.81 -16.86 -4.58
C GLU C 53 -2.94 -16.29 -5.43
N LYS C 54 -3.46 -15.14 -5.03
CA LYS C 54 -4.57 -14.51 -5.73
C LYS C 54 -4.15 -14.06 -7.12
N ASN C 55 -3.10 -13.23 -7.18
CA ASN C 55 -2.61 -12.71 -8.44
C ASN C 55 -1.65 -13.68 -9.14
N GLN C 56 -1.36 -14.78 -8.46
CA GLN C 56 -0.44 -15.81 -8.97
C GLN C 56 0.91 -15.21 -9.35
N VAL C 57 1.61 -14.63 -8.38
CA VAL C 57 2.92 -14.06 -8.63
C VAL C 57 3.88 -14.23 -7.45
N LEU C 58 5.06 -14.75 -7.75
CA LEU C 58 6.10 -15.01 -6.76
C LEU C 58 7.16 -13.91 -6.74
N THR C 59 7.48 -13.43 -5.54
CA THR C 59 8.51 -12.44 -5.32
C THR C 59 9.65 -13.01 -4.48
N THR C 60 10.84 -13.08 -5.09
CA THR C 60 12.01 -13.68 -4.45
C THR C 60 13.25 -12.79 -4.53
N TYR C 61 14.28 -13.13 -3.78
CA TYR C 61 15.55 -12.42 -3.86
C TYR C 61 16.70 -13.37 -4.23
N ILE C 62 17.42 -13.02 -5.29
CA ILE C 62 18.43 -13.91 -5.86
C ILE C 62 19.82 -13.26 -5.86
N TRP C 63 20.85 -14.04 -5.58
CA TRP C 63 22.23 -13.63 -5.84
C TRP C 63 22.65 -14.18 -7.19
N TYR C 64 22.91 -13.28 -8.14
CA TYR C 64 23.11 -13.67 -9.53
C TYR C 64 24.54 -13.41 -10.01
N ARG C 65 25.07 -14.36 -10.78
CA ARG C 65 26.42 -14.30 -11.30
C ARG C 65 26.46 -14.43 -12.82
N GLN C 66 27.20 -13.53 -13.45
CA GLN C 66 27.36 -13.53 -14.90
C GLN C 66 28.84 -13.62 -15.27
N TYR C 67 29.19 -14.58 -16.12
CA TYR C 67 30.57 -14.73 -16.57
C TYR C 67 30.62 -14.78 -18.08
N TRP C 68 31.40 -13.91 -18.71
CA TRP C 68 31.54 -14.03 -20.17
C TRP C 68 32.94 -13.64 -20.63
N THR C 69 33.18 -13.71 -21.94
CA THR C 69 34.52 -13.38 -22.44
C THR C 69 34.49 -12.13 -23.31
N ASP C 70 35.29 -11.13 -22.90
CA ASP C 70 35.45 -9.92 -23.67
C ASP C 70 36.76 -9.98 -24.45
N GLU C 71 36.66 -10.23 -25.74
CA GLU C 71 37.83 -10.47 -26.58
C GLU C 71 38.68 -9.22 -26.78
N PHE C 72 38.10 -8.07 -26.49
CA PHE C 72 38.82 -6.80 -26.63
C PHE C 72 39.60 -6.44 -25.36
N LEU C 73 39.12 -6.92 -24.22
CA LEU C 73 39.73 -6.59 -22.93
C LEU C 73 40.82 -7.58 -22.53
N GLN C 74 41.44 -8.22 -23.51
CA GLN C 74 42.51 -9.17 -23.24
C GLN C 74 43.88 -8.49 -23.29
N TRP C 75 44.80 -8.95 -22.44
CA TRP C 75 46.15 -8.42 -22.43
C TRP C 75 47.15 -9.43 -21.88
N THR C 76 48.43 -9.09 -21.94
CA THR C 76 49.49 -9.92 -21.36
C THR C 76 49.94 -9.37 -20.01
N PRO C 77 50.04 -10.25 -19.01
CA PRO C 77 50.42 -9.87 -17.64
C PRO C 77 51.74 -9.08 -17.60
N GLU C 78 52.71 -9.47 -18.41
CA GLU C 78 54.00 -8.78 -18.46
C GLU C 78 53.82 -7.37 -19.01
N ASP C 79 54.89 -6.58 -18.95
CA ASP C 79 54.90 -5.15 -19.29
C ASP C 79 53.71 -4.36 -18.75
N PHE C 80 52.97 -4.97 -17.83
CA PHE C 80 51.89 -4.32 -17.10
C PHE C 80 52.06 -4.55 -15.61
N ASP C 81 53.28 -4.90 -15.22
CA ASP C 81 53.66 -5.22 -13.84
C ASP C 81 52.95 -6.47 -13.33
N ASN C 82 52.92 -7.51 -14.17
CA ASN C 82 52.39 -8.82 -13.81
C ASN C 82 50.98 -8.78 -13.22
N VAL C 83 50.15 -7.88 -13.72
CA VAL C 83 48.76 -7.78 -13.26
C VAL C 83 47.90 -8.89 -13.88
N THR C 84 47.06 -9.51 -13.05
CA THR C 84 46.21 -10.60 -13.50
C THR C 84 44.81 -10.10 -13.87
N LYS C 85 44.12 -9.51 -12.91
CA LYS C 85 42.78 -8.99 -13.14
C LYS C 85 42.68 -7.51 -12.81
N LEU C 86 41.63 -6.87 -13.31
CA LEU C 86 41.42 -5.44 -13.15
C LEU C 86 39.95 -5.12 -12.89
N SER C 87 39.69 -4.25 -11.93
CA SER C 87 38.32 -3.85 -11.62
C SER C 87 37.94 -2.61 -12.42
N ILE C 88 36.92 -2.73 -13.25
CA ILE C 88 36.48 -1.60 -14.06
C ILE C 88 34.96 -1.43 -14.00
N PRO C 89 34.48 -0.17 -14.07
CA PRO C 89 33.05 0.14 -13.99
C PRO C 89 32.18 -0.63 -14.98
N THR C 90 31.09 -1.19 -14.48
CA THR C 90 30.16 -1.99 -15.29
C THR C 90 29.65 -1.25 -16.53
N ASP C 91 29.30 0.02 -16.34
CA ASP C 91 28.68 0.80 -17.42
C ASP C 91 29.71 1.39 -18.37
N SER C 92 30.96 0.96 -18.24
CA SER C 92 32.00 1.36 -19.18
C SER C 92 32.33 0.25 -20.17
N ILE C 93 31.64 -0.88 -20.04
CA ILE C 93 31.87 -2.03 -20.91
C ILE C 93 30.57 -2.67 -21.39
N TRP C 94 30.68 -3.47 -22.45
CA TRP C 94 29.55 -4.21 -23.01
C TRP C 94 28.98 -5.22 -22.01
N VAL C 95 27.65 -5.25 -21.91
CA VAL C 95 26.96 -6.14 -20.98
C VAL C 95 25.79 -6.85 -21.68
N PRO C 96 25.67 -8.17 -21.49
CA PRO C 96 24.57 -8.95 -22.08
C PRO C 96 23.20 -8.53 -21.56
N ASP C 97 22.17 -8.74 -22.38
CA ASP C 97 20.82 -8.27 -22.06
C ASP C 97 19.93 -9.38 -21.49
N ILE C 98 20.54 -10.40 -20.89
CA ILE C 98 19.80 -11.53 -20.34
C ILE C 98 18.76 -11.11 -19.29
N LEU C 99 17.52 -11.50 -19.52
CA LEU C 99 16.42 -11.19 -18.59
C LEU C 99 15.57 -12.42 -18.31
N ILE C 100 14.51 -12.24 -17.52
CA ILE C 100 13.59 -13.33 -17.21
C ILE C 100 12.23 -13.10 -17.85
N ASN C 101 11.69 -14.12 -18.50
CA ASN C 101 10.41 -14.02 -19.20
C ASN C 101 9.21 -13.85 -18.26
N GLU C 102 9.31 -14.44 -17.08
CA GLU C 102 8.19 -14.45 -16.14
C GLU C 102 7.98 -13.10 -15.45
N PHE C 103 8.86 -12.14 -15.75
CA PHE C 103 8.77 -10.80 -15.16
C PHE C 103 7.42 -10.13 -15.41
N VAL C 104 6.74 -9.78 -14.33
CA VAL C 104 5.52 -8.98 -14.42
C VAL C 104 5.70 -7.61 -13.77
N ASP C 105 6.90 -7.37 -13.25
CA ASP C 105 7.21 -6.11 -12.58
C ASP C 105 8.72 -5.91 -12.50
N VAL C 106 9.15 -4.89 -11.78
CA VAL C 106 10.56 -4.60 -11.61
C VAL C 106 10.91 -4.47 -10.12
N GLY C 107 11.73 -5.39 -9.63
CA GLY C 107 12.13 -5.37 -8.24
C GLY C 107 13.28 -4.42 -7.98
N LYS C 108 13.24 -3.74 -6.85
CA LYS C 108 14.29 -2.79 -6.49
C LYS C 108 15.53 -3.53 -6.00
N SER C 109 16.61 -3.42 -6.76
CA SER C 109 17.85 -4.12 -6.44
C SER C 109 19.05 -3.19 -6.49
N PRO C 110 19.99 -3.36 -5.55
CA PRO C 110 21.22 -2.57 -5.48
C PRO C 110 22.05 -2.67 -6.76
N ASN C 111 22.57 -1.53 -7.23
CA ASN C 111 23.37 -1.51 -8.44
C ASN C 111 24.85 -1.73 -8.15
N ILE C 112 25.43 -2.75 -8.79
CA ILE C 112 26.85 -3.04 -8.62
C ILE C 112 27.62 -2.28 -9.69
N PRO C 113 28.50 -1.37 -9.24
CA PRO C 113 29.24 -0.47 -10.14
C PRO C 113 30.45 -1.09 -10.83
N TYR C 114 31.07 -2.10 -10.22
CA TYR C 114 32.32 -2.64 -10.75
C TYR C 114 32.24 -4.10 -11.18
N VAL C 115 33.10 -4.47 -12.13
CA VAL C 115 33.29 -5.88 -12.51
C VAL C 115 34.77 -6.21 -12.61
N TYR C 116 35.08 -7.50 -12.52
CA TYR C 116 36.45 -7.98 -12.66
C TYR C 116 36.72 -8.50 -14.07
N VAL C 117 37.68 -7.89 -14.74
CA VAL C 117 38.09 -8.33 -16.07
C VAL C 117 39.52 -8.84 -16.03
N HIS C 118 39.72 -10.08 -16.45
CA HIS C 118 41.01 -10.73 -16.34
C HIS C 118 41.77 -10.68 -17.67
N HIS C 119 43.04 -11.06 -17.65
CA HIS C 119 43.92 -10.84 -18.79
C HIS C 119 43.58 -11.73 -19.99
N ARG C 120 42.82 -12.79 -19.74
CA ARG C 120 42.34 -13.64 -20.84
C ARG C 120 40.95 -13.19 -21.28
N GLY C 121 40.51 -12.04 -20.78
CA GLY C 121 39.26 -11.45 -21.22
C GLY C 121 38.03 -11.91 -20.47
N GLU C 122 38.23 -12.62 -19.36
CA GLU C 122 37.11 -13.10 -18.57
C GLU C 122 36.49 -11.96 -17.74
N VAL C 123 35.20 -11.73 -17.97
CA VAL C 123 34.43 -10.75 -17.23
C VAL C 123 33.56 -11.43 -16.19
N GLN C 124 33.76 -10.98 -14.95
CA GLN C 124 33.07 -11.48 -13.77
C GLN C 124 32.12 -10.42 -13.19
N ASN C 125 30.83 -10.66 -13.33
CA ASN C 125 29.81 -9.71 -12.89
C ASN C 125 28.89 -10.28 -11.81
N TYR C 126 29.00 -9.74 -10.61
CA TYR C 126 28.12 -10.15 -9.52
C TYR C 126 27.02 -9.12 -9.31
N LYS C 127 25.79 -9.59 -9.07
CA LYS C 127 24.69 -8.67 -8.75
C LYS C 127 23.47 -9.38 -8.18
N PRO C 128 22.91 -8.82 -7.10
CA PRO C 128 21.66 -9.29 -6.51
C PRO C 128 20.45 -8.74 -7.24
N LEU C 129 19.40 -9.55 -7.36
CA LEU C 129 18.19 -9.16 -8.08
C LEU C 129 16.95 -9.44 -7.24
N GLN C 130 16.01 -8.50 -7.27
CA GLN C 130 14.69 -8.75 -6.69
C GLN C 130 13.74 -9.14 -7.80
N LEU C 131 13.30 -10.40 -7.79
CA LEU C 131 12.51 -10.94 -8.88
C LEU C 131 11.03 -10.98 -8.56
N VAL C 132 10.26 -10.16 -9.25
CA VAL C 132 8.80 -10.25 -9.21
C VAL C 132 8.33 -10.96 -10.47
N THR C 133 8.15 -12.27 -10.38
CA THR C 133 7.84 -13.07 -11.56
C THR C 133 6.51 -13.80 -11.39
N ALA C 134 5.72 -13.85 -12.47
CA ALA C 134 4.43 -14.52 -12.41
C ALA C 134 4.62 -16.03 -12.42
N CYS C 135 3.87 -16.72 -11.57
CA CYS C 135 3.99 -18.16 -11.43
C CYS C 135 2.64 -18.81 -11.19
N SER C 136 2.31 -19.82 -11.99
CA SER C 136 1.05 -20.53 -11.85
C SER C 136 1.09 -21.44 -10.62
N LEU C 137 0.27 -21.11 -9.63
CA LEU C 137 0.30 -21.82 -8.36
C LEU C 137 -0.88 -22.78 -8.23
N ASP C 138 -0.66 -23.91 -7.57
CA ASP C 138 -1.72 -24.89 -7.33
C ASP C 138 -1.90 -25.12 -5.84
N ILE C 139 -2.97 -24.55 -5.29
CA ILE C 139 -3.24 -24.62 -3.85
C ILE C 139 -4.20 -25.73 -3.47
N TYR C 140 -4.25 -26.78 -4.30
CA TYR C 140 -5.15 -27.91 -4.09
C TYR C 140 -5.08 -28.47 -2.66
N ASN C 141 -3.91 -28.96 -2.29
CA ASN C 141 -3.68 -29.38 -0.89
C ASN C 141 -3.13 -28.20 -0.09
N PHE C 142 -4.01 -27.38 0.45
CA PHE C 142 -3.63 -26.08 1.00
C PHE C 142 -2.56 -26.14 2.11
N PRO C 143 -2.79 -26.93 3.18
CA PRO C 143 -1.76 -26.88 4.23
C PRO C 143 -0.44 -27.51 3.77
N PHE C 144 -0.51 -28.62 3.05
CA PHE C 144 0.70 -29.26 2.54
C PHE C 144 0.74 -29.22 1.02
N ASP C 145 1.20 -28.09 0.48
CA ASP C 145 1.30 -27.94 -0.96
C ASP C 145 2.72 -27.63 -1.39
N VAL C 146 3.12 -28.18 -2.53
CA VAL C 146 4.41 -27.87 -3.12
C VAL C 146 4.17 -26.97 -4.33
N GLN C 147 5.10 -26.05 -4.55
CA GLN C 147 4.97 -25.10 -5.64
C GLN C 147 6.17 -25.17 -6.57
N ASN C 148 5.88 -24.98 -7.86
CA ASN C 148 6.86 -25.13 -8.93
C ASN C 148 6.87 -23.89 -9.80
N CYS C 149 7.88 -23.05 -9.63
CA CYS C 149 7.93 -21.79 -10.37
C CYS C 149 9.12 -21.71 -11.31
N SER C 150 8.87 -21.20 -12.52
CA SER C 150 9.92 -21.14 -13.54
C SER C 150 10.61 -19.78 -13.58
N LEU C 151 11.92 -19.80 -13.78
CA LEU C 151 12.70 -18.59 -14.02
C LEU C 151 13.52 -18.76 -15.29
N THR C 152 13.02 -18.24 -16.40
CA THR C 152 13.65 -18.47 -17.70
C THR C 152 14.59 -17.34 -18.09
N PHE C 153 15.89 -17.58 -17.95
CA PHE C 153 16.90 -16.59 -18.32
C PHE C 153 17.20 -16.67 -19.81
N THR C 154 17.02 -15.55 -20.51
CA THR C 154 17.29 -15.51 -21.94
C THR C 154 17.53 -14.09 -22.42
N SER C 155 18.33 -13.95 -23.48
CA SER C 155 18.54 -12.67 -24.12
C SER C 155 17.26 -12.23 -24.82
N TRP C 156 16.82 -11.01 -24.52
CA TRP C 156 15.54 -10.52 -25.03
C TRP C 156 15.61 -10.12 -26.50
N LEU C 157 16.83 -10.09 -27.05
CA LEU C 157 17.02 -9.70 -28.45
C LEU C 157 17.93 -10.66 -29.20
N HIS C 158 19.14 -10.84 -28.69
CA HIS C 158 20.18 -11.59 -29.40
C HIS C 158 19.84 -13.05 -29.63
N THR C 159 20.20 -13.55 -30.81
CA THR C 159 19.99 -14.94 -31.15
C THR C 159 21.04 -15.82 -30.47
N ILE C 160 20.96 -17.13 -30.70
CA ILE C 160 21.90 -18.06 -30.07
C ILE C 160 23.28 -17.97 -30.71
N GLN C 161 23.36 -17.34 -31.88
CA GLN C 161 24.64 -17.16 -32.56
C GLN C 161 25.35 -15.89 -32.10
N ASP C 162 24.69 -15.13 -31.23
CA ASP C 162 25.28 -13.93 -30.64
C ASP C 162 25.52 -14.13 -29.15
N ILE C 163 24.47 -14.46 -28.42
CA ILE C 163 24.58 -14.70 -26.99
C ILE C 163 24.04 -16.08 -26.64
N ASN C 164 24.85 -16.87 -25.94
CA ASN C 164 24.44 -18.21 -25.52
C ASN C 164 24.67 -18.38 -24.02
N ILE C 165 23.75 -19.10 -23.36
CA ILE C 165 23.79 -19.19 -21.90
C ILE C 165 24.15 -20.59 -21.40
N THR C 166 25.09 -20.66 -20.47
CA THR C 166 25.51 -21.91 -19.85
C THR C 166 25.49 -21.78 -18.33
N LEU C 167 25.99 -22.80 -17.65
CA LEU C 167 26.06 -22.78 -16.19
C LEU C 167 27.50 -22.62 -15.71
N TRP C 168 27.74 -21.58 -14.91
CA TRP C 168 29.05 -21.34 -14.31
C TRP C 168 29.58 -22.55 -13.56
N ARG C 169 28.70 -23.24 -12.85
CA ARG C 169 29.10 -24.42 -12.08
C ARG C 169 28.09 -25.55 -12.28
N SER C 170 28.42 -26.73 -11.76
CA SER C 170 27.61 -27.93 -11.94
C SER C 170 26.14 -27.73 -11.56
N PRO C 171 25.24 -28.30 -12.37
CA PRO C 171 23.79 -28.18 -12.14
C PRO C 171 23.36 -28.81 -10.83
N GLU C 172 24.13 -29.77 -10.34
CA GLU C 172 23.83 -30.41 -9.07
C GLU C 172 24.19 -29.47 -7.92
N GLU C 173 25.28 -28.72 -8.09
CA GLU C 173 25.68 -27.70 -7.12
C GLU C 173 24.61 -26.61 -7.05
N VAL C 174 24.12 -26.18 -8.21
CA VAL C 174 23.07 -25.18 -8.30
C VAL C 174 21.79 -25.69 -7.65
N ARG C 175 21.49 -26.96 -7.91
CA ARG C 175 20.28 -27.60 -7.37
C ARG C 175 20.31 -27.68 -5.84
N SER C 176 21.39 -28.25 -5.30
CA SER C 176 21.49 -28.52 -3.88
C SER C 176 21.81 -27.27 -3.06
N ASP C 177 22.12 -26.17 -3.73
CA ASP C 177 22.55 -24.95 -3.04
C ASP C 177 21.42 -24.37 -2.20
N LYS C 178 21.50 -24.58 -0.90
CA LYS C 178 20.56 -23.99 0.04
C LYS C 178 21.31 -23.04 0.98
N SER C 179 22.59 -22.86 0.70
CA SER C 179 23.42 -21.95 1.49
C SER C 179 23.04 -20.51 1.16
N ILE C 180 23.18 -19.64 2.15
CA ILE C 180 22.74 -18.25 2.05
C ILE C 180 21.26 -18.24 1.65
N PHE C 181 20.45 -18.96 2.41
CA PHE C 181 19.00 -18.95 2.22
C PHE C 181 18.33 -18.89 3.58
N ILE C 182 17.27 -18.11 3.68
CA ILE C 182 16.62 -17.85 4.95
C ILE C 182 15.42 -18.77 5.20
N ASN C 183 15.55 -19.64 6.19
CA ASN C 183 14.44 -20.48 6.63
C ASN C 183 13.61 -19.76 7.68
N GLN C 184 12.85 -20.54 8.46
CA GLN C 184 11.98 -20.00 9.51
C GLN C 184 10.90 -19.10 8.93
N GLY C 185 10.62 -19.30 7.64
CA GLY C 185 9.61 -18.52 6.96
C GLY C 185 8.38 -19.35 6.65
N GLU C 186 7.49 -18.81 5.83
CA GLU C 186 6.27 -19.50 5.46
C GLU C 186 6.56 -20.63 4.47
N TRP C 187 7.65 -20.49 3.72
CA TRP C 187 7.99 -21.46 2.68
C TRP C 187 9.36 -22.11 2.90
N GLU C 188 9.47 -23.35 2.45
CA GLU C 188 10.72 -24.10 2.53
C GLU C 188 11.24 -24.44 1.14
N LEU C 189 12.44 -23.98 0.83
CA LEU C 189 13.05 -24.25 -0.48
C LEU C 189 13.47 -25.71 -0.57
N LEU C 190 12.98 -26.39 -1.61
CA LEU C 190 13.35 -27.78 -1.83
C LEU C 190 14.56 -27.86 -2.75
N GLU C 191 14.40 -27.35 -3.97
CA GLU C 191 15.51 -27.35 -4.92
C GLU C 191 15.34 -26.27 -5.99
N VAL C 192 16.46 -25.89 -6.60
CA VAL C 192 16.44 -25.02 -7.77
C VAL C 192 17.05 -25.77 -8.94
N PHE C 193 16.20 -26.33 -9.79
CA PHE C 193 16.62 -27.23 -10.86
C PHE C 193 16.85 -26.48 -12.18
N PRO C 194 18.12 -26.38 -12.61
CA PRO C 194 18.46 -25.73 -13.87
C PRO C 194 18.29 -26.66 -15.07
N GLN C 195 17.88 -26.10 -16.20
CA GLN C 195 17.73 -26.87 -17.44
C GLN C 195 17.91 -25.97 -18.65
N PHE C 196 18.76 -26.40 -19.58
CA PHE C 196 19.01 -25.65 -20.80
C PHE C 196 18.01 -26.04 -21.89
N LYS C 197 17.57 -25.07 -22.66
CA LYS C 197 16.66 -25.31 -23.77
C LYS C 197 16.92 -24.35 -24.92
N GLU C 198 16.78 -24.84 -26.15
CA GLU C 198 16.90 -23.96 -27.31
C GLU C 198 15.51 -23.63 -27.85
N PHE C 199 15.06 -22.40 -27.61
CA PHE C 199 13.71 -22.00 -27.97
C PHE C 199 13.65 -21.26 -29.30
N SER C 200 12.78 -21.72 -30.18
CA SER C 200 12.57 -21.05 -31.45
C SER C 200 11.09 -20.91 -31.76
N ILE C 201 10.70 -19.75 -32.25
CA ILE C 201 9.31 -19.52 -32.65
C ILE C 201 9.21 -19.69 -34.17
N ASP C 202 10.36 -19.90 -34.79
CA ASP C 202 10.43 -20.08 -36.24
C ASP C 202 11.78 -20.66 -36.65
N ILE C 203 11.93 -20.94 -37.94
CA ILE C 203 13.21 -21.39 -38.49
C ILE C 203 14.14 -20.17 -38.64
N SER C 204 15.44 -20.42 -38.65
CA SER C 204 16.49 -19.42 -38.90
C SER C 204 16.70 -18.46 -37.73
N ASN C 205 15.81 -18.50 -36.74
CA ASN C 205 15.97 -17.68 -35.54
C ASN C 205 15.76 -18.49 -34.27
N SER C 206 16.87 -18.82 -33.61
CA SER C 206 16.82 -19.59 -32.37
C SER C 206 17.45 -18.82 -31.21
N TYR C 207 16.83 -18.93 -30.04
CA TYR C 207 17.29 -18.22 -28.86
C TYR C 207 17.67 -19.21 -27.76
N ALA C 208 18.59 -18.80 -26.89
CA ALA C 208 19.06 -19.66 -25.81
C ALA C 208 18.30 -19.40 -24.53
N GLU C 209 17.70 -20.45 -23.98
CA GLU C 209 16.98 -20.37 -22.72
C GLU C 209 17.66 -21.18 -21.62
N MET C 210 17.75 -20.59 -20.44
CA MET C 210 18.24 -21.28 -19.26
C MET C 210 17.20 -21.20 -18.15
N LYS C 211 16.43 -22.26 -17.99
CA LYS C 211 15.34 -22.27 -17.02
C LYS C 211 15.83 -22.69 -15.64
N PHE C 212 15.25 -22.07 -14.62
CA PHE C 212 15.50 -22.44 -13.24
C PHE C 212 14.18 -22.72 -12.55
N TYR C 213 13.91 -23.99 -12.28
CA TYR C 213 12.69 -24.36 -11.58
C TYR C 213 12.92 -24.30 -10.08
N VAL C 214 12.39 -23.25 -9.46
CA VAL C 214 12.45 -23.13 -8.01
C VAL C 214 11.24 -23.82 -7.42
N ILE C 215 11.51 -24.82 -6.57
CA ILE C 215 10.45 -25.60 -5.95
C ILE C 215 10.40 -25.33 -4.46
N ILE C 216 9.25 -24.84 -3.99
CA ILE C 216 9.12 -24.45 -2.58
C ILE C 216 7.95 -25.14 -1.89
N ARG C 217 8.17 -25.56 -0.65
CA ARG C 217 7.13 -26.25 0.09
C ARG C 217 6.66 -25.43 1.30
N ARG C 218 5.34 -25.42 1.51
CA ARG C 218 4.75 -24.62 2.58
C ARG C 218 4.96 -25.27 3.95
N ARG C 219 4.95 -24.45 5.00
CA ARG C 219 5.08 -24.95 6.36
C ARG C 219 3.71 -24.98 7.04
N PRO C 220 3.13 -26.18 7.17
CA PRO C 220 1.77 -26.36 7.69
C PRO C 220 1.70 -26.27 9.22
N LEU C 221 2.08 -25.13 9.77
CA LEU C 221 2.03 -24.93 11.21
C LEU C 221 1.22 -23.70 11.58
N PHE C 222 1.53 -22.58 10.94
CA PHE C 222 0.78 -21.34 11.14
C PHE C 222 -0.68 -21.50 10.73
N TYR C 223 -0.91 -22.32 9.70
CA TYR C 223 -2.26 -22.56 9.21
C TYR C 223 -2.90 -23.76 9.89
N ALA C 224 -2.15 -24.42 10.77
CA ALA C 224 -2.68 -25.56 11.50
C ALA C 224 -3.61 -25.11 12.62
N VAL C 225 -3.05 -24.49 13.65
CA VAL C 225 -3.82 -24.01 14.80
C VAL C 225 -4.98 -23.10 14.40
N SER C 226 -4.69 -22.14 13.51
CA SER C 226 -5.65 -21.14 13.09
C SER C 226 -6.86 -21.73 12.36
N LEU C 227 -6.77 -23.02 12.06
CA LEU C 227 -7.84 -23.72 11.36
C LEU C 227 -8.49 -24.75 12.27
N LEU C 228 -7.70 -25.72 12.71
CA LEU C 228 -8.26 -26.85 13.45
C LEU C 228 -8.60 -26.54 14.91
N LEU C 229 -7.86 -25.62 15.54
CA LEU C 229 -8.11 -25.35 16.97
C LEU C 229 -9.52 -24.81 17.26
N PRO C 230 -9.96 -23.76 16.54
CA PRO C 230 -11.30 -23.25 16.86
C PRO C 230 -12.41 -24.26 16.53
N SER C 231 -12.18 -25.08 15.51
CA SER C 231 -13.16 -26.08 15.11
C SER C 231 -13.38 -27.13 16.19
N ILE C 232 -12.28 -27.68 16.71
CA ILE C 232 -12.38 -28.70 17.75
C ILE C 232 -12.84 -28.07 19.06
N PHE C 233 -12.52 -26.79 19.24
CA PHE C 233 -12.99 -26.06 20.41
C PHE C 233 -14.50 -25.96 20.41
N LEU C 234 -15.06 -25.42 19.33
CA LEU C 234 -16.50 -25.28 19.20
C LEU C 234 -17.17 -26.66 19.19
N MET C 235 -16.41 -27.67 18.77
CA MET C 235 -16.91 -29.04 18.77
C MET C 235 -17.13 -29.53 20.18
N VAL C 236 -16.11 -29.40 21.03
CA VAL C 236 -16.24 -29.88 22.41
C VAL C 236 -17.20 -28.99 23.20
N VAL C 237 -17.34 -27.73 22.79
CA VAL C 237 -18.33 -26.86 23.40
C VAL C 237 -19.73 -27.34 23.05
N ASP C 238 -19.90 -27.82 21.83
CA ASP C 238 -21.17 -28.40 21.41
C ASP C 238 -21.45 -29.68 22.18
N ILE C 239 -20.40 -30.47 22.40
CA ILE C 239 -20.51 -31.70 23.20
C ILE C 239 -20.99 -31.36 24.61
N VAL C 240 -20.45 -30.29 25.17
CA VAL C 240 -20.92 -29.79 26.46
C VAL C 240 -22.39 -29.35 26.34
N GLY C 241 -22.74 -28.83 25.17
CA GLY C 241 -24.10 -28.37 24.91
C GLY C 241 -25.14 -29.47 24.88
N PHE C 242 -24.73 -30.68 24.51
CA PHE C 242 -25.66 -31.81 24.53
C PHE C 242 -26.11 -32.17 25.94
N CYS C 243 -25.27 -31.89 26.93
CA CYS C 243 -25.56 -32.24 28.32
C CYS C 243 -26.76 -31.46 28.87
N LEU C 244 -27.10 -30.35 28.22
CA LEU C 244 -28.28 -29.59 28.58
C LEU C 244 -29.55 -30.38 28.29
N PRO C 245 -30.44 -30.50 29.30
CA PRO C 245 -31.72 -31.20 29.12
C PRO C 245 -32.62 -30.45 28.14
N PRO C 246 -33.32 -31.19 27.26
CA PRO C 246 -34.24 -30.65 26.26
C PRO C 246 -35.36 -29.80 26.86
N ASP C 247 -35.70 -30.06 28.12
CA ASP C 247 -36.77 -29.35 28.79
C ASP C 247 -36.43 -27.90 29.09
N SER C 248 -35.15 -27.64 29.38
CA SER C 248 -34.67 -26.30 29.73
C SER C 248 -35.05 -25.23 28.72
N GLY C 249 -34.87 -25.53 27.44
CA GLY C 249 -35.17 -24.57 26.39
C GLY C 249 -33.96 -23.73 26.02
N GLU C 250 -33.03 -23.60 26.95
CA GLU C 250 -31.79 -22.86 26.71
C GLU C 250 -30.86 -23.65 25.79
N ARG C 251 -31.16 -24.93 25.62
CA ARG C 251 -30.39 -25.81 24.76
C ARG C 251 -30.48 -25.39 23.28
N VAL C 252 -31.66 -24.93 22.88
CA VAL C 252 -31.90 -24.50 21.52
C VAL C 252 -31.10 -23.22 21.22
N SER C 253 -31.18 -22.27 22.13
CA SER C 253 -30.42 -21.03 22.03
C SER C 253 -28.92 -21.32 22.05
N PHE C 254 -28.55 -22.35 22.81
CA PHE C 254 -27.18 -22.82 22.86
C PHE C 254 -26.72 -23.21 21.46
N LYS C 255 -27.45 -24.12 20.83
CA LYS C 255 -27.06 -24.65 19.53
C LYS C 255 -27.07 -23.56 18.46
N ILE C 256 -28.04 -22.66 18.56
CA ILE C 256 -28.15 -21.55 17.61
C ILE C 256 -26.99 -20.58 17.73
N THR C 257 -26.67 -20.18 18.95
CA THR C 257 -25.57 -19.25 19.18
C THR C 257 -24.23 -19.87 18.76
N LEU C 258 -24.06 -21.16 19.07
CA LEU C 258 -22.84 -21.85 18.68
C LEU C 258 -22.71 -21.92 17.16
N LEU C 259 -23.83 -22.21 16.50
CA LEU C 259 -23.85 -22.26 15.04
C LEU C 259 -23.51 -20.91 14.45
N LEU C 260 -24.01 -19.85 15.08
CA LEU C 260 -23.70 -18.48 14.67
C LEU C 260 -22.21 -18.20 14.82
N GLY C 261 -21.64 -18.63 15.94
CA GLY C 261 -20.23 -18.42 16.20
C GLY C 261 -19.35 -19.14 15.21
N TYR C 262 -19.75 -20.35 14.82
CA TYR C 262 -18.98 -21.11 13.85
C TYR C 262 -19.16 -20.52 12.46
N SER C 263 -20.33 -19.94 12.21
CA SER C 263 -20.61 -19.27 10.94
C SER C 263 -19.74 -18.04 10.76
N VAL C 264 -19.71 -17.16 11.77
CA VAL C 264 -18.89 -15.97 11.70
C VAL C 264 -17.41 -16.38 11.69
N PHE C 265 -17.10 -17.50 12.33
CA PHE C 265 -15.75 -18.04 12.29
C PHE C 265 -15.33 -18.41 10.86
N LEU C 266 -16.19 -19.17 10.18
CA LEU C 266 -15.87 -19.61 8.82
C LEU C 266 -15.89 -18.45 7.84
N ILE C 267 -16.61 -17.39 8.20
CA ILE C 267 -16.60 -16.18 7.38
C ILE C 267 -15.29 -15.41 7.59
N ILE C 268 -14.79 -15.42 8.82
CA ILE C 268 -13.52 -14.78 9.12
C ILE C 268 -12.34 -15.56 8.50
N VAL C 269 -12.39 -16.88 8.60
CA VAL C 269 -11.32 -17.72 8.06
C VAL C 269 -11.42 -17.82 6.54
N SER C 270 -12.52 -17.31 5.98
CA SER C 270 -12.71 -17.29 4.54
C SER C 270 -11.70 -16.37 3.87
N ASP C 271 -11.23 -15.37 4.61
CA ASP C 271 -10.18 -14.48 4.13
C ASP C 271 -8.82 -14.91 4.66
N THR C 272 -8.27 -15.96 4.07
CA THR C 272 -6.93 -16.44 4.40
C THR C 272 -6.21 -16.83 3.12
N LEU C 273 -6.81 -17.76 2.39
CA LEU C 273 -6.27 -18.20 1.10
C LEU C 273 -7.40 -18.43 0.09
N PRO C 274 -7.31 -17.79 -1.07
CA PRO C 274 -8.31 -17.96 -2.13
C PRO C 274 -8.05 -19.22 -2.97
N ALA C 275 -9.05 -19.65 -3.72
CA ALA C 275 -8.92 -20.82 -4.59
C ALA C 275 -9.39 -20.52 -6.00
N THR C 280 -11.55 -24.98 -5.69
CA THR C 280 -11.79 -25.38 -4.31
C THR C 280 -10.49 -25.70 -3.58
N PRO C 281 -10.37 -25.23 -2.33
CA PRO C 281 -9.18 -25.45 -1.50
C PRO C 281 -9.07 -26.88 -0.99
N LEU C 282 -10.12 -27.68 -1.21
CA LEU C 282 -10.18 -29.09 -0.81
C LEU C 282 -10.20 -29.28 0.72
N ILE C 283 -9.56 -28.37 1.44
CA ILE C 283 -9.57 -28.41 2.89
C ILE C 283 -10.89 -27.86 3.42
N GLY C 284 -11.63 -27.21 2.52
CA GLY C 284 -12.95 -26.70 2.85
C GLY C 284 -13.94 -27.83 3.05
N VAL C 285 -13.72 -28.95 2.36
CA VAL C 285 -14.55 -30.13 2.52
C VAL C 285 -14.41 -30.68 3.93
N TYR C 286 -13.16 -30.76 4.39
CA TYR C 286 -12.85 -31.26 5.73
C TYR C 286 -13.25 -30.24 6.79
N PHE C 287 -13.94 -29.20 6.34
CA PHE C 287 -14.39 -28.10 7.18
C PHE C 287 -15.92 -28.04 7.12
N VAL C 288 -16.45 -28.11 5.90
CA VAL C 288 -17.88 -28.17 5.68
C VAL C 288 -18.45 -29.45 6.29
N VAL C 289 -17.59 -30.44 6.52
CA VAL C 289 -17.98 -31.62 7.29
C VAL C 289 -18.37 -31.21 8.70
N CYS C 290 -17.52 -30.41 9.35
CA CYS C 290 -17.81 -29.90 10.68
C CYS C 290 -19.05 -29.02 10.68
N MET C 291 -19.17 -28.20 9.64
CA MET C 291 -20.33 -27.33 9.47
C MET C 291 -21.63 -28.15 9.47
N ALA C 292 -21.65 -29.18 8.63
CA ALA C 292 -22.80 -30.07 8.52
C ALA C 292 -23.02 -30.85 9.81
N LEU C 293 -21.94 -31.09 10.54
CA LEU C 293 -22.02 -31.79 11.82
C LEU C 293 -22.76 -30.95 12.84
N LEU C 294 -22.49 -29.64 12.83
CA LEU C 294 -23.19 -28.74 13.73
C LEU C 294 -24.63 -28.57 13.28
N VAL C 295 -24.84 -28.63 11.97
CA VAL C 295 -26.19 -28.53 11.42
C VAL C 295 -27.07 -29.70 11.88
N ILE C 296 -26.56 -30.92 11.72
CA ILE C 296 -27.30 -32.11 12.12
C ILE C 296 -27.40 -32.20 13.64
N SER C 297 -26.45 -31.60 14.33
CA SER C 297 -26.54 -31.47 15.78
C SER C 297 -27.75 -30.64 16.16
N LEU C 298 -27.89 -29.50 15.49
CA LEU C 298 -29.00 -28.59 15.73
C LEU C 298 -30.32 -29.27 15.39
N ALA C 299 -30.33 -29.98 14.26
CA ALA C 299 -31.51 -30.70 13.81
C ALA C 299 -31.92 -31.77 14.83
N GLU C 300 -30.92 -32.40 15.42
CA GLU C 300 -31.17 -33.40 16.46
C GLU C 300 -31.83 -32.72 17.66
N THR C 301 -31.25 -31.60 18.07
CA THR C 301 -31.77 -30.85 19.23
C THR C 301 -33.22 -30.43 19.04
N ILE C 302 -33.53 -29.84 17.89
CA ILE C 302 -34.90 -29.40 17.63
C ILE C 302 -35.84 -30.60 17.45
N PHE C 303 -35.29 -31.73 17.02
CA PHE C 303 -36.09 -32.94 16.88
C PHE C 303 -36.54 -33.44 18.25
N ILE C 304 -35.59 -33.69 19.14
CA ILE C 304 -35.91 -34.21 20.45
C ILE C 304 -36.68 -33.19 21.28
N VAL C 305 -36.46 -31.90 21.01
CA VAL C 305 -37.20 -30.86 21.71
C VAL C 305 -38.62 -30.78 21.15
N ARG C 306 -38.82 -31.27 19.92
CA ARG C 306 -40.16 -31.38 19.36
C ARG C 306 -40.87 -32.57 19.98
N LEU C 307 -40.12 -33.63 20.27
CA LEU C 307 -40.70 -34.82 20.91
C LEU C 307 -41.24 -34.54 22.30
N VAL C 308 -40.38 -34.10 23.21
CA VAL C 308 -40.81 -33.81 24.57
C VAL C 308 -41.24 -32.36 24.74
N HIS C 309 -42.53 -32.17 25.03
CA HIS C 309 -43.12 -30.85 25.21
C HIS C 309 -44.56 -30.97 25.69
N LYS C 310 -45.10 -29.89 26.23
CA LYS C 310 -46.49 -29.88 26.69
C LYS C 310 -47.37 -29.13 25.69
N GLN C 311 -48.00 -29.88 24.79
CA GLN C 311 -48.86 -29.30 23.77
C GLN C 311 -50.31 -29.75 23.91
N ASP C 312 -50.61 -30.41 25.02
CA ASP C 312 -51.97 -30.82 25.36
C ASP C 312 -52.61 -31.72 24.29
N LEU C 313 -51.78 -32.46 23.55
CA LEU C 313 -52.28 -33.30 22.46
C LEU C 313 -51.72 -34.72 22.49
N GLN C 314 -52.47 -35.62 21.84
CA GLN C 314 -52.01 -36.97 21.50
C GLN C 314 -51.67 -37.88 22.68
N ARG C 315 -51.10 -39.03 22.33
CA ARG C 315 -50.65 -40.05 23.27
C ARG C 315 -49.50 -40.83 22.62
N PRO C 316 -48.59 -41.37 23.43
CA PRO C 316 -47.49 -42.16 22.87
C PRO C 316 -47.98 -43.44 22.21
N VAL C 317 -47.69 -43.60 20.92
CA VAL C 317 -48.12 -44.79 20.19
C VAL C 317 -47.38 -46.03 20.67
N PRO C 318 -48.13 -47.10 20.99
CA PRO C 318 -47.57 -48.34 21.53
C PRO C 318 -46.54 -48.98 20.60
N ASP C 319 -46.82 -48.94 19.31
CA ASP C 319 -45.90 -49.47 18.28
C ASP C 319 -44.51 -48.89 18.43
N TRP C 320 -44.44 -47.57 18.60
CA TRP C 320 -43.15 -46.89 18.75
C TRP C 320 -42.82 -46.67 20.21
N LEU C 321 -43.68 -47.17 21.09
CA LEU C 321 -43.40 -47.16 22.53
C LEU C 321 -42.53 -48.36 22.87
N ARG C 322 -42.84 -49.49 22.26
CA ARG C 322 -42.04 -50.70 22.43
C ARG C 322 -40.69 -50.57 21.74
N HIS C 323 -40.68 -49.86 20.61
CA HIS C 323 -39.46 -49.66 19.82
C HIS C 323 -38.44 -48.78 20.52
N LEU C 324 -38.92 -47.87 21.38
CA LEU C 324 -38.04 -46.90 22.03
C LEU C 324 -37.91 -47.13 23.53
N VAL C 325 -39.03 -47.05 24.24
CA VAL C 325 -39.02 -47.12 25.69
C VAL C 325 -38.74 -48.52 26.22
N LEU C 326 -38.77 -49.52 25.35
CA LEU C 326 -38.55 -50.90 25.76
C LEU C 326 -37.30 -51.50 25.15
N ASP C 327 -37.26 -51.60 23.83
CA ASP C 327 -36.15 -52.22 23.13
C ASP C 327 -34.92 -51.31 23.11
N ARG C 328 -35.11 -50.08 22.66
CA ARG C 328 -34.00 -49.13 22.55
C ARG C 328 -33.47 -48.71 23.91
N ILE C 329 -34.30 -48.87 24.94
CA ILE C 329 -33.89 -48.56 26.31
C ILE C 329 -32.89 -49.60 26.81
N ALA C 330 -33.18 -50.86 26.54
CA ALA C 330 -32.29 -51.95 26.90
C ALA C 330 -31.04 -51.93 26.04
N TRP C 331 -31.21 -51.53 24.77
CA TRP C 331 -30.09 -51.44 23.85
C TRP C 331 -29.14 -50.31 24.24
N ILE C 332 -29.70 -49.22 24.77
CA ILE C 332 -28.89 -48.07 25.16
C ILE C 332 -28.28 -48.28 26.55
N LEU C 333 -28.99 -49.00 27.41
CA LEU C 333 -28.51 -49.26 28.76
C LEU C 333 -27.26 -50.14 28.76
N CYS C 334 -27.16 -51.01 27.75
CA CYS C 334 -26.02 -51.90 27.63
C CYS C 334 -24.95 -51.30 26.72
N VAL C 393 -81.65 -36.26 50.40
CA VAL C 393 -80.58 -36.37 49.40
C VAL C 393 -80.04 -35.00 49.02
N ARG C 394 -78.72 -34.90 48.93
CA ARG C 394 -78.07 -33.63 48.59
C ARG C 394 -77.23 -33.77 47.33
N GLY C 395 -77.17 -32.69 46.54
CA GLY C 395 -76.44 -32.69 45.29
C GLY C 395 -75.00 -32.24 45.41
N LEU C 396 -74.37 -32.54 46.53
CA LEU C 396 -72.98 -32.14 46.75
C LEU C 396 -72.00 -33.01 45.95
N LEU C 397 -72.43 -34.24 45.64
CA LEU C 397 -71.56 -35.19 44.95
C LEU C 397 -71.30 -34.81 43.50
N GLN C 398 -72.29 -34.18 42.88
CA GLN C 398 -72.19 -33.80 41.47
C GLN C 398 -71.19 -32.67 41.26
N GLU C 399 -70.86 -31.96 42.33
CA GLU C 399 -69.87 -30.90 42.28
C GLU C 399 -68.46 -31.48 42.43
N LEU C 400 -68.32 -32.37 43.40
CA LEU C 400 -67.04 -33.02 43.68
C LEU C 400 -66.61 -33.87 42.50
N SER C 401 -67.59 -34.49 41.84
CA SER C 401 -67.33 -35.29 40.65
C SER C 401 -66.72 -34.44 39.54
N SER C 402 -67.26 -33.23 39.37
CA SER C 402 -66.77 -32.31 38.35
C SER C 402 -65.38 -31.78 38.68
N ILE C 403 -65.16 -31.46 39.95
CA ILE C 403 -63.85 -30.97 40.39
C ILE C 403 -62.79 -32.05 40.15
N ARG C 404 -63.11 -33.27 40.57
CA ARG C 404 -62.23 -34.41 40.35
C ARG C 404 -62.00 -34.60 38.86
N HIS C 405 -63.06 -34.38 38.07
CA HIS C 405 -62.97 -34.49 36.62
C HIS C 405 -61.92 -33.55 36.05
N PHE C 406 -61.97 -32.29 36.46
CA PHE C 406 -60.98 -31.31 35.99
C PHE C 406 -59.57 -31.69 36.43
N LEU C 407 -59.47 -32.21 37.66
CA LEU C 407 -58.17 -32.59 38.22
C LEU C 407 -57.52 -33.71 37.41
N GLU C 408 -58.26 -34.79 37.20
CA GLU C 408 -57.71 -35.93 36.46
C GLU C 408 -57.60 -35.59 34.97
N LYS C 409 -58.38 -34.60 34.54
CA LYS C 409 -58.30 -34.11 33.17
C LYS C 409 -56.93 -33.50 32.92
N ARG C 410 -56.45 -32.72 33.89
CA ARG C 410 -55.09 -32.18 33.77
C ARG C 410 -54.03 -33.26 34.00
N ASP C 411 -54.26 -34.09 35.02
CA ASP C 411 -53.30 -35.12 35.41
C ASP C 411 -53.00 -36.10 34.26
N GLU C 412 -54.02 -36.40 33.47
CA GLU C 412 -53.87 -37.32 32.34
C GLU C 412 -52.88 -36.78 31.30
N MET C 413 -53.09 -35.54 30.90
CA MET C 413 -52.21 -34.88 29.94
C MET C 413 -50.80 -34.76 30.52
N ARG C 414 -50.72 -34.57 31.83
CA ARG C 414 -49.42 -34.49 32.49
C ARG C 414 -48.69 -35.84 32.38
N GLU C 415 -49.43 -36.93 32.54
CA GLU C 415 -48.83 -38.27 32.44
C GLU C 415 -48.39 -38.58 31.00
N VAL C 416 -49.20 -38.15 30.04
CA VAL C 416 -48.87 -38.35 28.63
C VAL C 416 -47.58 -37.60 28.30
N ALA C 417 -47.51 -36.35 28.74
CA ALA C 417 -46.32 -35.53 28.57
C ALA C 417 -45.12 -36.19 29.23
N ARG C 418 -45.36 -36.88 30.35
CA ARG C 418 -44.29 -37.60 31.03
C ARG C 418 -43.76 -38.74 30.18
N ASP C 419 -44.66 -39.49 29.55
CA ASP C 419 -44.24 -40.61 28.71
C ASP C 419 -43.47 -40.13 27.48
N TRP C 420 -43.98 -39.07 26.84
CA TRP C 420 -43.29 -38.48 25.70
C TRP C 420 -41.93 -37.94 26.12
N LEU C 421 -41.85 -37.45 27.35
CA LEU C 421 -40.58 -37.01 27.92
C LEU C 421 -39.61 -38.18 28.04
N ARG C 422 -40.12 -39.33 28.45
CA ARG C 422 -39.30 -40.54 28.54
C ARG C 422 -38.73 -40.90 27.16
N VAL C 423 -39.62 -40.98 26.17
CA VAL C 423 -39.21 -41.32 24.81
C VAL C 423 -38.13 -40.36 24.30
N GLY C 424 -38.44 -39.07 24.38
CA GLY C 424 -37.52 -38.02 23.95
C GLY C 424 -36.16 -38.12 24.62
N TYR C 425 -36.16 -38.41 25.92
CA TYR C 425 -34.92 -38.52 26.66
C TYR C 425 -34.09 -39.71 26.20
N VAL C 426 -34.73 -40.86 26.02
CA VAL C 426 -34.03 -42.06 25.56
C VAL C 426 -33.40 -41.81 24.19
N LEU C 427 -34.20 -41.31 23.26
CA LEU C 427 -33.70 -40.99 21.92
C LEU C 427 -32.55 -40.00 21.97
N ASP C 428 -32.69 -38.97 22.81
CA ASP C 428 -31.65 -37.95 22.95
C ASP C 428 -30.33 -38.53 23.44
N ARG C 429 -30.41 -39.42 24.43
CA ARG C 429 -29.21 -40.05 24.97
C ARG C 429 -28.53 -40.95 23.92
N LEU C 430 -29.34 -41.73 23.21
CA LEU C 430 -28.81 -42.61 22.18
C LEU C 430 -28.12 -41.82 21.06
N LEU C 431 -28.79 -40.78 20.57
CA LEU C 431 -28.23 -39.93 19.54
C LEU C 431 -27.01 -39.19 20.03
N PHE C 432 -26.95 -38.93 21.34
CA PHE C 432 -25.76 -38.33 21.93
C PHE C 432 -24.58 -39.28 21.83
N ARG C 433 -24.82 -40.56 22.15
CA ARG C 433 -23.79 -41.57 22.01
C ARG C 433 -23.30 -41.64 20.57
N ILE C 434 -24.24 -41.70 19.64
CA ILE C 434 -23.90 -41.79 18.21
C ILE C 434 -23.07 -40.60 17.74
N TYR C 435 -23.50 -39.40 18.09
CA TYR C 435 -22.80 -38.18 17.69
C TYR C 435 -21.39 -38.15 18.27
N LEU C 436 -21.26 -38.54 19.54
CA LEU C 436 -19.97 -38.54 20.20
C LEU C 436 -19.00 -39.49 19.50
N LEU C 437 -19.48 -40.70 19.23
CA LEU C 437 -18.65 -41.70 18.56
C LEU C 437 -18.27 -41.24 17.15
N ALA C 438 -19.20 -40.57 16.48
CA ALA C 438 -18.94 -40.05 15.14
C ALA C 438 -17.82 -39.01 15.17
N VAL C 439 -17.88 -38.11 16.16
CA VAL C 439 -16.85 -37.09 16.32
C VAL C 439 -15.50 -37.73 16.58
N LEU C 440 -15.47 -38.71 17.48
CA LEU C 440 -14.21 -39.39 17.80
C LEU C 440 -13.61 -40.11 16.59
N ALA C 441 -14.46 -40.75 15.80
CA ALA C 441 -14.00 -41.47 14.60
C ALA C 441 -13.46 -40.49 13.56
N TYR C 442 -14.17 -39.38 13.37
CA TYR C 442 -13.74 -38.35 12.42
C TYR C 442 -12.40 -37.79 12.86
N SER C 443 -12.22 -37.65 14.17
CA SER C 443 -10.98 -37.15 14.73
C SER C 443 -9.82 -38.13 14.54
N ILE C 444 -10.08 -39.42 14.71
CA ILE C 444 -9.02 -40.42 14.57
C ILE C 444 -8.60 -40.54 13.10
N THR C 445 -9.54 -40.32 12.18
CA THR C 445 -9.21 -40.31 10.76
C THR C 445 -8.39 -39.06 10.47
N LEU C 446 -8.76 -37.97 11.13
CA LEU C 446 -8.05 -36.71 10.98
C LEU C 446 -6.59 -36.84 11.40
N VAL C 447 -6.33 -37.46 12.55
CA VAL C 447 -4.97 -37.58 13.03
C VAL C 447 -4.17 -38.64 12.26
N THR C 448 -4.84 -39.68 11.75
CA THR C 448 -4.10 -40.65 10.94
C THR C 448 -3.69 -40.00 9.60
N LEU C 449 -4.52 -39.08 9.11
CA LEU C 449 -4.17 -38.32 7.92
C LEU C 449 -3.07 -37.33 8.22
N TRP C 450 -3.11 -36.75 9.42
CA TRP C 450 -2.07 -35.83 9.87
C TRP C 450 -0.72 -36.56 9.94
N SER C 451 -0.77 -37.81 10.38
CA SER C 451 0.43 -38.62 10.55
C SER C 451 1.01 -39.06 9.21
N ILE C 452 0.16 -39.45 8.27
CA ILE C 452 0.66 -39.95 6.99
C ILE C 452 1.35 -38.86 6.14
N TRP C 453 0.93 -37.61 6.29
CA TRP C 453 1.56 -36.51 5.56
C TRP C 453 2.91 -36.14 6.17
N THR D 8 49.88 31.25 -9.69
CA THR D 8 48.84 32.23 -9.96
C THR D 8 47.95 32.44 -8.74
N GLN D 9 46.84 33.15 -8.92
CA GLN D 9 45.95 33.44 -7.80
C GLN D 9 44.43 33.24 -8.03
N PRO D 10 44.02 32.12 -8.69
CA PRO D 10 42.59 31.83 -8.58
C PRO D 10 42.24 31.08 -7.30
N ALA D 11 43.28 30.79 -6.51
CA ALA D 11 43.18 30.03 -5.25
C ALA D 11 42.82 28.56 -5.45
N LEU D 12 41.91 28.06 -4.60
CA LEU D 12 41.67 26.62 -4.49
C LEU D 12 41.12 25.99 -5.77
N LEU D 13 40.61 26.83 -6.66
CA LEU D 13 40.11 26.33 -7.94
C LEU D 13 41.23 25.63 -8.68
N ARG D 14 42.44 26.17 -8.56
CA ARG D 14 43.62 25.56 -9.16
C ARG D 14 43.74 24.13 -8.68
N LEU D 15 43.65 23.97 -7.36
CA LEU D 15 43.75 22.67 -6.74
C LEU D 15 42.72 21.74 -7.40
N SER D 16 41.48 22.21 -7.47
CA SER D 16 40.39 21.43 -8.04
C SER D 16 40.73 20.92 -9.42
N ASP D 17 41.39 21.76 -10.21
CA ASP D 17 41.85 21.35 -11.53
C ASP D 17 42.97 20.33 -11.38
N HIS D 18 44.02 20.73 -10.67
CA HIS D 18 45.26 19.96 -10.56
C HIS D 18 45.03 18.49 -10.21
N LEU D 19 44.10 18.25 -9.28
CA LEU D 19 43.76 16.90 -8.87
C LEU D 19 42.93 16.18 -9.93
N LEU D 20 41.89 16.85 -10.41
CA LEU D 20 40.87 16.18 -11.23
C LEU D 20 41.06 16.34 -12.74
N ALA D 21 42.20 16.92 -13.14
CA ALA D 21 42.49 17.14 -14.55
C ALA D 21 42.51 15.84 -15.35
N ASN D 22 43.43 14.95 -15.00
CA ASN D 22 43.59 13.68 -15.70
C ASN D 22 43.11 12.51 -14.87
N TYR D 23 42.43 12.82 -13.77
CA TYR D 23 41.97 11.81 -12.81
C TYR D 23 40.93 10.87 -13.40
N LYS D 24 41.29 9.61 -13.55
CA LYS D 24 40.35 8.60 -13.99
C LYS D 24 39.67 7.95 -12.79
N LYS D 25 38.37 8.14 -12.68
CA LYS D 25 37.61 7.68 -11.53
C LYS D 25 37.26 6.20 -11.60
N GLY D 26 37.68 5.54 -12.68
CA GLY D 26 37.40 4.13 -12.86
C GLY D 26 38.44 3.21 -12.24
N VAL D 27 39.69 3.68 -12.22
CA VAL D 27 40.79 2.89 -11.67
C VAL D 27 40.93 3.11 -10.17
N ARG D 28 41.19 2.03 -9.44
CA ARG D 28 41.37 2.11 -7.99
C ARG D 28 42.60 2.96 -7.65
N PRO D 29 42.41 3.98 -6.79
CA PRO D 29 43.45 4.97 -6.48
C PRO D 29 44.62 4.42 -5.68
N VAL D 30 45.52 3.70 -6.36
CA VAL D 30 46.75 3.23 -5.75
C VAL D 30 47.91 3.32 -6.75
N ARG D 31 49.04 3.83 -6.30
CA ARG D 31 50.23 3.91 -7.13
C ARG D 31 50.80 2.52 -7.35
N ASP D 32 50.80 1.72 -6.30
CA ASP D 32 51.14 0.31 -6.40
C ASP D 32 49.87 -0.53 -6.38
N TRP D 33 49.64 -1.27 -7.45
CA TRP D 33 48.41 -2.04 -7.59
C TRP D 33 48.30 -3.17 -6.56
N ARG D 34 49.44 -3.54 -5.99
CA ARG D 34 49.48 -4.58 -4.97
C ARG D 34 48.96 -4.07 -3.64
N LYS D 35 49.04 -2.75 -3.45
CA LYS D 35 48.57 -2.12 -2.21
C LYS D 35 47.05 -2.02 -2.17
N PRO D 36 46.44 -2.66 -1.16
CA PRO D 36 44.98 -2.64 -0.98
C PRO D 36 44.47 -1.31 -0.42
N THR D 37 43.27 -0.91 -0.83
CA THR D 37 42.65 0.29 -0.30
C THR D 37 41.77 -0.07 0.90
N THR D 38 42.14 0.43 2.07
CA THR D 38 41.43 0.10 3.30
C THR D 38 40.37 1.15 3.63
N VAL D 39 39.12 0.70 3.76
CA VAL D 39 38.02 1.60 4.07
C VAL D 39 37.55 1.47 5.51
N SER D 40 37.83 2.49 6.31
CA SER D 40 37.33 2.56 7.69
C SER D 40 35.89 3.06 7.67
N ILE D 41 34.98 2.25 8.18
CA ILE D 41 33.56 2.58 8.14
C ILE D 41 32.98 2.83 9.53
N ASP D 42 31.86 3.53 9.60
CA ASP D 42 31.21 3.80 10.87
C ASP D 42 29.69 3.81 10.72
N VAL D 43 29.00 3.18 11.67
CA VAL D 43 27.55 3.04 11.59
C VAL D 43 26.87 3.60 12.83
N ILE D 44 25.88 4.47 12.63
CA ILE D 44 25.08 5.00 13.73
C ILE D 44 23.60 4.69 13.54
N MET D 45 23.00 4.02 14.53
CA MET D 45 21.59 3.67 14.45
C MET D 45 20.71 4.88 14.77
N TYR D 46 19.94 5.34 13.79
CA TYR D 46 19.08 6.50 14.01
C TYR D 46 17.69 6.10 14.48
N ALA D 47 17.11 5.10 13.84
CA ALA D 47 15.78 4.63 14.21
C ALA D 47 15.49 3.24 13.65
N ILE D 48 14.75 2.45 14.42
CA ILE D 48 14.19 1.21 13.91
C ILE D 48 12.82 1.57 13.35
N LEU D 49 12.71 1.60 12.02
CA LEU D 49 11.49 2.07 11.37
C LEU D 49 10.38 1.05 11.51
N ASN D 50 10.63 -0.18 11.11
CA ASN D 50 9.60 -1.22 11.24
C ASN D 50 10.18 -2.63 11.20
N VAL D 51 9.66 -3.50 12.06
CA VAL D 51 9.98 -4.92 11.96
C VAL D 51 8.79 -5.65 11.36
N ASP D 52 9.06 -6.51 10.39
CA ASP D 52 8.02 -7.35 9.82
C ASP D 52 8.27 -8.78 10.27
N GLU D 53 7.52 -9.20 11.29
CA GLU D 53 7.68 -10.53 11.88
C GLU D 53 7.23 -11.63 10.92
N LYS D 54 6.19 -11.34 10.15
CA LYS D 54 5.63 -12.32 9.22
C LYS D 54 6.61 -12.64 8.10
N ASN D 55 7.05 -11.59 7.40
CA ASN D 55 7.97 -11.76 6.28
C ASN D 55 9.43 -11.82 6.74
N GLN D 56 9.63 -11.65 8.05
CA GLN D 56 10.96 -11.65 8.65
C GLN D 56 11.90 -10.66 7.98
N VAL D 57 11.56 -9.37 8.05
CA VAL D 57 12.42 -8.34 7.47
C VAL D 57 12.41 -7.04 8.29
N LEU D 58 13.61 -6.58 8.62
CA LEU D 58 13.81 -5.39 9.42
C LEU D 58 14.16 -4.16 8.57
N THR D 59 13.45 -3.07 8.82
CA THR D 59 13.70 -1.80 8.14
C THR D 59 14.15 -0.74 9.14
N THR D 60 15.38 -0.27 8.96
CA THR D 60 16.00 0.69 9.89
C THR D 60 16.63 1.85 9.13
N TYR D 61 16.99 2.90 9.85
CA TYR D 61 17.69 4.03 9.23
C TYR D 61 19.04 4.27 9.92
N ILE D 62 20.10 4.30 9.11
CA ILE D 62 21.47 4.37 9.60
C ILE D 62 22.19 5.62 9.09
N TRP D 63 22.99 6.25 9.94
CA TRP D 63 23.93 7.28 9.51
C TRP D 63 25.28 6.63 9.27
N TYR D 64 25.73 6.66 8.01
CA TYR D 64 26.90 5.90 7.59
C TYR D 64 28.08 6.78 7.21
N ARG D 65 29.27 6.34 7.63
CA ARG D 65 30.52 7.07 7.40
C ARG D 65 31.55 6.20 6.69
N GLN D 66 32.15 6.75 5.64
CA GLN D 66 33.16 6.07 4.85
C GLN D 66 34.47 6.86 4.83
N TYR D 67 35.56 6.22 5.18
CA TYR D 67 36.86 6.88 5.14
C TYR D 67 37.85 6.02 4.36
N TRP D 68 38.48 6.57 3.33
CA TRP D 68 39.52 5.78 2.67
C TRP D 68 40.64 6.67 2.14
N THR D 69 41.63 6.07 1.50
CA THR D 69 42.77 6.85 1.01
C THR D 69 42.83 6.85 -0.51
N ASP D 70 42.76 8.04 -1.11
CA ASP D 70 42.92 8.20 -2.54
C ASP D 70 44.33 8.67 -2.83
N GLU D 71 45.18 7.76 -3.28
CA GLU D 71 46.61 8.04 -3.45
C GLU D 71 46.89 9.03 -4.58
N PHE D 72 45.92 9.21 -5.46
CA PHE D 72 46.07 10.12 -6.59
C PHE D 72 45.68 11.55 -6.21
N LEU D 73 44.79 11.68 -5.23
CA LEU D 73 44.30 12.99 -4.81
C LEU D 73 45.16 13.61 -3.72
N GLN D 74 46.44 13.25 -3.67
CA GLN D 74 47.35 13.80 -2.68
C GLN D 74 48.07 15.03 -3.20
N TRP D 75 48.34 15.98 -2.31
CA TRP D 75 49.08 17.19 -2.67
C TRP D 75 49.75 17.81 -1.45
N THR D 76 50.55 18.84 -1.67
CA THR D 76 51.16 19.58 -0.57
C THR D 76 50.39 20.88 -0.35
N PRO D 77 50.04 21.16 0.93
CA PRO D 77 49.27 22.34 1.30
C PRO D 77 49.85 23.66 0.77
N GLU D 78 51.17 23.77 0.78
CA GLU D 78 51.84 24.96 0.28
C GLU D 78 51.63 25.10 -1.22
N ASP D 79 52.07 26.25 -1.77
CA ASP D 79 51.85 26.66 -3.16
C ASP D 79 50.41 26.43 -3.65
N PHE D 80 49.49 26.20 -2.72
CA PHE D 80 48.07 26.12 -2.99
C PHE D 80 47.32 27.02 -2.01
N ASP D 81 48.06 27.96 -1.43
CA ASP D 81 47.57 28.89 -0.42
C ASP D 81 47.19 28.13 0.87
N ASN D 82 48.05 27.22 1.27
CA ASN D 82 47.92 26.49 2.53
C ASN D 82 46.55 25.83 2.77
N VAL D 83 45.95 25.33 1.69
CA VAL D 83 44.68 24.63 1.81
C VAL D 83 44.88 23.21 2.35
N THR D 84 44.02 22.81 3.28
CA THR D 84 44.14 21.49 3.90
C THR D 84 43.24 20.48 3.21
N LYS D 85 41.93 20.73 3.21
CA LYS D 85 40.98 19.83 2.58
C LYS D 85 40.15 20.54 1.52
N LEU D 86 39.51 19.75 0.65
CA LEU D 86 38.73 20.28 -0.47
C LEU D 86 37.46 19.46 -0.68
N SER D 87 36.35 20.14 -0.90
CA SER D 87 35.08 19.48 -1.15
C SER D 87 34.87 19.24 -2.64
N ILE D 88 34.75 17.98 -3.04
CA ILE D 88 34.56 17.64 -4.44
C ILE D 88 33.41 16.64 -4.61
N PRO D 89 32.70 16.73 -5.75
CA PRO D 89 31.55 15.85 -6.04
C PRO D 89 31.85 14.37 -5.89
N THR D 90 30.96 13.65 -5.21
CA THR D 90 31.10 12.22 -4.97
C THR D 90 31.30 11.41 -6.24
N ASP D 91 30.52 11.72 -7.26
CA ASP D 91 30.52 10.95 -8.50
C ASP D 91 31.63 11.41 -9.45
N SER D 92 32.53 12.24 -8.94
CA SER D 92 33.70 12.65 -9.70
C SER D 92 34.96 11.91 -9.25
N ILE D 93 34.81 11.02 -8.28
CA ILE D 93 35.94 10.26 -7.76
C ILE D 93 35.60 8.77 -7.57
N TRP D 94 36.64 7.95 -7.47
CA TRP D 94 36.49 6.52 -7.22
C TRP D 94 35.82 6.26 -5.88
N VAL D 95 34.85 5.34 -5.87
CA VAL D 95 34.10 5.02 -4.66
C VAL D 95 33.99 3.51 -4.47
N PRO D 96 34.24 3.01 -3.24
CA PRO D 96 34.15 1.59 -2.93
C PRO D 96 32.72 1.06 -3.06
N ASP D 97 32.59 -0.23 -3.36
CA ASP D 97 31.29 -0.84 -3.63
C ASP D 97 30.70 -1.58 -2.43
N ILE D 98 31.12 -1.19 -1.23
CA ILE D 98 30.66 -1.85 0.00
C ILE D 98 29.14 -1.83 0.15
N LEU D 99 28.55 -3.01 0.30
CA LEU D 99 27.10 -3.16 0.47
C LEU D 99 26.79 -4.10 1.63
N ILE D 100 25.50 -4.35 1.84
CA ILE D 100 25.06 -5.26 2.90
C ILE D 100 24.44 -6.53 2.31
N ASN D 101 24.84 -7.69 2.84
CA ASN D 101 24.36 -8.97 2.35
C ASN D 101 22.89 -9.24 2.66
N GLU D 102 22.42 -8.71 3.79
CA GLU D 102 21.07 -8.98 4.25
C GLU D 102 20.00 -8.22 3.46
N PHE D 103 20.44 -7.38 2.53
CA PHE D 103 19.53 -6.60 1.70
C PHE D 103 18.52 -7.47 0.93
N VAL D 104 17.23 -7.21 1.17
CA VAL D 104 16.17 -7.84 0.39
C VAL D 104 15.41 -6.80 -0.42
N ASP D 105 15.83 -5.54 -0.31
CA ASP D 105 15.17 -4.45 -1.01
C ASP D 105 16.10 -3.23 -1.07
N VAL D 106 15.57 -2.11 -1.56
CA VAL D 106 16.32 -0.87 -1.64
C VAL D 106 15.57 0.26 -0.97
N GLY D 107 16.14 0.79 0.11
CA GLY D 107 15.52 1.87 0.85
C GLY D 107 15.81 3.22 0.22
N LYS D 108 14.80 4.10 0.26
CA LYS D 108 14.94 5.44 -0.31
C LYS D 108 15.73 6.35 0.64
N SER D 109 16.92 6.75 0.20
CA SER D 109 17.80 7.58 1.02
C SER D 109 18.32 8.78 0.24
N PRO D 110 18.42 9.93 0.92
CA PRO D 110 18.94 11.16 0.32
C PRO D 110 20.37 10.99 -0.21
N ASN D 111 20.64 11.53 -1.39
CA ASN D 111 21.96 11.43 -2.00
C ASN D 111 22.86 12.60 -1.61
N ILE D 112 24.02 12.28 -1.04
CA ILE D 112 24.99 13.30 -0.67
C ILE D 112 25.94 13.52 -1.85
N PRO D 113 25.94 14.74 -2.38
CA PRO D 113 26.69 15.10 -3.60
C PRO D 113 28.18 15.36 -3.38
N TYR D 114 28.59 15.76 -2.17
CA TYR D 114 29.97 16.17 -1.95
C TYR D 114 30.72 15.29 -0.96
N VAL D 115 32.05 15.22 -1.12
CA VAL D 115 32.92 14.59 -0.13
C VAL D 115 34.13 15.46 0.17
N TYR D 116 34.75 15.22 1.32
CA TYR D 116 35.94 15.94 1.74
C TYR D 116 37.20 15.13 1.44
N VAL D 117 38.09 15.70 0.62
CA VAL D 117 39.36 15.06 0.33
C VAL D 117 40.51 15.91 0.86
N HIS D 118 41.35 15.30 1.69
CA HIS D 118 42.42 16.03 2.38
C HIS D 118 43.75 15.84 1.66
N HIS D 119 44.75 16.62 2.07
CA HIS D 119 46.00 16.72 1.31
C HIS D 119 46.84 15.44 1.37
N ARG D 120 46.56 14.57 2.34
CA ARG D 120 47.24 13.29 2.41
C ARG D 120 46.41 12.21 1.71
N GLY D 121 45.38 12.65 1.00
CA GLY D 121 44.58 11.76 0.18
C GLY D 121 43.41 11.09 0.90
N GLU D 122 43.12 11.53 2.11
CA GLU D 122 42.00 10.97 2.86
C GLU D 122 40.66 11.47 2.34
N VAL D 123 39.82 10.52 1.94
CA VAL D 123 38.48 10.81 1.47
C VAL D 123 37.45 10.50 2.56
N GLN D 124 36.67 11.52 2.88
CA GLN D 124 35.64 11.49 3.90
C GLN D 124 34.25 11.57 3.28
N ASN D 125 33.51 10.47 3.33
CA ASN D 125 32.19 10.38 2.72
C ASN D 125 31.09 10.12 3.73
N TYR D 126 30.22 11.10 3.96
CA TYR D 126 29.09 10.92 4.85
C TYR D 126 27.82 10.67 4.05
N LYS D 127 26.99 9.74 4.52
CA LYS D 127 25.71 9.49 3.87
C LYS D 127 24.76 8.65 4.73
N PRO D 128 23.50 9.09 4.81
CA PRO D 128 22.43 8.34 5.47
C PRO D 128 21.84 7.28 4.55
N LEU D 129 21.51 6.13 5.12
CA LEU D 129 20.97 5.01 4.36
C LEU D 129 19.71 4.45 5.01
N GLN D 130 18.73 4.12 4.19
CA GLN D 130 17.57 3.39 4.67
C GLN D 130 17.76 1.91 4.34
N LEU D 131 17.91 1.10 5.38
CA LEU D 131 18.26 -0.30 5.23
C LEU D 131 17.05 -1.21 5.39
N VAL D 132 16.65 -1.84 4.29
CA VAL D 132 15.66 -2.92 4.32
C VAL D 132 16.39 -4.25 4.25
N THR D 133 16.66 -4.82 5.41
CA THR D 133 17.49 -6.03 5.49
C THR D 133 16.73 -7.18 6.14
N ALA D 134 16.91 -8.38 5.60
CA ALA D 134 16.23 -9.56 6.13
C ALA D 134 16.88 -10.03 7.43
N CYS D 135 16.04 -10.39 8.40
CA CYS D 135 16.52 -10.81 9.70
C CYS D 135 15.66 -11.94 10.26
N SER D 136 16.32 -13.03 10.67
CA SER D 136 15.60 -14.16 11.26
C SER D 136 15.16 -13.83 12.68
N LEU D 137 13.86 -13.73 12.88
CA LEU D 137 13.30 -13.32 14.16
C LEU D 137 12.75 -14.49 14.97
N ASP D 138 12.90 -14.41 16.29
CA ASP D 138 12.36 -15.42 17.18
C ASP D 138 11.39 -14.79 18.17
N ILE D 139 10.10 -15.01 17.94
CA ILE D 139 9.05 -14.40 18.76
C ILE D 139 8.54 -15.33 19.86
N TYR D 140 9.40 -16.25 20.30
CA TYR D 140 9.04 -17.24 21.31
C TYR D 140 8.40 -16.60 22.54
N ASN D 141 9.15 -15.74 23.23
CA ASN D 141 8.58 -14.95 24.32
C ASN D 141 8.05 -13.63 23.78
N PHE D 142 6.80 -13.64 23.32
CA PHE D 142 6.27 -12.53 22.53
C PHE D 142 6.31 -11.15 23.20
N PRO D 143 5.75 -11.02 24.41
CA PRO D 143 5.75 -9.66 24.96
C PRO D 143 7.15 -9.16 25.31
N PHE D 144 7.97 -10.03 25.89
CA PHE D 144 9.35 -9.67 26.24
C PHE D 144 10.35 -10.48 25.44
N ASP D 145 10.61 -10.04 24.20
CA ASP D 145 11.58 -10.73 23.35
C ASP D 145 12.69 -9.80 22.91
N VAL D 146 13.90 -10.35 22.82
CA VAL D 146 15.03 -9.61 22.29
C VAL D 146 15.34 -10.14 20.88
N GLN D 147 15.77 -9.24 20.00
CA GLN D 147 16.05 -9.61 18.62
C GLN D 147 17.48 -9.26 18.24
N ASN D 148 18.06 -10.13 17.41
CA ASN D 148 19.46 -10.06 17.02
C ASN D 148 19.57 -10.07 15.51
N CYS D 149 19.86 -8.91 14.91
CA CYS D 149 19.90 -8.80 13.46
C CYS D 149 21.30 -8.44 12.96
N SER D 150 21.72 -9.09 11.87
CA SER D 150 23.06 -8.88 11.34
C SER D 150 23.06 -7.87 10.19
N LEU D 151 24.08 -7.02 10.16
CA LEU D 151 24.31 -6.12 9.05
C LEU D 151 25.74 -6.27 8.55
N THR D 152 25.93 -7.07 7.51
CA THR D 152 27.27 -7.43 7.06
C THR D 152 27.74 -6.52 5.92
N PHE D 153 28.60 -5.57 6.26
CA PHE D 153 29.16 -4.67 5.26
C PHE D 153 30.36 -5.33 4.59
N THR D 154 30.30 -5.45 3.27
CA THR D 154 31.39 -6.05 2.50
C THR D 154 31.36 -5.62 1.04
N SER D 155 32.53 -5.59 0.42
CA SER D 155 32.61 -5.30 -1.01
C SER D 155 31.99 -6.44 -1.80
N TRP D 156 31.05 -6.12 -2.68
CA TRP D 156 30.29 -7.14 -3.39
C TRP D 156 31.09 -7.78 -4.52
N LEU D 157 32.25 -7.21 -4.83
CA LEU D 157 33.08 -7.74 -5.90
C LEU D 157 34.55 -7.89 -5.50
N HIS D 158 35.14 -6.78 -5.07
CA HIS D 158 36.57 -6.72 -4.81
C HIS D 158 37.00 -7.65 -3.67
N THR D 159 38.16 -8.28 -3.86
CA THR D 159 38.71 -9.17 -2.84
C THR D 159 39.32 -8.36 -1.70
N ILE D 160 39.87 -9.06 -0.71
CA ILE D 160 40.45 -8.40 0.45
C ILE D 160 41.78 -7.74 0.09
N GLN D 161 42.33 -8.11 -1.06
CA GLN D 161 43.57 -7.53 -1.54
C GLN D 161 43.32 -6.27 -2.35
N ASP D 162 42.05 -5.94 -2.55
CA ASP D 162 41.67 -4.71 -3.24
C ASP D 162 40.99 -3.74 -2.28
N ILE D 163 39.93 -4.20 -1.64
CA ILE D 163 39.20 -3.38 -0.67
C ILE D 163 39.11 -4.10 0.68
N ASN D 164 39.51 -3.41 1.74
CA ASN D 164 39.45 -3.97 3.09
C ASN D 164 38.74 -3.03 4.04
N ILE D 165 37.95 -3.59 4.96
CA ILE D 165 37.12 -2.78 5.84
C ILE D 165 37.58 -2.82 7.30
N THR D 166 37.67 -1.64 7.91
CA THR D 166 38.04 -1.51 9.31
C THR D 166 37.03 -0.62 10.02
N LEU D 167 37.32 -0.28 11.28
CA LEU D 167 36.44 0.60 12.04
C LEU D 167 37.07 1.98 12.23
N TRP D 168 36.35 3.00 11.77
CA TRP D 168 36.77 4.39 11.94
C TRP D 168 37.08 4.74 13.39
N ARG D 169 36.27 4.23 14.30
CA ARG D 169 36.45 4.49 15.73
C ARG D 169 36.29 3.20 16.53
N SER D 170 36.59 3.27 17.82
CA SER D 170 36.59 2.10 18.69
C SER D 170 35.28 1.32 18.64
N PRO D 171 35.36 -0.01 18.65
CA PRO D 171 34.18 -0.87 18.59
C PRO D 171 33.28 -0.69 19.80
N GLU D 172 33.85 -0.24 20.91
CA GLU D 172 33.07 0.02 22.12
C GLU D 172 32.25 1.30 21.94
N GLU D 173 32.84 2.27 21.25
CA GLU D 173 32.13 3.50 20.92
C GLU D 173 30.95 3.19 20.00
N VAL D 174 31.18 2.33 19.02
CA VAL D 174 30.14 1.90 18.09
C VAL D 174 29.05 1.14 18.83
N ARG D 175 29.46 0.29 19.76
CA ARG D 175 28.53 -0.51 20.55
C ARG D 175 27.62 0.34 21.45
N SER D 176 28.24 1.20 22.26
CA SER D 176 27.52 1.97 23.26
C SER D 176 26.76 3.16 22.66
N ASP D 177 26.99 3.45 21.38
CA ASP D 177 26.40 4.62 20.75
C ASP D 177 24.88 4.49 20.68
N LYS D 178 24.20 5.21 21.58
CA LYS D 178 22.75 5.28 21.56
C LYS D 178 22.31 6.72 21.31
N SER D 179 23.29 7.59 21.06
CA SER D 179 23.02 8.98 20.74
C SER D 179 22.45 9.10 19.34
N ILE D 180 21.61 10.11 19.15
CA ILE D 180 20.88 10.31 17.89
C ILE D 180 20.12 9.02 17.53
N PHE D 181 19.34 8.55 18.48
CA PHE D 181 18.46 7.41 18.26
C PHE D 181 17.10 7.70 18.88
N ILE D 182 16.04 7.29 18.19
CA ILE D 182 14.69 7.64 18.62
C ILE D 182 14.04 6.54 19.44
N ASN D 183 13.80 6.83 20.72
CA ASN D 183 13.07 5.94 21.60
C ASN D 183 11.57 6.21 21.50
N GLN D 184 10.83 5.81 22.54
CA GLN D 184 9.39 6.00 22.59
C GLN D 184 8.69 5.23 21.46
N GLY D 185 9.38 4.23 20.94
CA GLY D 185 8.85 3.40 19.87
C GLY D 185 8.51 2.01 20.37
N GLU D 186 8.23 1.11 19.43
CA GLU D 186 7.89 -0.27 19.78
C GLU D 186 9.13 -1.03 20.23
N TRP D 187 10.30 -0.59 19.76
CA TRP D 187 11.54 -1.30 20.07
C TRP D 187 12.56 -0.44 20.79
N GLU D 188 13.38 -1.09 21.62
CA GLU D 188 14.44 -0.42 22.35
C GLU D 188 15.81 -0.96 21.94
N LEU D 189 16.66 -0.06 21.44
CA LEU D 189 18.00 -0.44 21.00
C LEU D 189 18.89 -0.76 22.19
N LEU D 190 19.46 -1.96 22.21
CA LEU D 190 20.36 -2.35 23.29
C LEU D 190 21.81 -2.05 22.91
N GLU D 191 22.29 -2.67 21.84
CA GLU D 191 23.65 -2.44 21.37
C GLU D 191 23.82 -2.75 19.88
N VAL D 192 24.84 -2.15 19.28
CA VAL D 192 25.27 -2.47 17.93
C VAL D 192 26.70 -2.98 17.97
N PHE D 193 26.86 -4.30 17.96
CA PHE D 193 28.17 -4.92 18.17
C PHE D 193 28.88 -5.21 16.85
N PRO D 194 29.97 -4.48 16.57
CA PRO D 194 30.77 -4.71 15.36
C PRO D 194 31.76 -5.85 15.51
N GLN D 195 31.99 -6.57 14.42
CA GLN D 195 32.96 -7.68 14.42
C GLN D 195 33.53 -7.91 13.02
N PHE D 196 34.85 -7.98 12.92
CA PHE D 196 35.50 -8.24 11.63
C PHE D 196 35.65 -9.73 11.39
N LYS D 197 35.47 -10.14 10.14
CA LYS D 197 35.63 -11.54 9.75
C LYS D 197 36.16 -11.65 8.32
N GLU D 198 37.01 -12.64 8.06
CA GLU D 198 37.48 -12.88 6.71
C GLU D 198 36.72 -14.04 6.08
N PHE D 199 35.81 -13.72 5.16
CA PHE D 199 34.94 -14.72 4.55
C PHE D 199 35.48 -15.20 3.21
N SER D 200 35.59 -16.51 3.05
CA SER D 200 36.01 -17.08 1.78
C SER D 200 35.14 -18.28 1.43
N ILE D 201 34.77 -18.37 0.16
CA ILE D 201 33.99 -19.50 -0.33
C ILE D 201 34.93 -20.51 -0.98
N ASP D 202 36.20 -20.12 -1.05
CA ASP D 202 37.24 -20.95 -1.65
C ASP D 202 38.63 -20.46 -1.29
N ILE D 203 39.64 -21.21 -1.72
CA ILE D 203 41.03 -20.81 -1.57
C ILE D 203 41.35 -19.77 -2.63
N SER D 204 42.37 -18.94 -2.37
CA SER D 204 42.90 -17.94 -3.32
C SER D 204 41.98 -16.74 -3.49
N ASN D 205 40.76 -16.83 -2.98
CA ASN D 205 39.84 -15.70 -3.02
C ASN D 205 39.18 -15.46 -1.66
N SER D 206 39.66 -14.43 -0.97
CA SER D 206 39.12 -14.07 0.34
C SER D 206 38.57 -12.65 0.34
N TYR D 207 37.46 -12.47 1.03
CA TYR D 207 36.78 -11.18 1.10
C TYR D 207 36.67 -10.69 2.53
N ALA D 208 36.61 -9.37 2.70
CA ALA D 208 36.53 -8.76 4.02
C ALA D 208 35.10 -8.46 4.43
N GLU D 209 34.70 -9.00 5.58
CA GLU D 209 33.37 -8.76 6.14
C GLU D 209 33.44 -7.96 7.43
N MET D 210 32.54 -6.99 7.56
CA MET D 210 32.39 -6.23 8.80
C MET D 210 30.95 -6.30 9.26
N LYS D 211 30.70 -7.19 10.23
CA LYS D 211 29.34 -7.43 10.70
C LYS D 211 28.95 -6.45 11.80
N PHE D 212 27.68 -6.05 11.78
CA PHE D 212 27.12 -5.20 12.83
C PHE D 212 25.87 -5.86 13.40
N TYR D 213 25.98 -6.37 14.62
CA TYR D 213 24.84 -7.00 15.27
C TYR D 213 24.00 -5.96 15.99
N VAL D 214 22.87 -5.60 15.40
CA VAL D 214 21.92 -4.71 16.06
C VAL D 214 20.96 -5.52 16.90
N ILE D 215 20.96 -5.22 18.20
CA ILE D 215 20.13 -5.94 19.16
C ILE D 215 19.03 -5.03 19.71
N ILE D 216 17.78 -5.42 19.51
CA ILE D 216 16.66 -4.59 19.91
C ILE D 216 15.67 -5.32 20.80
N ARG D 217 15.18 -4.64 21.84
CA ARG D 217 14.24 -5.28 22.76
C ARG D 217 12.87 -4.61 22.68
N ARG D 218 11.82 -5.44 22.70
CA ARG D 218 10.46 -4.97 22.55
C ARG D 218 9.94 -4.31 23.82
N ARG D 219 8.96 -3.42 23.67
CA ARG D 219 8.35 -2.74 24.80
C ARG D 219 6.99 -3.36 25.12
N PRO D 220 6.93 -4.18 26.18
CA PRO D 220 5.72 -4.94 26.54
C PRO D 220 4.69 -4.08 27.26
N LEU D 221 4.21 -3.03 26.61
CA LEU D 221 3.22 -2.14 27.21
C LEU D 221 1.99 -2.02 26.31
N PHE D 222 2.22 -1.74 25.04
CA PHE D 222 1.14 -1.68 24.06
C PHE D 222 0.46 -3.04 23.94
N TYR D 223 1.24 -4.10 24.09
CA TYR D 223 0.70 -5.46 24.00
C TYR D 223 0.27 -5.97 25.37
N ALA D 224 0.46 -5.16 26.41
CA ALA D 224 0.05 -5.55 27.75
C ALA D 224 -1.46 -5.41 27.93
N VAL D 225 -1.93 -4.16 27.97
CA VAL D 225 -3.35 -3.87 28.16
C VAL D 225 -4.25 -4.58 27.15
N SER D 226 -3.86 -4.52 25.88
CA SER D 226 -4.64 -5.05 24.76
C SER D 226 -4.78 -6.57 24.83
N LEU D 227 -4.06 -7.18 25.77
CA LEU D 227 -4.10 -8.63 25.94
C LEU D 227 -4.74 -8.98 27.28
N LEU D 228 -4.12 -8.54 28.36
CA LEU D 228 -4.54 -8.95 29.70
C LEU D 228 -5.81 -8.26 30.18
N LEU D 229 -6.03 -7.00 29.79
CA LEU D 229 -7.20 -6.27 30.31
C LEU D 229 -8.54 -6.92 29.94
N PRO D 230 -8.77 -7.22 28.64
CA PRO D 230 -10.08 -7.82 28.32
C PRO D 230 -10.27 -9.20 28.92
N SER D 231 -9.18 -9.94 29.09
CA SER D 231 -9.25 -11.29 29.65
C SER D 231 -9.73 -11.27 31.11
N ILE D 232 -9.12 -10.42 31.93
CA ILE D 232 -9.51 -10.32 33.33
C ILE D 232 -10.88 -9.64 33.43
N PHE D 233 -11.20 -8.80 32.46
CA PHE D 233 -12.52 -8.18 32.41
C PHE D 233 -13.60 -9.23 32.23
N LEU D 234 -13.49 -10.02 31.17
CA LEU D 234 -14.45 -11.08 30.89
C LEU D 234 -14.45 -12.12 32.01
N MET D 235 -13.31 -12.22 32.70
CA MET D 235 -13.19 -13.13 33.82
C MET D 235 -14.09 -12.68 34.98
N VAL D 236 -13.96 -11.42 35.37
CA VAL D 236 -14.78 -10.91 36.47
C VAL D 236 -16.26 -10.80 36.06
N VAL D 237 -16.51 -10.63 34.77
CA VAL D 237 -17.88 -10.63 34.27
C VAL D 237 -18.47 -12.04 34.42
N ASP D 238 -17.64 -13.05 34.20
CA ASP D 238 -18.05 -14.43 34.40
C ASP D 238 -18.33 -14.68 35.88
N ILE D 239 -17.47 -14.10 36.72
CA ILE D 239 -17.64 -14.19 38.18
C ILE D 239 -18.99 -13.60 38.59
N VAL D 240 -19.34 -12.46 37.98
CA VAL D 240 -20.67 -11.88 38.18
C VAL D 240 -21.74 -12.84 37.68
N GLY D 241 -21.42 -13.58 36.62
CA GLY D 241 -22.33 -14.53 36.03
C GLY D 241 -22.65 -15.72 36.93
N PHE D 242 -21.71 -16.10 37.79
CA PHE D 242 -21.97 -17.19 38.73
C PHE D 242 -23.06 -16.85 39.75
N CYS D 243 -23.20 -15.57 40.06
CA CYS D 243 -24.16 -15.14 41.08
C CYS D 243 -25.60 -15.37 40.63
N LEU D 244 -25.80 -15.53 39.32
CA LEU D 244 -27.12 -15.87 38.79
C LEU D 244 -27.54 -17.27 39.21
N PRO D 245 -28.75 -17.39 39.78
CA PRO D 245 -29.29 -18.69 40.18
C PRO D 245 -29.57 -19.60 38.98
N PRO D 246 -29.24 -20.89 39.10
CA PRO D 246 -29.44 -21.90 38.05
C PRO D 246 -30.89 -22.01 37.60
N ASP D 247 -31.82 -21.64 38.49
CA ASP D 247 -33.25 -21.75 38.20
C ASP D 247 -33.70 -20.74 37.15
N SER D 248 -33.08 -19.56 37.16
CA SER D 248 -33.43 -18.48 36.24
C SER D 248 -33.42 -18.92 34.77
N GLY D 249 -32.39 -19.65 34.38
CA GLY D 249 -32.24 -20.09 33.00
C GLY D 249 -31.44 -19.10 32.19
N GLU D 250 -31.43 -17.84 32.63
CA GLU D 250 -30.66 -16.79 31.97
C GLU D 250 -29.16 -16.98 32.21
N ARG D 251 -28.82 -17.82 33.18
CA ARG D 251 -27.43 -18.12 33.50
C ARG D 251 -26.74 -18.85 32.34
N VAL D 252 -27.49 -19.71 31.66
CA VAL D 252 -26.98 -20.47 30.53
C VAL D 252 -26.68 -19.54 29.36
N SER D 253 -27.64 -18.67 29.05
CA SER D 253 -27.47 -17.67 28.00
C SER D 253 -26.33 -16.73 28.35
N PHE D 254 -26.17 -16.45 29.64
CA PHE D 254 -25.05 -15.66 30.15
C PHE D 254 -23.74 -16.30 29.73
N LYS D 255 -23.57 -17.57 30.12
CA LYS D 255 -22.30 -18.26 29.89
C LYS D 255 -22.02 -18.44 28.40
N ILE D 256 -23.08 -18.68 27.62
CA ILE D 256 -22.95 -18.83 26.18
C ILE D 256 -22.54 -17.54 25.49
N THR D 257 -23.22 -16.44 25.84
CA THR D 257 -22.92 -15.15 25.24
C THR D 257 -21.51 -14.70 25.61
N LEU D 258 -21.13 -14.94 26.86
CA LEU D 258 -19.79 -14.58 27.33
C LEU D 258 -18.73 -15.39 26.61
N LEU D 259 -18.98 -16.69 26.44
CA LEU D 259 -18.05 -17.56 25.72
C LEU D 259 -17.91 -17.11 24.28
N LEU D 260 -19.02 -16.71 23.67
CA LEU D 260 -19.01 -16.18 22.31
C LEU D 260 -18.17 -14.91 22.23
N GLY D 261 -18.36 -14.03 23.22
CA GLY D 261 -17.62 -12.78 23.25
C GLY D 261 -16.14 -12.98 23.40
N TYR D 262 -15.75 -13.97 24.21
CA TYR D 262 -14.33 -14.25 24.39
C TYR D 262 -13.75 -14.92 23.15
N SER D 263 -14.60 -15.70 22.47
CA SER D 263 -14.20 -16.35 21.23
C SER D 263 -13.92 -15.32 20.12
N VAL D 264 -14.85 -14.41 19.91
CA VAL D 264 -14.66 -13.39 18.88
C VAL D 264 -13.53 -12.45 19.31
N PHE D 265 -13.34 -12.29 20.62
CA PHE D 265 -12.22 -11.51 21.13
C PHE D 265 -10.89 -12.15 20.76
N LEU D 266 -10.75 -13.45 21.00
CA LEU D 266 -9.51 -14.15 20.69
C LEU D 266 -9.27 -14.27 19.20
N ILE D 267 -10.36 -14.18 18.43
CA ILE D 267 -10.23 -14.18 16.97
C ILE D 267 -9.74 -12.82 16.50
N ILE D 268 -10.20 -11.76 17.16
CA ILE D 268 -9.76 -10.41 16.84
C ILE D 268 -8.30 -10.20 17.24
N VAL D 269 -7.94 -10.67 18.43
CA VAL D 269 -6.58 -10.51 18.93
C VAL D 269 -5.62 -11.47 18.24
N SER D 270 -6.17 -12.42 17.49
CA SER D 270 -5.37 -13.38 16.73
C SER D 270 -4.57 -12.66 15.63
N ASP D 271 -5.09 -11.53 15.18
CA ASP D 271 -4.39 -10.71 14.19
C ASP D 271 -3.64 -9.56 14.87
N THR D 272 -2.50 -9.89 15.47
CA THR D 272 -1.62 -8.91 16.09
C THR D 272 -0.18 -9.28 15.77
N LEU D 273 0.19 -10.50 16.15
CA LEU D 273 1.52 -11.03 15.86
C LEU D 273 1.42 -12.51 15.51
N PRO D 274 1.98 -12.90 14.36
CA PRO D 274 1.94 -14.32 13.96
C PRO D 274 3.02 -15.15 14.65
N ALA D 275 3.53 -16.17 13.96
CA ALA D 275 4.58 -17.02 14.51
C ALA D 275 5.74 -17.15 13.54
N THR D 280 4.56 -21.52 17.74
CA THR D 280 3.64 -21.05 18.78
C THR D 280 4.20 -19.82 19.50
N PRO D 281 3.35 -18.82 19.74
CA PRO D 281 3.74 -17.59 20.43
C PRO D 281 3.98 -17.78 21.92
N LEU D 282 3.64 -18.96 22.44
CA LEU D 282 3.83 -19.34 23.84
C LEU D 282 2.93 -18.53 24.80
N ILE D 283 2.63 -17.29 24.44
CA ILE D 283 1.74 -16.47 25.24
C ILE D 283 0.29 -16.88 24.99
N GLY D 284 0.09 -17.66 23.93
CA GLY D 284 -1.21 -18.20 23.60
C GLY D 284 -1.64 -19.25 24.61
N VAL D 285 -0.66 -19.94 25.20
CA VAL D 285 -0.94 -20.93 26.23
C VAL D 285 -1.53 -20.27 27.46
N TYR D 286 -0.93 -19.16 27.87
CA TYR D 286 -1.39 -18.40 29.04
C TYR D 286 -2.69 -17.67 28.72
N PHE D 287 -3.25 -17.98 27.56
CA PHE D 287 -4.48 -17.38 27.08
C PHE D 287 -5.53 -18.47 26.88
N VAL D 288 -5.10 -19.55 26.23
CA VAL D 288 -5.93 -20.72 26.05
C VAL D 288 -6.27 -21.34 27.41
N VAL D 289 -5.46 -21.02 28.43
CA VAL D 289 -5.81 -21.37 29.80
C VAL D 289 -7.11 -20.70 30.20
N CYS D 290 -7.20 -19.39 29.94
CA CYS D 290 -8.42 -18.63 30.21
C CYS D 290 -9.59 -19.16 29.38
N MET D 291 -9.30 -19.49 28.13
CA MET D 291 -10.31 -20.07 27.24
C MET D 291 -10.92 -21.34 27.86
N ALA D 292 -10.04 -22.25 28.29
CA ALA D 292 -10.45 -23.49 28.92
C ALA D 292 -11.16 -23.23 30.24
N LEU D 293 -10.79 -22.13 30.90
CA LEU D 293 -11.41 -21.76 32.17
C LEU D 293 -12.87 -21.36 31.95
N LEU D 294 -13.13 -20.65 30.86
CA LEU D 294 -14.50 -20.27 30.54
C LEU D 294 -15.28 -21.50 30.08
N VAL D 295 -14.57 -22.42 29.42
CA VAL D 295 -15.18 -23.66 28.98
C VAL D 295 -15.67 -24.50 30.17
N ILE D 296 -14.79 -24.70 31.15
CA ILE D 296 -15.14 -25.49 32.33
C ILE D 296 -16.14 -24.74 33.20
N SER D 297 -16.14 -23.41 33.10
CA SER D 297 -17.17 -22.62 33.78
C SER D 297 -18.54 -22.95 33.20
N LEU D 298 -18.61 -22.96 31.87
CA LEU D 298 -19.85 -23.27 31.18
C LEU D 298 -20.29 -24.70 31.50
N ALA D 299 -19.33 -25.61 31.49
CA ALA D 299 -19.60 -27.02 31.81
C ALA D 299 -20.14 -27.16 33.22
N GLU D 300 -19.63 -26.34 34.13
CA GLU D 300 -20.11 -26.33 35.51
C GLU D 300 -21.56 -25.88 35.53
N THR D 301 -21.84 -24.79 34.82
CA THR D 301 -23.19 -24.23 34.77
C THR D 301 -24.21 -25.23 34.24
N ILE D 302 -23.90 -25.87 33.10
CA ILE D 302 -24.82 -26.84 32.53
C ILE D 302 -24.92 -28.10 33.39
N PHE D 303 -23.86 -28.40 34.14
CA PHE D 303 -23.89 -29.55 35.03
C PHE D 303 -24.89 -29.31 36.16
N ILE D 304 -24.72 -28.22 36.90
CA ILE D 304 -25.60 -27.95 38.02
C ILE D 304 -27.02 -27.63 37.55
N VAL D 305 -27.15 -27.10 36.33
CA VAL D 305 -28.49 -26.82 35.79
C VAL D 305 -29.14 -28.12 35.33
N ARG D 306 -28.32 -29.15 35.08
CA ARG D 306 -28.86 -30.48 34.81
C ARG D 306 -29.30 -31.11 36.13
N LEU D 307 -28.57 -30.79 37.19
CA LEU D 307 -28.93 -31.30 38.51
C LEU D 307 -30.29 -30.79 39.00
N VAL D 308 -30.42 -29.47 39.12
CA VAL D 308 -31.68 -28.89 39.57
C VAL D 308 -32.60 -28.54 38.39
N HIS D 309 -33.74 -29.24 38.33
CA HIS D 309 -34.73 -29.04 37.28
C HIS D 309 -35.99 -29.85 37.57
N LYS D 310 -37.08 -29.51 36.91
CA LYS D 310 -38.34 -30.24 37.07
C LYS D 310 -38.58 -31.16 35.89
N GLN D 311 -38.18 -32.41 36.04
CA GLN D 311 -38.33 -33.40 34.96
C GLN D 311 -39.27 -34.53 35.34
N ASP D 312 -39.97 -34.38 36.46
CA ASP D 312 -40.97 -35.35 36.91
C ASP D 312 -40.41 -36.75 37.10
N LEU D 313 -39.11 -36.86 37.40
CA LEU D 313 -38.46 -38.16 37.52
C LEU D 313 -37.61 -38.30 38.79
N GLN D 314 -37.40 -39.56 39.16
CA GLN D 314 -36.41 -39.95 40.17
C GLN D 314 -36.61 -39.41 41.59
N ARG D 315 -35.60 -39.66 42.41
CA ARG D 315 -35.54 -39.20 43.80
C ARG D 315 -34.08 -39.06 44.19
N PRO D 316 -33.77 -38.13 45.12
CA PRO D 316 -32.38 -37.99 45.55
C PRO D 316 -31.87 -39.24 46.29
N VAL D 317 -30.82 -39.85 45.76
CA VAL D 317 -30.25 -41.05 46.37
C VAL D 317 -29.59 -40.71 47.70
N PRO D 318 -29.92 -41.47 48.75
CA PRO D 318 -29.43 -41.23 50.12
C PRO D 318 -27.90 -41.28 50.20
N ASP D 319 -27.30 -42.21 49.48
CA ASP D 319 -25.85 -42.36 49.42
C ASP D 319 -25.16 -41.05 49.04
N TRP D 320 -25.69 -40.39 48.01
CA TRP D 320 -25.13 -39.14 47.55
C TRP D 320 -25.88 -37.95 48.16
N LEU D 321 -26.85 -38.25 49.02
CA LEU D 321 -27.54 -37.21 49.77
C LEU D 321 -26.71 -36.85 51.00
N ARG D 322 -26.14 -37.87 51.63
CA ARG D 322 -25.27 -37.65 52.78
C ARG D 322 -23.95 -37.03 52.33
N HIS D 323 -23.50 -37.40 51.14
CA HIS D 323 -22.24 -36.90 50.61
C HIS D 323 -22.31 -35.41 50.23
N LEU D 324 -23.51 -34.94 49.90
CA LEU D 324 -23.67 -33.57 49.42
C LEU D 324 -24.45 -32.71 50.40
N VAL D 325 -25.70 -33.08 50.66
CA VAL D 325 -26.60 -32.27 51.48
C VAL D 325 -26.25 -32.31 52.97
N LEU D 326 -25.34 -33.22 53.35
CA LEU D 326 -24.97 -33.37 54.75
C LEU D 326 -23.51 -33.03 55.00
N ASP D 327 -22.61 -33.80 54.39
CA ASP D 327 -21.17 -33.62 54.61
C ASP D 327 -20.64 -32.39 53.90
N ARG D 328 -20.91 -32.28 52.61
CA ARG D 328 -20.41 -31.16 51.81
C ARG D 328 -21.08 -29.85 52.20
N ILE D 329 -22.25 -29.96 52.82
CA ILE D 329 -22.97 -28.78 53.30
C ILE D 329 -22.27 -28.19 54.52
N ALA D 330 -21.83 -29.07 55.42
CA ALA D 330 -21.10 -28.65 56.60
C ALA D 330 -19.70 -28.19 56.22
N TRP D 331 -19.13 -28.84 55.21
CA TRP D 331 -17.81 -28.47 54.72
C TRP D 331 -17.83 -27.11 54.03
N ILE D 332 -18.94 -26.80 53.36
CA ILE D 332 -19.07 -25.52 52.67
C ILE D 332 -19.47 -24.40 53.62
N LEU D 333 -20.25 -24.75 54.64
CA LEU D 333 -20.72 -23.77 55.60
C LEU D 333 -19.57 -23.20 56.42
N CYS D 334 -18.54 -24.00 56.63
CA CYS D 334 -17.37 -23.58 57.39
C CYS D 334 -16.29 -23.00 56.48
N VAL D 393 -76.12 -43.83 52.99
CA VAL D 393 -74.68 -43.83 52.73
C VAL D 393 -74.36 -43.07 51.44
N ARG D 394 -73.32 -42.25 51.49
CA ARG D 394 -72.92 -41.45 50.33
C ARG D 394 -71.49 -41.75 49.89
N GLY D 395 -71.26 -41.69 48.58
CA GLY D 395 -69.97 -41.99 47.99
C GLY D 395 -69.07 -40.78 47.82
N LEU D 396 -69.15 -39.83 48.73
CA LEU D 396 -68.34 -38.62 48.63
C LEU D 396 -66.88 -38.87 48.99
N LEU D 397 -66.63 -39.90 49.79
CA LEU D 397 -65.27 -40.18 50.27
C LEU D 397 -64.38 -40.71 49.15
N GLN D 398 -64.96 -41.43 48.21
CA GLN D 398 -64.21 -42.01 47.10
C GLN D 398 -63.77 -40.93 46.12
N GLU D 399 -64.44 -39.78 46.18
CA GLU D 399 -64.09 -38.64 45.34
C GLU D 399 -62.99 -37.81 46.00
N LEU D 400 -63.17 -37.54 47.29
CA LEU D 400 -62.22 -36.74 48.06
C LEU D 400 -60.88 -37.45 48.13
N SER D 401 -60.93 -38.78 48.23
CA SER D 401 -59.71 -39.59 48.26
C SER D 401 -58.93 -39.43 46.97
N SER D 402 -59.63 -39.41 45.84
CA SER D 402 -58.99 -39.26 44.54
C SER D 402 -58.42 -37.86 44.34
N ILE D 403 -59.17 -36.85 44.77
CA ILE D 403 -58.71 -35.46 44.66
C ILE D 403 -57.43 -35.27 45.49
N ARG D 404 -57.48 -35.75 46.73
CA ARG D 404 -56.33 -35.69 47.61
C ARG D 404 -55.16 -36.44 46.99
N HIS D 405 -55.48 -37.57 46.35
CA HIS D 405 -54.47 -38.39 45.69
C HIS D 405 -53.72 -37.60 44.63
N PHE D 406 -54.46 -36.92 43.75
CA PHE D 406 -53.83 -36.11 42.72
C PHE D 406 -53.00 -34.96 43.32
N LEU D 407 -53.52 -34.38 44.40
CA LEU D 407 -52.84 -33.27 45.05
C LEU D 407 -51.48 -33.70 45.61
N GLU D 408 -51.47 -34.78 46.37
CA GLU D 408 -50.22 -35.25 46.96
C GLU D 408 -49.33 -35.87 45.89
N LYS D 409 -49.95 -36.28 44.79
CA LYS D 409 -49.22 -36.80 43.64
C LYS D 409 -48.32 -35.72 43.06
N ARG D 410 -48.87 -34.51 42.92
CA ARG D 410 -48.05 -33.39 42.47
C ARG D 410 -47.07 -32.92 43.56
N ASP D 411 -47.58 -32.83 44.79
CA ASP D 411 -46.80 -32.33 45.92
C ASP D 411 -45.52 -33.14 46.16
N GLU D 412 -45.60 -34.46 45.94
CA GLU D 412 -44.46 -35.35 46.13
C GLU D 412 -43.33 -34.99 45.17
N MET D 413 -43.68 -34.88 43.89
CA MET D 413 -42.72 -34.51 42.86
C MET D 413 -42.14 -33.13 43.14
N ARG D 414 -42.97 -32.26 43.70
CA ARG D 414 -42.51 -30.93 44.08
C ARG D 414 -41.44 -31.01 45.17
N GLU D 415 -41.64 -31.91 46.12
CA GLU D 415 -40.69 -32.09 47.21
C GLU D 415 -39.37 -32.69 46.70
N VAL D 416 -39.48 -33.64 45.79
CA VAL D 416 -38.29 -34.26 45.20
C VAL D 416 -37.46 -33.22 44.44
N ALA D 417 -38.16 -32.43 43.63
CA ALA D 417 -37.52 -31.34 42.89
C ALA D 417 -36.88 -30.35 43.85
N ARG D 418 -37.51 -30.16 45.01
CA ARG D 418 -36.94 -29.28 46.04
C ARG D 418 -35.62 -29.82 46.57
N ASP D 419 -35.57 -31.12 46.83
CA ASP D 419 -34.35 -31.74 47.34
C ASP D 419 -33.21 -31.69 46.32
N TRP D 420 -33.55 -32.00 45.06
CA TRP D 420 -32.56 -31.90 43.99
C TRP D 420 -32.08 -30.46 43.82
N LEU D 421 -32.98 -29.52 44.06
CA LEU D 421 -32.64 -28.11 44.05
C LEU D 421 -31.62 -27.79 45.15
N ARG D 422 -31.83 -28.39 46.32
CA ARG D 422 -30.88 -28.24 47.43
C ARG D 422 -29.50 -28.74 47.04
N VAL D 423 -29.44 -29.96 46.53
CA VAL D 423 -28.17 -30.57 46.11
C VAL D 423 -27.45 -29.69 45.09
N GLY D 424 -28.16 -29.36 44.02
CA GLY D 424 -27.64 -28.52 42.96
C GLY D 424 -27.09 -27.19 43.47
N TYR D 425 -27.82 -26.58 44.40
CA TYR D 425 -27.39 -25.29 44.95
C TYR D 425 -26.11 -25.42 45.78
N VAL D 426 -26.05 -26.45 46.62
CA VAL D 426 -24.86 -26.67 47.44
C VAL D 426 -23.63 -26.89 46.56
N LEU D 427 -23.76 -27.80 45.60
CA LEU D 427 -22.67 -28.08 44.67
C LEU D 427 -22.25 -26.83 43.90
N ASP D 428 -23.24 -26.05 43.45
CA ASP D 428 -22.97 -24.83 42.70
C ASP D 428 -22.16 -23.83 43.52
N ARG D 429 -22.53 -23.67 44.79
CA ARG D 429 -21.81 -22.75 45.67
C ARG D 429 -20.39 -23.22 45.92
N LEU D 430 -20.22 -24.52 46.17
CA LEU D 430 -18.90 -25.09 46.40
C LEU D 430 -17.99 -24.89 45.19
N LEU D 431 -18.51 -25.23 44.01
CA LEU D 431 -17.76 -25.07 42.77
C LEU D 431 -17.47 -23.59 42.48
N PHE D 432 -18.33 -22.71 42.98
CA PHE D 432 -18.09 -21.28 42.86
C PHE D 432 -16.88 -20.87 43.69
N ARG D 433 -16.81 -21.37 44.92
CA ARG D 433 -15.66 -21.11 45.78
C ARG D 433 -14.37 -21.61 45.12
N ILE D 434 -14.41 -22.85 44.65
CA ILE D 434 -13.24 -23.46 44.01
C ILE D 434 -12.78 -22.66 42.78
N TYR D 435 -13.73 -22.31 41.92
CA TYR D 435 -13.42 -21.55 40.71
C TYR D 435 -12.81 -20.19 41.05
N LEU D 436 -13.39 -19.52 42.05
CA LEU D 436 -12.90 -18.21 42.45
C LEU D 436 -11.46 -18.30 42.94
N LEU D 437 -11.18 -19.27 43.80
CA LEU D 437 -9.84 -19.45 44.33
C LEU D 437 -8.84 -19.79 43.22
N ALA D 438 -9.29 -20.59 42.25
CA ALA D 438 -8.46 -20.97 41.12
C ALA D 438 -8.07 -19.75 40.29
N VAL D 439 -9.05 -18.88 40.04
CA VAL D 439 -8.82 -17.65 39.29
C VAL D 439 -7.83 -16.76 40.02
N LEU D 440 -8.02 -16.62 41.34
CA LEU D 440 -7.11 -15.79 42.14
C LEU D 440 -5.67 -16.33 42.12
N ALA D 441 -5.53 -17.65 42.19
CA ALA D 441 -4.21 -18.26 42.17
C ALA D 441 -3.52 -18.05 40.82
N TYR D 442 -4.29 -18.24 39.75
CA TYR D 442 -3.78 -18.03 38.39
C TYR D 442 -3.33 -16.59 38.22
N SER D 443 -4.09 -15.66 38.81
CA SER D 443 -3.76 -14.25 38.73
C SER D 443 -2.50 -13.91 39.52
N ILE D 444 -2.33 -14.52 40.70
CA ILE D 444 -1.15 -14.22 41.51
C ILE D 444 0.11 -14.80 40.86
N THR D 445 -0.05 -15.91 40.15
CA THR D 445 1.07 -16.47 39.39
C THR D 445 1.39 -15.53 38.23
N LEU D 446 0.33 -14.97 37.64
CA LEU D 446 0.50 -14.03 36.54
C LEU D 446 1.29 -12.80 36.96
N VAL D 447 0.96 -12.23 38.12
CA VAL D 447 1.64 -11.02 38.56
C VAL D 447 3.06 -11.31 39.08
N THR D 448 3.28 -12.49 39.66
CA THR D 448 4.64 -12.82 40.08
C THR D 448 5.54 -13.02 38.85
N LEU D 449 4.95 -13.52 37.76
CA LEU D 449 5.66 -13.65 36.50
C LEU D 449 5.90 -12.27 35.89
N TRP D 450 4.92 -11.39 36.03
CA TRP D 450 5.06 -10.02 35.55
C TRP D 450 6.19 -9.31 36.28
N SER D 451 6.31 -9.59 37.57
CA SER D 451 7.32 -8.96 38.41
C SER D 451 8.73 -9.48 38.11
N ILE D 452 8.87 -10.79 37.91
CA ILE D 452 10.20 -11.35 37.68
C ILE D 452 10.82 -10.91 36.34
N TRP D 453 10.00 -10.66 35.33
CA TRP D 453 10.51 -10.20 34.03
C TRP D 453 10.92 -8.73 34.09
N THR E 8 29.46 43.02 -28.86
CA THR E 8 28.57 42.52 -29.92
C THR E 8 27.11 42.68 -29.51
N GLN E 9 26.20 42.07 -30.28
CA GLN E 9 24.77 42.19 -30.00
C GLN E 9 23.94 40.90 -30.02
N PRO E 10 24.44 39.79 -29.45
CA PRO E 10 23.48 38.71 -29.20
C PRO E 10 22.67 38.92 -27.92
N ALA E 11 22.99 40.00 -27.21
CA ALA E 11 22.38 40.33 -25.91
C ALA E 11 22.79 39.37 -24.81
N LEU E 12 21.83 38.95 -24.00
CA LEU E 12 22.11 38.22 -22.76
C LEU E 12 22.77 36.87 -23.01
N LEU E 13 22.69 36.39 -24.24
CA LEU E 13 23.34 35.13 -24.61
C LEU E 13 24.83 35.24 -24.34
N ARG E 14 25.39 36.44 -24.57
CA ARG E 14 26.79 36.68 -24.24
C ARG E 14 27.03 36.44 -22.75
N LEU E 15 26.19 37.06 -21.92
CA LEU E 15 26.32 36.98 -20.47
C LEU E 15 26.38 35.53 -20.02
N SER E 16 25.38 34.75 -20.43
CA SER E 16 25.28 33.34 -20.08
C SER E 16 26.56 32.61 -20.42
N ASP E 17 27.15 32.96 -21.56
CA ASP E 17 28.42 32.37 -21.95
C ASP E 17 29.51 32.88 -21.01
N HIS E 18 29.64 34.20 -20.93
CA HIS E 18 30.71 34.87 -20.20
C HIS E 18 30.88 34.33 -18.79
N LEU E 19 29.75 34.09 -18.12
CA LEU E 19 29.75 33.53 -16.78
C LEU E 19 30.08 32.04 -16.77
N LEU E 20 29.40 31.28 -17.63
CA LEU E 20 29.42 29.82 -17.54
C LEU E 20 30.42 29.14 -18.48
N ALA E 21 31.27 29.94 -19.13
CA ALA E 21 32.25 29.39 -20.06
C ALA E 21 33.20 28.39 -19.39
N ASN E 22 33.95 28.88 -18.40
CA ASN E 22 34.91 28.03 -17.70
C ASN E 22 34.48 27.73 -16.27
N TYR E 23 33.23 28.05 -15.94
CA TYR E 23 32.71 27.88 -14.59
C TYR E 23 32.64 26.41 -14.19
N LYS E 24 33.47 26.03 -13.23
CA LYS E 24 33.45 24.67 -12.69
C LYS E 24 32.51 24.59 -11.48
N LYS E 25 31.46 23.80 -11.62
CA LYS E 25 30.40 23.70 -10.62
C LYS E 25 30.77 22.81 -9.44
N GLY E 26 31.99 22.26 -9.47
CA GLY E 26 32.43 21.38 -8.41
C GLY E 26 33.09 22.12 -7.27
N VAL E 27 33.75 23.23 -7.59
CA VAL E 27 34.44 24.02 -6.59
C VAL E 27 33.49 25.06 -5.99
N ARG E 28 33.57 25.26 -4.68
CA ARG E 28 32.74 26.24 -3.99
C ARG E 28 33.07 27.65 -4.46
N PRO E 29 32.04 28.40 -4.89
CA PRO E 29 32.19 29.73 -5.50
C PRO E 29 32.69 30.82 -4.55
N VAL E 30 33.98 30.80 -4.26
CA VAL E 30 34.60 31.85 -3.47
C VAL E 30 35.99 32.18 -4.02
N ARG E 31 36.28 33.47 -4.15
CA ARG E 31 37.59 33.90 -4.62
C ARG E 31 38.64 33.65 -3.54
N ASP E 32 38.27 33.92 -2.30
CA ASP E 32 39.11 33.54 -1.16
C ASP E 32 38.49 32.30 -0.52
N TRP E 33 39.24 31.21 -0.51
CA TRP E 33 38.73 29.93 -0.02
C TRP E 33 38.44 29.96 1.49
N ARG E 34 39.02 30.94 2.18
CA ARG E 34 38.80 31.09 3.61
C ARG E 34 37.43 31.68 3.90
N LYS E 35 36.88 32.38 2.92
CA LYS E 35 35.55 32.98 3.06
C LYS E 35 34.44 31.95 2.93
N PRO E 36 33.63 31.81 4.00
CA PRO E 36 32.52 30.85 4.00
C PRO E 36 31.33 31.35 3.17
N THR E 37 30.61 30.42 2.54
CA THR E 37 29.42 30.77 1.79
C THR E 37 28.18 30.69 2.69
N THR E 38 27.53 31.83 2.88
CA THR E 38 26.38 31.90 3.78
C THR E 38 25.07 31.72 3.01
N VAL E 39 24.30 30.71 3.39
CA VAL E 39 23.02 30.43 2.74
C VAL E 39 21.83 30.83 3.60
N SER E 40 21.13 31.87 3.18
CA SER E 40 19.89 32.29 3.84
C SER E 40 18.74 31.43 3.35
N ILE E 41 18.09 30.73 4.26
CA ILE E 41 17.03 29.80 3.89
C ILE E 41 15.67 30.25 4.41
N ASP E 42 14.60 29.74 3.80
CA ASP E 42 13.25 30.08 4.19
C ASP E 42 12.30 28.89 4.05
N VAL E 43 11.46 28.69 5.05
CA VAL E 43 10.55 27.55 5.08
C VAL E 43 9.09 27.99 5.23
N ILE E 44 8.23 27.51 4.34
CA ILE E 44 6.80 27.78 4.45
C ILE E 44 6.01 26.48 4.54
N MET E 45 5.23 26.33 5.60
CA MET E 45 4.43 25.13 5.76
C MET E 45 3.19 25.19 4.89
N TYR E 46 3.09 24.31 3.90
CA TYR E 46 1.95 24.31 3.00
C TYR E 46 0.83 23.41 3.50
N ALA E 47 1.20 22.21 3.94
CA ALA E 47 0.21 21.26 4.44
C ALA E 47 0.85 20.16 5.28
N ILE E 48 0.13 19.73 6.32
CA ILE E 48 0.52 18.54 7.05
C ILE E 48 -0.18 17.36 6.36
N LEU E 49 0.59 16.56 5.65
CA LEU E 49 0.03 15.50 4.83
C LEU E 49 -0.48 14.35 5.70
N ASN E 50 0.40 13.82 6.55
CA ASN E 50 -0.01 12.74 7.43
C ASN E 50 0.88 12.59 8.65
N VAL E 51 0.28 12.35 9.82
CA VAL E 51 1.06 12.01 10.99
C VAL E 51 0.91 10.50 11.27
N ASP E 52 2.03 9.86 11.53
CA ASP E 52 2.01 8.45 11.92
C ASP E 52 2.41 8.34 13.38
N GLU E 53 1.42 8.20 14.25
CA GLU E 53 1.66 8.11 15.69
C GLU E 53 2.33 6.80 16.07
N LYS E 54 1.98 5.74 15.34
CA LYS E 54 2.52 4.41 15.62
C LYS E 54 4.02 4.36 15.32
N ASN E 55 4.39 4.71 14.09
CA ASN E 55 5.79 4.69 13.69
C ASN E 55 6.53 5.97 14.08
N GLN E 56 5.79 6.92 14.65
CA GLN E 56 6.33 8.21 15.07
C GLN E 56 7.04 8.92 13.93
N VAL E 57 6.29 9.24 12.87
CA VAL E 57 6.86 9.96 11.73
C VAL E 57 5.86 10.93 11.09
N LEU E 58 6.31 12.17 10.92
CA LEU E 58 5.50 13.24 10.35
C LEU E 58 5.82 13.47 8.87
N THR E 59 4.79 13.52 8.05
CA THR E 59 4.92 13.81 6.63
C THR E 59 4.23 15.11 6.27
N THR E 60 5.01 16.08 5.81
CA THR E 60 4.52 17.43 5.50
C THR E 60 4.98 17.91 4.13
N TYR E 61 4.39 19.00 3.66
CA TYR E 61 4.81 19.63 2.41
C TYR E 61 5.27 21.07 2.64
N ILE E 62 6.48 21.37 2.20
CA ILE E 62 7.12 22.66 2.48
C ILE E 62 7.47 23.40 1.20
N TRP E 63 7.28 24.72 1.20
CA TRP E 63 7.85 25.57 0.16
C TRP E 63 9.17 26.13 0.67
N TYR E 64 10.27 25.74 0.01
CA TYR E 64 11.61 26.03 0.51
C TYR E 64 12.36 26.99 -0.38
N ARG E 65 13.07 27.92 0.26
CA ARG E 65 13.84 28.95 -0.44
C ARG E 65 15.29 28.96 -0.01
N GLN E 66 16.18 28.99 -1.00
CA GLN E 66 17.62 29.01 -0.77
C GLN E 66 18.23 30.24 -1.42
N TYR E 67 18.98 31.02 -0.65
CA TYR E 67 19.64 32.20 -1.19
C TYR E 67 21.11 32.16 -0.84
N TRP E 68 22.00 32.24 -1.83
CA TRP E 68 23.42 32.31 -1.49
C TRP E 68 24.19 33.18 -2.46
N THR E 69 25.49 33.33 -2.26
CA THR E 69 26.28 34.18 -3.13
C THR E 69 27.30 33.39 -3.94
N ASP E 70 27.19 33.49 -5.26
CA ASP E 70 28.16 32.86 -6.16
C ASP E 70 29.13 33.92 -6.65
N GLU E 71 30.34 33.91 -6.09
CA GLU E 71 31.32 34.95 -6.34
C GLU E 71 31.85 34.90 -7.77
N PHE E 72 31.65 33.78 -8.44
CA PHE E 72 32.10 33.61 -9.82
C PHE E 72 31.06 34.12 -10.82
N LEU E 73 29.80 34.07 -10.43
CA LEU E 73 28.70 34.49 -11.31
C LEU E 73 28.38 35.98 -11.19
N GLN E 74 29.37 36.76 -10.79
CA GLN E 74 29.19 38.20 -10.66
C GLN E 74 29.59 38.95 -11.93
N TRP E 75 28.87 40.03 -12.23
CA TRP E 75 29.19 40.86 -13.38
C TRP E 75 28.67 42.28 -13.20
N THR E 76 28.99 43.16 -14.14
CA THR E 76 28.48 44.52 -14.12
C THR E 76 27.33 44.65 -15.12
N PRO E 77 26.21 45.25 -14.67
CA PRO E 77 25.01 45.40 -15.49
C PRO E 77 25.28 46.08 -16.84
N GLU E 78 26.15 47.07 -16.84
CA GLU E 78 26.51 47.77 -18.08
C GLU E 78 27.26 46.83 -19.02
N ASP E 79 27.51 47.31 -20.24
CA ASP E 79 28.09 46.53 -21.35
C ASP E 79 27.48 45.12 -21.51
N PHE E 80 26.35 44.88 -20.86
CA PHE E 80 25.57 43.67 -21.03
C PHE E 80 24.12 44.04 -21.29
N ASP E 81 23.92 45.30 -21.71
CA ASP E 81 22.59 45.87 -21.98
C ASP E 81 21.76 45.95 -20.70
N ASN E 82 22.40 46.44 -19.63
CA ASN E 82 21.72 46.68 -18.35
C ASN E 82 20.92 45.52 -17.79
N VAL E 83 21.41 44.30 -17.97
CA VAL E 83 20.74 43.13 -17.41
C VAL E 83 21.02 43.07 -15.90
N THR E 84 19.98 42.79 -15.13
CA THR E 84 20.10 42.73 -13.68
C THR E 84 20.29 41.29 -13.22
N LYS E 85 19.32 40.44 -13.53
CA LYS E 85 19.37 39.03 -13.17
C LYS E 85 19.25 38.14 -14.39
N LEU E 86 19.65 36.88 -14.23
CA LEU E 86 19.68 35.92 -15.33
C LEU E 86 19.22 34.54 -14.84
N SER E 87 18.38 33.88 -15.62
CA SER E 87 17.90 32.55 -15.29
C SER E 87 18.82 31.47 -15.86
N ILE E 88 19.42 30.68 -14.99
CA ILE E 88 20.31 29.62 -15.44
C ILE E 88 20.00 28.28 -14.76
N PRO E 89 20.22 27.16 -15.47
CA PRO E 89 19.93 25.82 -14.96
C PRO E 89 20.57 25.53 -13.60
N THR E 90 19.77 24.99 -12.69
CA THR E 90 20.22 24.67 -11.33
C THR E 90 21.44 23.76 -11.31
N ASP E 91 21.41 22.72 -12.15
CA ASP E 91 22.46 21.71 -12.16
C ASP E 91 23.66 22.13 -13.00
N SER E 92 23.69 23.38 -13.42
CA SER E 92 24.83 23.92 -14.14
C SER E 92 25.70 24.80 -13.23
N ILE E 93 25.30 24.94 -11.97
CA ILE E 93 26.02 25.75 -11.01
C ILE E 93 26.17 25.04 -9.66
N TRP E 94 27.13 25.51 -8.86
CA TRP E 94 27.35 24.96 -7.52
C TRP E 94 26.14 25.17 -6.61
N VAL E 95 25.75 24.13 -5.89
CA VAL E 95 24.59 24.18 -5.00
C VAL E 95 24.93 23.55 -3.64
N PRO E 96 24.54 24.22 -2.54
CA PRO E 96 24.77 23.70 -1.19
C PRO E 96 24.03 22.39 -0.92
N ASP E 97 24.57 21.57 -0.03
CA ASP E 97 24.04 20.23 0.24
C ASP E 97 23.17 20.16 1.49
N ILE E 98 22.57 21.29 1.87
CA ILE E 98 21.73 21.36 3.07
C ILE E 98 20.59 20.34 3.08
N LEU E 99 20.54 19.52 4.12
CA LEU E 99 19.48 18.52 4.28
C LEU E 99 18.90 18.55 5.69
N ILE E 100 17.97 17.65 5.96
CA ILE E 100 17.34 17.57 7.28
C ILE E 100 17.73 16.28 8.01
N ASN E 101 18.10 16.42 9.29
CA ASN E 101 18.53 15.27 10.09
C ASN E 101 17.39 14.31 10.41
N GLU E 102 16.18 14.84 10.54
CA GLU E 102 15.03 14.02 10.95
C GLU E 102 14.50 13.14 9.84
N PHE E 103 15.11 13.24 8.65
CA PHE E 103 14.70 12.45 7.50
C PHE E 103 14.74 10.95 7.76
N VAL E 104 13.58 10.30 7.60
CA VAL E 104 13.52 8.83 7.66
C VAL E 104 13.16 8.22 6.32
N ASP E 105 12.95 9.06 5.32
CA ASP E 105 12.59 8.61 3.99
C ASP E 105 12.84 9.71 2.97
N VAL E 106 12.42 9.49 1.73
CA VAL E 106 12.56 10.49 0.68
C VAL E 106 11.21 10.77 0.02
N GLY E 107 10.72 11.99 0.18
CA GLY E 107 9.45 12.39 -0.40
C GLY E 107 9.60 12.82 -1.85
N LYS E 108 8.61 12.45 -2.67
CA LYS E 108 8.63 12.81 -4.08
C LYS E 108 8.23 14.26 -4.26
N SER E 109 9.17 15.08 -4.74
CA SER E 109 8.95 16.50 -4.91
C SER E 109 9.38 16.95 -6.31
N PRO E 110 8.60 17.87 -6.91
CA PRO E 110 8.91 18.40 -8.25
C PRO E 110 10.28 19.06 -8.31
N ASN E 111 11.02 18.79 -9.39
CA ASN E 111 12.35 19.34 -9.57
C ASN E 111 12.31 20.68 -10.30
N ILE E 112 12.87 21.71 -9.67
CA ILE E 112 12.94 23.04 -10.27
C ILE E 112 14.24 23.16 -11.05
N PRO E 113 14.14 23.36 -12.37
CA PRO E 113 15.29 23.38 -13.29
C PRO E 113 16.07 24.69 -13.31
N TYR E 114 15.44 25.81 -12.97
CA TYR E 114 16.10 27.11 -13.12
C TYR E 114 16.30 27.86 -11.80
N VAL E 115 17.32 28.70 -11.78
CA VAL E 115 17.51 29.64 -10.66
C VAL E 115 17.82 31.04 -11.19
N TYR E 116 17.60 32.04 -10.34
CA TYR E 116 17.88 33.42 -10.67
C TYR E 116 19.21 33.86 -10.07
N VAL E 117 20.15 34.26 -10.93
CA VAL E 117 21.43 34.76 -10.48
C VAL E 117 21.58 36.23 -10.86
N HIS E 118 21.83 37.08 -9.87
CA HIS E 118 21.85 38.52 -10.09
C HIS E 118 23.28 39.03 -10.25
N HIS E 119 23.42 40.29 -10.65
CA HIS E 119 24.73 40.81 -11.06
C HIS E 119 25.71 40.95 -9.90
N ARG E 120 25.20 40.94 -8.67
CA ARG E 120 26.07 40.94 -7.50
C ARG E 120 26.33 39.51 -7.04
N GLY E 121 25.90 38.55 -7.85
CA GLY E 121 26.18 37.15 -7.59
C GLY E 121 25.18 36.46 -6.70
N GLU E 122 24.05 37.12 -6.44
CA GLU E 122 23.01 36.53 -5.60
C GLU E 122 22.24 35.45 -6.35
N VAL E 123 22.27 34.24 -5.79
CA VAL E 123 21.54 33.11 -6.33
C VAL E 123 20.28 32.85 -5.54
N GLN E 124 19.17 32.85 -6.28
CA GLN E 124 17.82 32.65 -5.77
C GLN E 124 17.26 31.32 -6.25
N ASN E 125 17.12 30.38 -5.32
CA ASN E 125 16.66 29.03 -5.62
C ASN E 125 15.36 28.68 -4.92
N TYR E 126 14.29 28.53 -5.69
CA TYR E 126 13.01 28.11 -5.12
C TYR E 126 12.77 26.63 -5.38
N LYS E 127 12.23 25.92 -4.38
CA LYS E 127 11.86 24.51 -4.59
C LYS E 127 10.97 23.99 -3.47
N PRO E 128 9.89 23.29 -3.85
CA PRO E 128 9.02 22.60 -2.90
C PRO E 128 9.58 21.24 -2.52
N LEU E 129 9.40 20.86 -1.25
CA LEU E 129 9.92 19.61 -0.75
C LEU E 129 8.84 18.83 -0.01
N GLN E 130 8.80 17.52 -0.23
CA GLN E 130 7.95 16.66 0.57
C GLN E 130 8.81 16.03 1.66
N LEU E 131 8.52 16.40 2.90
CA LEU E 131 9.36 15.99 4.02
C LEU E 131 8.75 14.85 4.81
N VAL E 132 9.40 13.70 4.75
CA VAL E 132 9.09 12.58 5.62
C VAL E 132 10.13 12.55 6.74
N THR E 133 9.80 13.18 7.85
CA THR E 133 10.74 13.38 8.94
C THR E 133 10.25 12.73 10.22
N ALA E 134 11.16 12.12 10.97
CA ALA E 134 10.79 11.46 12.21
C ALA E 134 10.56 12.47 13.33
N CYS E 135 9.49 12.26 14.09
CA CYS E 135 9.12 13.16 15.18
C CYS E 135 8.56 12.40 16.37
N SER E 136 9.13 12.66 17.54
CA SER E 136 8.66 12.01 18.76
C SER E 136 7.33 12.62 19.20
N LEU E 137 6.27 11.82 19.15
CA LEU E 137 4.93 12.32 19.43
C LEU E 137 4.44 11.91 20.81
N ASP E 138 3.68 12.80 21.44
CA ASP E 138 3.08 12.51 22.75
C ASP E 138 1.57 12.64 22.68
N ILE E 139 0.90 11.49 22.67
CA ILE E 139 -0.56 11.44 22.53
C ILE E 139 -1.28 11.34 23.88
N TYR E 140 -0.64 11.81 24.94
CA TYR E 140 -1.18 11.73 26.29
C TYR E 140 -2.63 12.22 26.37
N ASN E 141 -2.85 13.49 26.05
CA ASN E 141 -4.21 14.00 25.93
C ASN E 141 -4.70 13.84 24.50
N PHE E 142 -5.25 12.67 24.19
CA PHE E 142 -5.50 12.28 22.79
C PHE E 142 -6.38 13.25 21.99
N PRO E 143 -7.58 13.59 22.47
CA PRO E 143 -8.39 14.46 21.62
C PRO E 143 -7.80 15.87 21.49
N PHE E 144 -7.29 16.41 22.59
CA PHE E 144 -6.69 17.74 22.56
C PHE E 144 -5.19 17.66 22.88
N ASP E 145 -4.38 17.33 21.87
CA ASP E 145 -2.93 17.25 22.06
C ASP E 145 -2.20 18.19 21.12
N VAL E 146 -1.11 18.77 21.61
CA VAL E 146 -0.25 19.58 20.78
C VAL E 146 1.03 18.81 20.48
N GLN E 147 1.57 18.99 19.28
CA GLN E 147 2.76 18.28 18.87
C GLN E 147 3.87 19.25 18.46
N ASN E 148 5.10 18.86 18.78
CA ASN E 148 6.27 19.69 18.59
C ASN E 148 7.32 18.91 17.79
N CYS E 149 7.48 19.24 16.52
CA CYS E 149 8.39 18.48 15.66
C CYS E 149 9.55 19.32 15.15
N SER E 150 10.74 18.74 15.16
CA SER E 150 11.95 19.46 14.76
C SER E 150 12.31 19.22 13.29
N LEU E 151 12.76 20.28 12.63
CA LEU E 151 13.29 20.18 11.27
C LEU E 151 14.68 20.83 11.23
N THR E 152 15.72 20.02 11.34
CA THR E 152 17.07 20.55 11.46
C THR E 152 17.78 20.61 10.12
N PHE E 153 17.86 21.81 9.55
CA PHE E 153 18.54 22.03 8.29
C PHE E 153 20.03 22.22 8.52
N THR E 154 20.84 21.38 7.87
CA THR E 154 22.29 21.48 8.01
C THR E 154 23.01 20.84 6.84
N SER E 155 24.21 21.34 6.53
CA SER E 155 25.05 20.72 5.52
C SER E 155 25.55 19.38 6.05
N TRP E 156 25.36 18.32 5.29
CA TRP E 156 25.67 16.98 5.77
C TRP E 156 27.16 16.70 5.74
N LEU E 157 27.93 17.59 5.14
CA LEU E 157 29.37 17.41 5.06
C LEU E 157 30.16 18.66 5.46
N HIS E 158 29.88 19.77 4.78
CA HIS E 158 30.66 20.99 4.93
C HIS E 158 30.58 21.56 6.36
N THR E 159 31.72 22.05 6.85
CA THR E 159 31.77 22.69 8.16
C THR E 159 31.18 24.09 8.11
N ILE E 160 31.17 24.77 9.24
CA ILE E 160 30.60 26.11 9.33
C ILE E 160 31.53 27.14 8.68
N GLN E 161 32.78 26.75 8.45
CA GLN E 161 33.74 27.63 7.80
C GLN E 161 33.68 27.49 6.28
N ASP E 162 32.83 26.58 5.82
CA ASP E 162 32.60 26.40 4.39
C ASP E 162 31.19 26.83 4.03
N ILE E 163 30.20 26.24 4.69
CA ILE E 163 28.81 26.60 4.47
C ILE E 163 28.13 26.99 5.78
N ASN E 164 27.49 28.15 5.80
CA ASN E 164 26.79 28.62 6.99
C ASN E 164 25.36 29.04 6.63
N ILE E 165 24.42 28.75 7.51
CA ILE E 165 23.01 28.97 7.21
C ILE E 165 22.37 30.07 8.05
N THR E 166 21.63 30.96 7.38
CA THR E 166 20.90 32.03 8.05
C THR E 166 19.45 32.04 7.59
N LEU E 167 18.71 33.07 8.01
CA LEU E 167 17.31 33.22 7.62
C LEU E 167 17.13 34.35 6.61
N TRP E 168 16.55 34.01 5.47
CA TRP E 168 16.24 35.00 4.42
C TRP E 168 15.43 36.18 4.95
N ARG E 169 14.48 35.90 5.84
CA ARG E 169 13.65 36.95 6.42
C ARG E 169 13.50 36.77 7.92
N SER E 170 12.90 37.76 8.57
CA SER E 170 12.76 37.79 10.03
C SER E 170 12.15 36.52 10.59
N PRO E 171 12.69 36.04 11.73
CA PRO E 171 12.20 34.82 12.37
C PRO E 171 10.76 34.94 12.85
N GLU E 172 10.30 36.17 13.08
CA GLU E 172 8.93 36.40 13.48
C GLU E 172 8.01 36.22 12.28
N GLU E 173 8.49 36.66 11.11
CA GLU E 173 7.77 36.44 9.86
C GLU E 173 7.63 34.96 9.57
N VAL E 174 8.71 34.21 9.78
CA VAL E 174 8.73 32.77 9.59
C VAL E 174 7.78 32.09 10.56
N ARG E 175 7.77 32.58 11.80
CA ARG E 175 6.92 32.04 12.85
C ARG E 175 5.44 32.23 12.55
N SER E 176 5.05 33.48 12.27
CA SER E 176 3.66 33.84 12.10
C SER E 176 3.08 33.42 10.75
N ASP E 177 3.93 32.94 9.85
CA ASP E 177 3.51 32.60 8.49
C ASP E 177 2.52 31.44 8.48
N LYS E 178 1.24 31.77 8.30
CA LYS E 178 0.21 30.77 8.14
C LYS E 178 -0.43 30.88 6.76
N SER E 179 0.12 31.77 5.94
CA SER E 179 -0.35 31.96 4.58
C SER E 179 0.07 30.80 3.70
N ILE E 180 -0.74 30.50 2.69
CA ILE E 180 -0.54 29.35 1.82
C ILE E 180 -0.40 28.08 2.66
N PHE E 181 -1.38 27.86 3.53
CA PHE E 181 -1.45 26.64 4.33
C PHE E 181 -2.90 26.15 4.35
N ILE E 182 -3.06 24.83 4.26
CA ILE E 182 -4.39 24.25 4.14
C ILE E 182 -4.96 23.80 5.49
N ASN E 183 -6.03 24.48 5.91
CA ASN E 183 -6.76 24.09 7.10
C ASN E 183 -7.83 23.06 6.76
N GLN E 184 -8.83 22.95 7.63
CA GLN E 184 -9.93 22.00 7.45
C GLN E 184 -9.43 20.56 7.45
N GLY E 185 -8.26 20.36 8.05
CA GLY E 185 -7.67 19.04 8.14
C GLY E 185 -7.71 18.51 9.56
N GLU E 186 -7.00 17.42 9.80
CA GLU E 186 -6.96 16.81 11.13
C GLU E 186 -6.12 17.64 12.08
N TRP E 187 -5.16 18.39 11.53
CA TRP E 187 -4.25 19.17 12.35
C TRP E 187 -4.31 20.66 12.05
N GLU E 188 -4.05 21.46 13.07
CA GLU E 188 -4.01 22.91 12.93
C GLU E 188 -2.61 23.44 13.25
N LEU E 189 -1.99 24.10 12.28
CA LEU E 189 -0.65 24.64 12.46
C LEU E 189 -0.68 25.86 13.39
N LEU E 190 0.11 25.80 14.46
CA LEU E 190 0.21 26.90 15.39
C LEU E 190 1.34 27.85 15.00
N GLU E 191 2.56 27.35 14.98
CA GLU E 191 3.71 28.16 14.60
C GLU E 191 4.87 27.33 14.07
N VAL E 192 5.73 27.99 13.31
CA VAL E 192 6.99 27.40 12.87
C VAL E 192 8.15 28.23 13.42
N PHE E 193 8.74 27.79 14.52
CA PHE E 193 9.74 28.57 15.24
C PHE E 193 11.17 28.23 14.81
N PRO E 194 11.84 29.16 14.11
CA PRO E 194 13.22 28.96 13.69
C PRO E 194 14.23 29.31 14.79
N GLN E 195 15.33 28.55 14.85
CA GLN E 195 16.38 28.83 15.81
C GLN E 195 17.73 28.33 15.29
N PHE E 196 18.74 29.20 15.33
CA PHE E 196 20.08 28.83 14.88
C PHE E 196 20.89 28.23 16.02
N LYS E 197 21.70 27.22 15.70
CA LYS E 197 22.57 26.59 16.68
C LYS E 197 23.86 26.13 16.02
N GLU E 198 24.98 26.23 16.73
CA GLU E 198 26.24 25.71 16.21
C GLU E 198 26.56 24.37 16.86
N PHE E 199 26.40 23.29 16.09
CA PHE E 199 26.56 21.95 16.62
C PHE E 199 27.95 21.38 16.33
N SER E 200 28.62 20.91 17.38
CA SER E 200 29.92 20.27 17.24
C SER E 200 29.98 19.01 18.09
N ILE E 201 30.54 17.95 17.53
CA ILE E 201 30.73 16.71 18.27
C ILE E 201 32.15 16.65 18.81
N ASP E 202 32.94 17.65 18.46
CA ASP E 202 34.34 17.72 18.87
C ASP E 202 34.93 19.10 18.63
N ILE E 203 36.17 19.28 19.06
CA ILE E 203 36.93 20.50 18.80
C ILE E 203 37.40 20.49 17.34
N SER E 204 37.64 21.68 16.79
CA SER E 204 38.19 21.88 15.44
C SER E 204 37.21 21.59 14.32
N ASN E 205 36.07 20.99 14.65
CA ASN E 205 35.03 20.75 13.65
C ASN E 205 33.65 21.17 14.13
N SER E 206 33.17 22.30 13.63
CA SER E 206 31.86 22.81 14.00
C SER E 206 30.96 22.96 12.77
N TYR E 207 29.70 22.60 12.94
CA TYR E 207 28.73 22.64 11.86
C TYR E 207 27.55 23.56 12.18
N ALA E 208 26.92 24.10 11.14
CA ALA E 208 25.81 25.03 11.30
C ALA E 208 24.46 24.32 11.23
N GLU E 209 23.65 24.52 12.27
CA GLU E 209 22.30 23.98 12.34
C GLU E 209 21.25 25.08 12.33
N MET E 210 20.20 24.87 11.55
CA MET E 210 19.04 25.76 11.53
C MET E 210 17.77 24.95 11.82
N LYS E 211 17.31 25.02 13.06
CA LYS E 211 16.16 24.23 13.48
C LYS E 211 14.85 24.93 13.21
N PHE E 212 13.84 24.15 12.82
CA PHE E 212 12.48 24.66 12.66
C PHE E 212 11.50 23.83 13.45
N TYR E 213 10.98 24.40 14.54
CA TYR E 213 9.99 23.70 15.35
C TYR E 213 8.60 23.94 14.81
N VAL E 214 8.05 22.94 14.13
CA VAL E 214 6.68 23.00 13.65
C VAL E 214 5.76 22.48 14.75
N ILE E 215 4.85 23.34 15.18
CA ILE E 215 3.93 22.99 16.25
C ILE E 215 2.50 22.87 15.73
N ILE E 216 1.91 21.69 15.90
CA ILE E 216 0.58 21.44 15.34
C ILE E 216 -0.40 20.94 16.39
N ARG E 217 -1.63 21.44 16.34
CA ARG E 217 -2.66 21.03 17.29
C ARG E 217 -3.78 20.26 16.61
N ARG E 218 -4.23 19.19 17.26
CA ARG E 218 -5.25 18.32 16.68
C ARG E 218 -6.63 18.97 16.75
N ARG E 219 -7.51 18.57 15.83
CA ARG E 219 -8.88 19.06 15.82
C ARG E 219 -9.83 18.03 16.39
N PRO E 220 -10.28 18.25 17.64
CA PRO E 220 -11.10 17.29 18.39
C PRO E 220 -12.58 17.31 17.97
N LEU E 221 -12.84 17.02 16.70
CA LEU E 221 -14.22 16.99 16.21
C LEU E 221 -14.54 15.64 15.58
N PHE E 222 -13.66 15.19 14.69
CA PHE E 222 -13.79 13.86 14.08
C PHE E 222 -13.73 12.76 15.13
N TYR E 223 -12.92 12.98 16.16
CA TYR E 223 -12.76 12.00 17.24
C TYR E 223 -13.76 12.22 18.37
N ALA E 224 -14.59 13.26 18.25
CA ALA E 224 -15.62 13.53 19.24
C ALA E 224 -16.79 12.57 19.07
N VAL E 225 -17.52 12.72 17.97
CA VAL E 225 -18.68 11.89 17.66
C VAL E 225 -18.33 10.40 17.69
N SER E 226 -17.20 10.04 17.09
CA SER E 226 -16.79 8.64 17.00
C SER E 226 -16.47 8.03 18.36
N LEU E 227 -16.40 8.85 19.39
CA LEU E 227 -16.07 8.37 20.73
C LEU E 227 -17.20 8.52 21.74
N LEU E 228 -17.62 9.75 22.01
CA LEU E 228 -18.56 10.01 23.10
C LEU E 228 -20.00 9.65 22.77
N LEU E 229 -20.39 9.80 21.50
CA LEU E 229 -21.78 9.55 21.10
C LEU E 229 -22.25 8.10 21.33
N PRO E 230 -21.47 7.10 20.88
CA PRO E 230 -21.98 5.73 21.11
C PRO E 230 -22.01 5.36 22.59
N SER E 231 -21.09 5.91 23.38
CA SER E 231 -21.02 5.61 24.79
C SER E 231 -22.27 6.09 25.52
N ILE E 232 -22.66 7.34 25.27
CA ILE E 232 -23.85 7.89 25.89
C ILE E 232 -25.10 7.24 25.31
N PHE E 233 -25.00 6.78 24.06
CA PHE E 233 -26.12 6.06 23.45
C PHE E 233 -26.40 4.76 24.19
N LEU E 234 -25.39 3.90 24.29
CA LEU E 234 -25.56 2.63 25.01
C LEU E 234 -25.86 2.90 26.49
N MET E 235 -25.44 4.06 26.97
CA MET E 235 -25.71 4.44 28.35
C MET E 235 -27.21 4.65 28.55
N VAL E 236 -27.83 5.46 27.69
CA VAL E 236 -29.25 5.73 27.82
C VAL E 236 -30.08 4.50 27.43
N VAL E 237 -29.53 3.63 26.59
CA VAL E 237 -30.20 2.38 26.27
C VAL E 237 -30.21 1.49 27.51
N ASP E 238 -29.12 1.53 28.27
CA ASP E 238 -29.05 0.79 29.53
C ASP E 238 -30.05 1.37 30.53
N ILE E 239 -30.18 2.70 30.53
CA ILE E 239 -31.15 3.38 31.38
C ILE E 239 -32.57 2.92 31.04
N VAL E 240 -32.84 2.77 29.76
CA VAL E 240 -34.11 2.20 29.31
C VAL E 240 -34.22 0.76 29.81
N GLY E 241 -33.07 0.08 29.85
CA GLY E 241 -33.02 -1.30 30.30
C GLY E 241 -33.37 -1.51 31.76
N PHE E 242 -33.11 -0.49 32.58
CA PHE E 242 -33.49 -0.56 33.99
C PHE E 242 -35.01 -0.62 34.19
N CYS E 243 -35.75 -0.02 33.26
CA CYS E 243 -37.20 0.05 33.37
C CYS E 243 -37.84 -1.33 33.27
N LEU E 244 -37.11 -2.29 32.71
CA LEU E 244 -37.57 -3.67 32.66
C LEU E 244 -37.66 -4.28 34.05
N PRO E 245 -38.82 -4.87 34.38
CA PRO E 245 -39.01 -5.54 35.67
C PRO E 245 -38.10 -6.77 35.81
N PRO E 246 -37.52 -6.97 36.99
CA PRO E 246 -36.64 -8.11 37.30
C PRO E 246 -37.30 -9.46 37.08
N ASP E 247 -38.62 -9.50 37.17
CA ASP E 247 -39.37 -10.73 37.03
C ASP E 247 -39.37 -11.28 35.61
N SER E 248 -39.35 -10.38 34.63
CA SER E 248 -39.38 -10.74 33.21
C SER E 248 -38.31 -11.75 32.82
N GLY E 249 -37.08 -11.52 33.30
CA GLY E 249 -35.97 -12.38 32.97
C GLY E 249 -35.22 -11.93 31.73
N GLU E 250 -35.92 -11.20 30.86
CA GLU E 250 -35.33 -10.64 29.66
C GLU E 250 -34.39 -9.49 30.00
N ARG E 251 -34.48 -8.99 31.23
CA ARG E 251 -33.64 -7.90 31.72
C ARG E 251 -32.17 -8.32 31.79
N VAL E 252 -31.94 -9.57 32.18
CA VAL E 252 -30.59 -10.11 32.29
C VAL E 252 -29.95 -10.22 30.91
N SER E 253 -30.71 -10.79 29.98
CA SER E 253 -30.27 -10.89 28.59
C SER E 253 -30.05 -9.52 27.98
N PHE E 254 -30.86 -8.55 28.43
CA PHE E 254 -30.72 -7.16 28.05
C PHE E 254 -29.33 -6.68 28.43
N LYS E 255 -29.00 -6.79 29.71
CA LYS E 255 -27.73 -6.27 30.22
C LYS E 255 -26.53 -6.99 29.58
N ILE E 256 -26.68 -8.29 29.36
CA ILE E 256 -25.62 -9.08 28.75
C ILE E 256 -25.38 -8.69 27.29
N THR E 257 -26.45 -8.57 26.51
CA THR E 257 -26.34 -8.21 25.11
C THR E 257 -25.78 -6.78 24.97
N LEU E 258 -26.23 -5.89 25.84
CA LEU E 258 -25.74 -4.51 25.81
C LEU E 258 -24.26 -4.48 26.15
N LEU E 259 -23.86 -5.26 27.14
CA LEU E 259 -22.46 -5.36 27.53
C LEU E 259 -21.62 -5.88 26.37
N LEU E 260 -22.17 -6.85 25.66
CA LEU E 260 -21.50 -7.39 24.46
C LEU E 260 -21.34 -6.31 23.41
N GLY E 261 -22.39 -5.53 23.19
CA GLY E 261 -22.37 -4.46 22.20
C GLY E 261 -21.34 -3.39 22.53
N TYR E 262 -21.22 -3.05 23.80
CA TYR E 262 -20.24 -2.05 24.21
C TYR E 262 -18.84 -2.64 24.14
N SER E 263 -18.73 -3.94 24.37
CA SER E 263 -17.45 -4.64 24.26
C SER E 263 -16.93 -4.62 22.82
N VAL E 264 -17.78 -5.04 21.89
CA VAL E 264 -17.38 -5.04 20.49
C VAL E 264 -17.16 -3.60 20.01
N PHE E 265 -17.90 -2.67 20.61
CA PHE E 265 -17.68 -1.25 20.31
C PHE E 265 -16.28 -0.81 20.72
N LEU E 266 -15.87 -1.13 21.94
CA LEU E 266 -14.56 -0.73 22.44
C LEU E 266 -13.45 -1.48 21.73
N ILE E 267 -13.76 -2.64 21.17
CA ILE E 267 -12.78 -3.38 20.39
C ILE E 267 -12.61 -2.74 19.01
N ILE E 268 -13.72 -2.24 18.46
CA ILE E 268 -13.67 -1.54 17.17
C ILE E 268 -12.96 -0.19 17.31
N VAL E 269 -13.26 0.55 18.37
CA VAL E 269 -12.65 1.86 18.59
C VAL E 269 -11.21 1.71 19.09
N SER E 270 -10.82 0.49 19.42
CA SER E 270 -9.47 0.21 19.86
C SER E 270 -8.48 0.44 18.71
N ASP E 271 -8.96 0.28 17.48
CA ASP E 271 -8.15 0.57 16.31
C ASP E 271 -8.46 1.96 15.75
N THR E 272 -7.93 2.97 16.43
CA THR E 272 -8.05 4.36 15.98
C THR E 272 -6.72 5.08 16.20
N LEU E 273 -6.26 5.08 17.44
CA LEU E 273 -4.98 5.66 17.79
C LEU E 273 -4.27 4.82 18.85
N PRO E 274 -3.03 4.42 18.57
CA PRO E 274 -2.23 3.64 19.53
C PRO E 274 -1.55 4.52 20.58
N ALA E 275 -1.09 3.91 21.66
CA ALA E 275 -0.40 4.64 22.72
C ALA E 275 0.92 3.97 23.08
N THR E 280 -0.48 4.61 27.76
CA THR E 280 -1.92 4.76 27.87
C THR E 280 -2.40 6.08 27.26
N PRO E 281 -3.51 6.03 26.51
CA PRO E 281 -4.09 7.21 25.85
C PRO E 281 -4.76 8.16 26.84
N LEU E 282 -4.89 7.74 28.10
CA LEU E 282 -5.49 8.53 29.18
C LEU E 282 -7.00 8.75 28.98
N ILE E 283 -7.43 8.83 27.73
CA ILE E 283 -8.85 8.97 27.41
C ILE E 283 -9.53 7.60 27.56
N GLY E 284 -8.71 6.56 27.62
CA GLY E 284 -9.20 5.20 27.84
C GLY E 284 -9.75 5.02 29.24
N VAL E 285 -9.20 5.78 30.19
CA VAL E 285 -9.67 5.75 31.57
C VAL E 285 -11.10 6.28 31.64
N TYR E 286 -11.34 7.40 30.96
CA TYR E 286 -12.65 8.03 30.93
C TYR E 286 -13.61 7.22 30.07
N PHE E 287 -13.16 6.04 29.67
CA PHE E 287 -13.91 5.13 28.83
C PHE E 287 -14.13 3.82 29.59
N VAL E 288 -13.06 3.32 30.18
CA VAL E 288 -13.12 2.14 31.04
C VAL E 288 -13.99 2.44 32.27
N VAL E 289 -14.18 3.73 32.57
CA VAL E 289 -15.16 4.13 33.57
C VAL E 289 -16.56 3.70 33.13
N CYS E 290 -16.91 4.01 31.88
CA CYS E 290 -18.19 3.60 31.32
C CYS E 290 -18.32 2.07 31.29
N MET E 291 -17.22 1.42 30.93
CA MET E 291 -17.16 -0.04 30.90
C MET E 291 -17.52 -0.63 32.27
N ALA E 292 -16.85 -0.13 33.30
CA ALA E 292 -17.09 -0.55 34.67
C ALA E 292 -18.49 -0.19 35.14
N LEU E 293 -19.02 0.90 34.59
CA LEU E 293 -20.38 1.34 34.93
C LEU E 293 -21.41 0.33 34.41
N LEU E 294 -21.16 -0.19 33.22
CA LEU E 294 -22.05 -1.20 32.66
C LEU E 294 -21.88 -2.50 33.42
N VAL E 295 -20.66 -2.76 33.87
CA VAL E 295 -20.38 -3.95 34.66
C VAL E 295 -21.15 -3.95 35.98
N ILE E 296 -21.07 -2.85 36.72
CA ILE E 296 -21.77 -2.74 37.99
C ILE E 296 -23.28 -2.64 37.79
N SER E 297 -23.68 -2.16 36.62
CA SER E 297 -25.09 -2.18 36.25
C SER E 297 -25.59 -3.61 36.15
N LEU E 298 -24.82 -4.43 35.44
CA LEU E 298 -25.15 -5.84 35.26
C LEU E 298 -25.16 -6.56 36.61
N ALA E 299 -24.16 -6.26 37.44
CA ALA E 299 -24.06 -6.84 38.77
C ALA E 299 -25.27 -6.47 39.62
N GLU E 300 -25.75 -5.24 39.44
CA GLU E 300 -26.94 -4.79 40.14
C GLU E 300 -28.14 -5.62 39.69
N THR E 301 -28.29 -5.77 38.38
CA THR E 301 -29.41 -6.52 37.81
C THR E 301 -29.44 -7.96 38.30
N ILE E 302 -28.30 -8.64 38.25
CA ILE E 302 -28.26 -10.03 38.70
C ILE E 302 -28.42 -10.12 40.22
N PHE E 303 -28.05 -9.06 40.93
CA PHE E 303 -28.23 -9.02 42.38
C PHE E 303 -29.72 -8.99 42.72
N ILE E 304 -30.43 -8.00 42.19
CA ILE E 304 -31.85 -7.88 42.51
C ILE E 304 -32.65 -9.04 41.92
N VAL E 305 -32.16 -9.62 40.82
CA VAL E 305 -32.84 -10.79 40.25
C VAL E 305 -32.55 -12.02 41.09
N ARG E 306 -31.46 -11.97 41.86
CA ARG E 306 -31.18 -13.03 42.83
C ARG E 306 -32.11 -12.86 44.04
N LEU E 307 -32.41 -11.61 44.37
CA LEU E 307 -33.32 -11.33 45.47
C LEU E 307 -34.75 -11.83 45.21
N VAL E 308 -35.38 -11.33 44.15
CA VAL E 308 -36.75 -11.75 43.83
C VAL E 308 -36.77 -12.94 42.88
N HIS E 309 -37.27 -14.07 43.36
CA HIS E 309 -37.36 -15.31 42.59
C HIS E 309 -38.12 -16.36 43.38
N LYS E 310 -38.60 -17.40 42.70
CA LYS E 310 -39.30 -18.50 43.35
C LYS E 310 -38.38 -19.71 43.47
N GLN E 311 -37.74 -19.85 44.62
CA GLN E 311 -36.82 -20.95 44.86
C GLN E 311 -37.29 -21.87 45.98
N ASP E 312 -38.53 -21.66 46.42
CA ASP E 312 -39.17 -22.51 47.43
C ASP E 312 -38.40 -22.58 48.75
N LEU E 313 -37.64 -21.55 49.06
CA LEU E 313 -36.81 -21.54 50.27
C LEU E 313 -36.95 -20.28 51.11
N GLN E 314 -36.60 -20.41 52.39
CA GLN E 314 -36.41 -19.28 53.30
C GLN E 314 -37.63 -18.41 53.57
N ARG E 315 -37.37 -17.30 54.26
CA ARG E 315 -38.37 -16.30 54.60
C ARG E 315 -37.64 -14.96 54.75
N PRO E 316 -38.34 -13.84 54.47
CA PRO E 316 -37.69 -12.54 54.65
C PRO E 316 -37.37 -12.25 56.12
N VAL E 317 -36.09 -12.04 56.40
CA VAL E 317 -35.66 -11.75 57.77
C VAL E 317 -36.16 -10.39 58.21
N PRO E 318 -36.78 -10.33 59.41
CA PRO E 318 -37.38 -9.11 59.95
C PRO E 318 -36.37 -7.97 60.09
N ASP E 319 -35.15 -8.32 60.49
CA ASP E 319 -34.06 -7.36 60.63
C ASP E 319 -33.84 -6.58 59.35
N TRP E 320 -33.82 -7.28 58.22
CA TRP E 320 -33.61 -6.63 56.93
C TRP E 320 -34.95 -6.35 56.25
N LEU E 321 -36.04 -6.70 56.92
CA LEU E 321 -37.38 -6.35 56.44
C LEU E 321 -37.72 -4.92 56.84
N ARG E 322 -37.36 -4.56 58.06
CA ARG E 322 -37.55 -3.19 58.55
C ARG E 322 -36.58 -2.23 57.86
N HIS E 323 -35.39 -2.72 57.58
CA HIS E 323 -34.35 -1.93 56.95
C HIS E 323 -34.67 -1.56 55.50
N LEU E 324 -35.46 -2.40 54.84
CA LEU E 324 -35.74 -2.22 53.42
C LEU E 324 -37.20 -1.85 53.15
N VAL E 325 -38.12 -2.74 53.52
CA VAL E 325 -39.53 -2.57 53.20
C VAL E 325 -40.19 -1.46 54.03
N LEU E 326 -39.49 -0.97 55.04
CA LEU E 326 -40.05 0.05 55.93
C LEU E 326 -39.27 1.36 55.85
N ASP E 327 -37.99 1.33 56.23
CA ASP E 327 -37.16 2.52 56.28
C ASP E 327 -36.75 2.99 54.88
N ARG E 328 -36.18 2.08 54.10
CA ARG E 328 -35.69 2.42 52.76
C ARG E 328 -36.85 2.74 51.82
N ILE E 329 -38.04 2.27 52.16
CA ILE E 329 -39.24 2.55 51.37
C ILE E 329 -39.66 4.00 51.57
N ALA E 330 -39.60 4.47 52.80
CA ALA E 330 -39.92 5.85 53.11
C ALA E 330 -38.82 6.77 52.59
N TRP E 331 -37.59 6.30 52.65
CA TRP E 331 -36.45 7.08 52.14
C TRP E 331 -36.50 7.21 50.62
N ILE E 332 -37.00 6.18 49.95
CA ILE E 332 -37.09 6.18 48.49
C ILE E 332 -38.33 6.93 48.00
N LEU E 333 -39.40 6.86 48.78
CA LEU E 333 -40.66 7.50 48.42
C LEU E 333 -40.53 9.02 48.41
N CYS E 334 -39.65 9.55 49.24
CA CYS E 334 -39.43 10.98 49.32
C CYS E 334 -38.29 11.41 48.41
N VAL E 393 -70.71 -40.57 62.55
CA VAL E 393 -69.48 -39.85 62.26
C VAL E 393 -68.87 -40.29 60.94
N ARG E 394 -68.42 -39.33 60.14
CA ARG E 394 -67.83 -39.63 58.83
C ARG E 394 -66.40 -39.10 58.75
N GLY E 395 -65.56 -39.83 58.02
CA GLY E 395 -64.15 -39.47 57.90
C GLY E 395 -63.84 -38.56 56.73
N LEU E 396 -64.77 -37.68 56.39
CA LEU E 396 -64.58 -36.75 55.28
C LEU E 396 -63.64 -35.62 55.65
N LEU E 397 -63.55 -35.32 56.95
CA LEU E 397 -62.77 -34.20 57.44
C LEU E 397 -61.26 -34.45 57.33
N GLN E 398 -60.87 -35.71 57.46
CA GLN E 398 -59.45 -36.09 57.41
C GLN E 398 -58.87 -35.93 56.01
N GLU E 399 -59.75 -35.89 55.01
CA GLU E 399 -59.35 -35.67 53.64
C GLU E 399 -59.23 -34.18 53.36
N LEU E 400 -60.23 -33.44 53.81
CA LEU E 400 -60.30 -31.99 53.62
C LEU E 400 -59.13 -31.30 54.32
N SER E 401 -58.75 -31.82 55.47
CA SER E 401 -57.63 -31.26 56.21
C SER E 401 -56.33 -31.39 55.40
N SER E 402 -56.15 -32.53 54.77
CA SER E 402 -54.97 -32.78 53.95
C SER E 402 -54.96 -31.94 52.68
N ILE E 403 -56.12 -31.83 52.05
CA ILE E 403 -56.24 -31.02 50.83
C ILE E 403 -55.94 -29.54 51.12
N ARG E 404 -56.56 -29.03 52.18
CA ARG E 404 -56.32 -27.67 52.62
C ARG E 404 -54.85 -27.47 52.97
N HIS E 405 -54.26 -28.48 53.59
CA HIS E 405 -52.85 -28.45 53.95
C HIS E 405 -51.98 -28.27 52.72
N PHE E 406 -52.26 -29.07 51.69
CA PHE E 406 -51.51 -28.97 50.43
C PHE E 406 -51.70 -27.60 49.79
N LEU E 407 -52.91 -27.05 49.88
CA LEU E 407 -53.19 -25.74 49.28
C LEU E 407 -52.40 -24.60 49.96
N GLU E 408 -52.52 -24.53 51.29
CA GLU E 408 -51.87 -23.47 52.05
C GLU E 408 -50.35 -23.66 52.12
N LYS E 409 -49.91 -24.89 51.89
CA LYS E 409 -48.49 -25.20 51.84
C LYS E 409 -47.84 -24.43 50.70
N ARG E 410 -48.50 -24.43 49.54
CA ARG E 410 -48.04 -23.65 48.40
C ARG E 410 -48.29 -22.16 48.60
N ASP E 411 -49.48 -21.83 49.12
CA ASP E 411 -49.87 -20.43 49.29
C ASP E 411 -48.88 -19.66 50.19
N GLU E 412 -48.36 -20.35 51.20
CA GLU E 412 -47.40 -19.75 52.13
C GLU E 412 -46.12 -19.33 51.41
N MET E 413 -45.55 -20.26 50.66
CA MET E 413 -44.34 -19.99 49.88
C MET E 413 -44.59 -18.90 48.85
N ARG E 414 -45.82 -18.87 48.33
CA ARG E 414 -46.21 -17.85 47.37
C ARG E 414 -46.16 -16.46 48.03
N GLU E 415 -46.62 -16.39 49.28
CA GLU E 415 -46.60 -15.15 50.03
C GLU E 415 -45.18 -14.72 50.36
N VAL E 416 -44.33 -15.69 50.71
CA VAL E 416 -42.94 -15.40 51.02
C VAL E 416 -42.24 -14.83 49.79
N ALA E 417 -42.45 -15.48 48.65
CA ALA E 417 -41.89 -15.01 47.38
C ALA E 417 -42.42 -13.62 47.05
N ARG E 418 -43.67 -13.34 47.44
CA ARG E 418 -44.25 -12.02 47.25
C ARG E 418 -43.52 -10.95 48.06
N ASP E 419 -43.21 -11.29 49.32
CA ASP E 419 -42.51 -10.34 50.19
C ASP E 419 -41.09 -10.08 49.69
N TRP E 420 -40.40 -11.15 49.28
CA TRP E 420 -39.07 -11.01 48.70
C TRP E 420 -39.12 -10.18 47.42
N LEU E 421 -40.22 -10.32 46.68
CA LEU E 421 -40.47 -9.50 45.50
C LEU E 421 -40.58 -8.02 45.87
N ARG E 422 -41.28 -7.74 46.97
CA ARG E 422 -41.39 -6.37 47.46
C ARG E 422 -40.02 -5.79 47.78
N VAL E 423 -39.25 -6.53 48.59
CA VAL E 423 -37.91 -6.09 48.97
C VAL E 423 -37.04 -5.81 47.76
N GLY E 424 -36.96 -6.81 46.87
CA GLY E 424 -36.20 -6.70 45.65
C GLY E 424 -36.58 -5.50 44.81
N TYR E 425 -37.88 -5.23 44.71
CA TYR E 425 -38.37 -4.11 43.93
C TYR E 425 -37.94 -2.77 44.55
N VAL E 426 -38.07 -2.65 45.86
CA VAL E 426 -37.67 -1.43 46.56
C VAL E 426 -36.17 -1.15 46.34
N LEU E 427 -35.35 -2.17 46.60
CA LEU E 427 -33.92 -2.05 46.41
C LEU E 427 -33.57 -1.68 44.96
N ASP E 428 -34.25 -2.32 44.02
CA ASP E 428 -34.01 -2.07 42.61
C ASP E 428 -34.30 -0.62 42.23
N ARG E 429 -35.41 -0.09 42.75
CA ARG E 429 -35.77 1.30 42.47
C ARG E 429 -34.76 2.27 43.08
N LEU E 430 -34.35 1.99 44.31
CA LEU E 430 -33.37 2.84 44.99
C LEU E 430 -32.04 2.88 44.22
N LEU E 431 -31.56 1.70 43.86
CA LEU E 431 -30.32 1.58 43.10
C LEU E 431 -30.45 2.21 41.71
N PHE E 432 -31.67 2.22 41.19
CA PHE E 432 -31.94 2.89 39.92
C PHE E 432 -31.76 4.39 40.07
N ARG E 433 -32.28 4.94 41.16
CA ARG E 433 -32.10 6.37 41.45
C ARG E 433 -30.62 6.70 41.56
N ILE E 434 -29.90 5.89 42.34
CA ILE E 434 -28.46 6.10 42.55
C ILE E 434 -27.67 6.07 41.24
N TYR E 435 -27.93 5.04 40.43
CA TYR E 435 -27.23 4.89 39.16
C TYR E 435 -27.52 6.06 38.23
N LEU E 436 -28.78 6.47 38.18
CA LEU E 436 -29.19 7.58 37.31
C LEU E 436 -28.47 8.87 37.71
N LEU E 437 -28.47 9.16 39.01
CA LEU E 437 -27.82 10.37 39.50
C LEU E 437 -26.31 10.32 39.24
N ALA E 438 -25.73 9.12 39.36
CA ALA E 438 -24.32 8.93 39.10
C ALA E 438 -23.98 9.23 37.64
N VAL E 439 -24.83 8.75 36.74
CA VAL E 439 -24.64 9.00 35.31
C VAL E 439 -24.72 10.49 35.01
N LEU E 440 -25.73 11.15 35.59
CA LEU E 440 -25.91 12.58 35.36
C LEU E 440 -24.72 13.40 35.88
N ALA E 441 -24.20 13.02 37.05
CA ALA E 441 -23.06 13.71 37.64
C ALA E 441 -21.80 13.51 36.79
N TYR E 442 -21.59 12.27 36.35
CA TYR E 442 -20.45 11.95 35.51
C TYR E 442 -20.52 12.75 34.20
N SER E 443 -21.73 12.90 33.69
CA SER E 443 -21.96 13.67 32.47
C SER E 443 -21.69 15.16 32.67
N ILE E 444 -22.12 15.71 33.81
CA ILE E 444 -21.92 17.14 34.05
C ILE E 444 -20.43 17.42 34.26
N THR E 445 -19.71 16.45 34.81
CA THR E 445 -18.26 16.57 34.93
C THR E 445 -17.63 16.51 33.53
N LEU E 446 -18.20 15.65 32.69
CA LEU E 446 -17.71 15.53 31.32
C LEU E 446 -17.84 16.84 30.55
N VAL E 447 -19.00 17.50 30.65
CA VAL E 447 -19.21 18.73 29.91
C VAL E 447 -18.46 19.90 30.54
N THR E 448 -18.30 19.88 31.87
CA THR E 448 -17.53 20.94 32.52
C THR E 448 -16.06 20.82 32.11
N LEU E 449 -15.61 19.60 31.86
CA LEU E 449 -14.27 19.38 31.33
C LEU E 449 -14.18 19.77 29.85
N TRP E 450 -15.26 19.52 29.11
CA TRP E 450 -15.34 19.90 27.70
C TRP E 450 -15.24 21.41 27.50
N SER E 451 -15.89 22.16 28.39
CA SER E 451 -15.90 23.62 28.28
C SER E 451 -14.56 24.25 28.61
N ILE E 452 -13.89 23.76 29.65
CA ILE E 452 -12.62 24.32 30.09
C ILE E 452 -11.51 24.05 29.08
N ASP F 1 21.80 49.20 -0.49
CA ASP F 1 21.84 48.23 -1.58
C ASP F 1 21.00 48.71 -2.76
N VAL F 2 19.71 48.94 -2.50
CA VAL F 2 18.79 49.39 -3.54
C VAL F 2 18.72 50.92 -3.56
N GLN F 3 18.90 51.51 -4.73
CA GLN F 3 18.91 52.96 -4.88
C GLN F 3 17.59 53.51 -5.39
N LEU F 4 17.15 54.62 -4.81
CA LEU F 4 15.92 55.29 -5.18
C LEU F 4 16.19 56.65 -5.78
N VAL F 5 15.51 56.98 -6.87
CA VAL F 5 15.68 58.29 -7.52
C VAL F 5 14.35 58.98 -7.77
N GLU F 6 14.16 60.13 -7.11
CA GLU F 6 12.95 60.93 -7.30
C GLU F 6 13.08 61.86 -8.50
N SER F 7 11.95 62.18 -9.12
CA SER F 7 11.91 63.08 -10.26
C SER F 7 10.50 63.65 -10.47
N GLY F 8 10.42 64.76 -11.18
CA GLY F 8 9.14 65.36 -11.50
C GLY F 8 8.83 66.62 -10.72
N GLY F 9 9.62 66.90 -9.69
CA GLY F 9 9.42 68.08 -8.86
C GLY F 9 9.70 69.38 -9.60
N GLY F 10 8.92 70.40 -9.28
CA GLY F 10 9.09 71.70 -9.92
C GLY F 10 8.22 72.78 -9.30
N LEU F 11 7.98 73.85 -10.06
CA LEU F 11 7.16 74.96 -9.59
C LEU F 11 5.82 75.00 -10.33
N VAL F 12 4.74 75.05 -9.56
CA VAL F 12 3.40 75.06 -10.15
C VAL F 12 2.49 76.03 -9.41
N GLN F 13 1.57 76.66 -10.15
CA GLN F 13 0.59 77.55 -9.55
C GLN F 13 -0.51 76.73 -8.88
N PRO F 14 -1.06 77.24 -7.75
CA PRO F 14 -2.09 76.58 -6.96
C PRO F 14 -3.26 76.05 -7.79
N GLY F 15 -3.71 74.84 -7.48
CA GLY F 15 -4.78 74.21 -8.22
C GLY F 15 -4.30 73.38 -9.40
N GLY F 16 -2.99 73.37 -9.62
CA GLY F 16 -2.40 72.61 -10.70
C GLY F 16 -2.12 71.17 -10.34
N SER F 17 -1.55 70.42 -11.28
CA SER F 17 -1.23 69.03 -11.06
C SER F 17 0.23 68.70 -11.39
N LEU F 18 0.77 67.70 -10.72
CA LEU F 18 2.15 67.28 -10.94
C LEU F 18 2.33 65.81 -10.56
N ARG F 19 3.06 65.06 -11.37
CA ARG F 19 3.27 63.65 -11.12
C ARG F 19 4.72 63.34 -10.77
N LEU F 20 4.93 62.79 -9.58
CA LEU F 20 6.26 62.45 -9.11
C LEU F 20 6.59 60.99 -9.39
N SER F 21 7.84 60.71 -9.74
CA SER F 21 8.28 59.35 -10.02
C SER F 21 9.46 58.96 -9.14
N CYS F 22 9.43 57.74 -8.62
CA CYS F 22 10.52 57.23 -7.80
C CYS F 22 11.02 55.89 -8.36
N ALA F 23 12.24 55.90 -8.86
CA ALA F 23 12.80 54.72 -9.53
C ALA F 23 13.74 53.94 -8.62
N TYR F 24 13.41 52.68 -8.38
CA TYR F 24 14.26 51.80 -7.60
C TYR F 24 15.16 50.94 -8.50
N SER F 25 16.36 50.64 -8.02
CA SER F 25 17.29 49.82 -8.80
C SER F 25 18.26 49.06 -7.89
N GLY F 26 18.78 47.94 -8.39
CA GLY F 26 19.72 47.15 -7.64
C GLY F 26 19.98 45.78 -8.25
N SER F 27 20.35 44.82 -7.42
CA SER F 27 20.60 43.45 -7.86
C SER F 27 19.48 42.51 -7.43
N LEU F 28 19.51 42.13 -6.16
CA LEU F 28 18.47 41.28 -5.60
C LEU F 28 17.78 42.00 -4.47
N PHE F 29 16.50 42.29 -4.66
CA PHE F 29 15.73 43.06 -3.69
C PHE F 29 14.24 42.79 -3.81
N SER F 30 13.52 43.06 -2.73
CA SER F 30 12.07 42.92 -2.73
C SER F 30 11.41 44.08 -1.98
N ILE F 31 10.80 45.00 -2.72
CA ILE F 31 10.13 46.12 -2.10
C ILE F 31 8.81 45.67 -1.50
N LEU F 32 8.75 45.66 -0.17
CA LEU F 32 7.56 45.23 0.55
C LEU F 32 6.56 46.37 0.67
N ARG F 33 7.09 47.57 0.90
CA ARG F 33 6.27 48.76 1.09
C ARG F 33 6.98 50.01 0.57
N MET F 34 6.23 50.88 -0.10
CA MET F 34 6.78 52.12 -0.62
C MET F 34 5.97 53.32 -0.14
N ASP F 35 6.58 54.17 0.68
CA ASP F 35 5.90 55.34 1.20
C ASP F 35 6.44 56.64 0.60
N TRP F 36 5.55 57.63 0.44
CA TRP F 36 5.96 58.95 0.00
C TRP F 36 6.00 59.91 1.19
N TYR F 37 7.10 60.63 1.35
CA TYR F 37 7.24 61.60 2.43
C TYR F 37 7.55 62.98 1.90
N ARG F 38 7.08 64.01 2.59
CA ARG F 38 7.41 65.38 2.22
C ARG F 38 7.87 66.17 3.44
N GLN F 39 8.87 67.03 3.24
CA GLN F 39 9.39 67.82 4.35
C GLN F 39 9.54 69.29 3.97
N ALA F 40 8.66 70.12 4.52
CA ALA F 40 8.76 71.57 4.34
C ALA F 40 9.93 72.11 5.13
N PRO F 41 10.52 73.24 4.67
CA PRO F 41 11.64 73.86 5.37
C PRO F 41 11.29 74.21 6.83
N GLY F 42 12.03 73.63 7.77
CA GLY F 42 11.78 73.85 9.18
C GLY F 42 10.77 72.89 9.78
N LYS F 43 9.81 72.46 8.97
CA LYS F 43 8.78 71.54 9.42
C LYS F 43 9.27 70.10 9.40
N GLU F 44 8.54 69.22 10.09
CA GLU F 44 8.93 67.82 10.22
C GLU F 44 8.67 67.03 8.95
N ARG F 45 9.04 65.75 8.97
CA ARG F 45 8.73 64.84 7.87
C ARG F 45 7.27 64.39 7.97
N GLU F 46 6.54 64.56 6.88
CA GLU F 46 5.13 64.22 6.83
C GLU F 46 4.85 63.07 5.87
N LEU F 47 4.05 62.12 6.33
CA LEU F 47 3.63 61.00 5.51
C LEU F 47 2.53 61.42 4.54
N VAL F 48 2.73 61.15 3.26
CA VAL F 48 1.78 61.52 2.22
C VAL F 48 0.95 60.33 1.75
N ALA F 49 1.64 59.36 1.17
CA ALA F 49 0.97 58.18 0.62
C ALA F 49 1.87 56.95 0.67
N GLY F 50 1.26 55.78 0.75
CA GLY F 50 1.98 54.52 0.77
C GLY F 50 1.22 53.47 -0.02
N ILE F 51 1.89 52.37 -0.34
CA ILE F 51 1.26 51.31 -1.11
C ILE F 51 1.86 49.94 -0.77
N THR F 52 0.99 48.96 -0.59
CA THR F 52 1.44 47.59 -0.28
C THR F 52 0.38 46.59 -0.73
N ARG F 53 0.83 45.43 -1.24
CA ARG F 53 -0.09 44.41 -1.73
C ARG F 53 -1.02 43.94 -0.61
N ASP F 54 -2.28 43.71 -0.95
CA ASP F 54 -3.31 43.38 0.03
C ASP F 54 -3.11 41.98 0.62
N ALA F 55 -4.01 41.60 1.53
CA ALA F 55 -4.01 40.26 2.10
C ALA F 55 -4.13 39.23 0.98
N ALA F 56 -5.04 39.48 0.06
CA ALA F 56 -5.08 38.72 -1.18
C ALA F 56 -3.92 39.15 -2.06
N GLY F 57 -3.16 38.18 -2.56
CA GLY F 57 -1.90 38.46 -3.23
C GLY F 57 -2.02 38.94 -4.66
N TYR F 58 -3.08 39.70 -4.96
CA TYR F 58 -3.29 40.19 -6.31
C TYR F 58 -3.33 41.72 -6.35
N ALA F 59 -4.46 42.30 -5.96
CA ALA F 59 -4.64 43.74 -6.03
C ALA F 59 -3.90 44.44 -4.89
N ASP F 60 -3.42 45.65 -5.15
CA ASP F 60 -2.69 46.42 -4.16
C ASP F 60 -3.60 47.14 -3.18
N SER F 61 -2.99 47.80 -2.21
CA SER F 61 -3.72 48.59 -1.22
C SER F 61 -2.97 49.89 -0.93
N THR F 62 -3.63 51.01 -1.19
CA THR F 62 -3.05 52.33 -0.97
C THR F 62 -3.38 52.85 0.43
N ASN F 63 -2.55 53.76 0.92
CA ASN F 63 -2.75 54.38 2.21
C ASN F 63 -2.45 55.87 2.17
N TYR F 64 -3.49 56.69 2.32
CA TYR F 64 -3.34 58.13 2.20
C TYR F 64 -3.50 58.84 3.54
N ALA F 65 -2.89 60.02 3.66
CA ALA F 65 -3.07 60.86 4.83
C ALA F 65 -4.37 61.65 4.70
N ASP F 66 -4.93 62.08 5.83
CA ASP F 66 -6.18 62.83 5.83
C ASP F 66 -6.08 64.13 5.06
N SER F 67 -4.88 64.73 5.05
CA SER F 67 -4.64 65.98 4.35
C SER F 67 -4.82 65.82 2.85
N VAL F 68 -4.05 64.91 2.26
CA VAL F 68 -4.06 64.70 0.82
C VAL F 68 -5.07 63.64 0.38
N LYS F 69 -6.00 63.33 1.28
CA LYS F 69 -6.96 62.24 1.10
C LYS F 69 -7.61 62.15 -0.27
N GLY F 70 -8.19 63.26 -0.73
CA GLY F 70 -8.90 63.28 -1.99
C GLY F 70 -8.08 63.77 -3.18
N ARG F 71 -7.05 64.56 -2.90
CA ARG F 71 -6.27 65.20 -3.96
C ARG F 71 -5.23 64.28 -4.56
N PHE F 72 -4.55 63.50 -3.72
CA PHE F 72 -3.41 62.70 -4.16
C PHE F 72 -3.80 61.25 -4.49
N THR F 73 -3.10 60.67 -5.46
CA THR F 73 -3.33 59.30 -5.87
C THR F 73 -2.01 58.58 -6.15
N ILE F 74 -1.65 57.62 -5.31
CA ILE F 74 -0.40 56.88 -5.47
C ILE F 74 -0.59 55.63 -6.33
N SER F 75 0.33 55.42 -7.28
CA SER F 75 0.28 54.26 -8.15
C SER F 75 1.67 53.66 -8.32
N ARG F 76 1.79 52.61 -9.13
CA ARG F 76 3.09 52.00 -9.39
C ARG F 76 3.14 51.24 -10.70
N ASP F 77 4.34 51.10 -11.24
CA ASP F 77 4.59 50.27 -12.41
C ASP F 77 5.82 49.40 -12.16
N SER F 78 5.57 48.12 -11.94
CA SER F 78 6.63 47.14 -11.69
C SER F 78 7.47 46.88 -12.94
N ALA F 79 6.87 47.05 -14.11
CA ALA F 79 7.55 46.79 -15.37
C ALA F 79 8.61 47.85 -15.65
N LYS F 80 8.26 49.10 -15.37
CA LYS F 80 9.19 50.21 -15.57
C LYS F 80 10.03 50.43 -14.31
N ASN F 81 9.79 49.60 -13.30
CA ASN F 81 10.48 49.69 -12.01
C ASN F 81 10.38 51.07 -11.38
N THR F 82 9.20 51.66 -11.42
CA THR F 82 9.01 53.01 -10.91
C THR F 82 7.68 53.17 -10.20
N VAL F 83 7.68 53.78 -9.02
CA VAL F 83 6.46 54.04 -8.28
C VAL F 83 6.07 55.51 -8.40
N TYR F 84 4.79 55.76 -8.71
CA TYR F 84 4.34 57.11 -9.01
C TYR F 84 3.45 57.71 -7.92
N LEU F 85 3.48 59.04 -7.83
CA LEU F 85 2.60 59.79 -6.94
C LEU F 85 1.96 60.93 -7.70
N GLN F 86 0.66 60.80 -7.96
CA GLN F 86 -0.08 61.79 -8.74
C GLN F 86 -0.71 62.85 -7.83
N MET F 87 -0.18 64.07 -7.90
CA MET F 87 -0.66 65.16 -7.06
C MET F 87 -1.59 66.07 -7.85
N ASN F 88 -2.86 66.08 -7.48
CA ASN F 88 -3.84 66.92 -8.16
C ASN F 88 -4.34 68.05 -7.27
N SER F 89 -4.73 69.16 -7.89
CA SER F 89 -5.19 70.36 -7.19
C SER F 89 -4.24 70.74 -6.05
N LEU F 90 -3.00 71.07 -6.39
CA LEU F 90 -1.98 71.36 -5.40
C LEU F 90 -2.24 72.67 -4.65
N LYS F 91 -2.24 72.58 -3.33
CA LYS F 91 -2.40 73.74 -2.46
C LYS F 91 -1.03 74.27 -2.04
N PRO F 92 -0.98 75.51 -1.52
CA PRO F 92 0.31 76.04 -1.06
C PRO F 92 0.88 75.29 0.15
N GLU F 93 0.02 74.54 0.84
CA GLU F 93 0.47 73.75 1.98
C GLU F 93 1.18 72.48 1.51
N ASP F 94 1.00 72.15 0.23
CA ASP F 94 1.64 70.97 -0.35
C ASP F 94 3.10 71.25 -0.71
N THR F 95 3.52 72.50 -0.57
CA THR F 95 4.88 72.89 -0.89
C THR F 95 5.88 72.29 0.09
N ALA F 96 6.78 71.44 -0.42
CA ALA F 96 7.77 70.76 0.41
C ALA F 96 8.78 70.00 -0.45
N VAL F 97 9.76 69.40 0.20
CA VAL F 97 10.70 68.50 -0.46
C VAL F 97 10.18 67.07 -0.32
N TYR F 98 9.94 66.42 -1.45
CA TYR F 98 9.33 65.10 -1.46
C TYR F 98 10.35 63.98 -1.66
N TYR F 99 10.54 63.18 -0.61
CA TYR F 99 11.37 61.98 -0.66
C TYR F 99 10.47 60.76 -0.82
N CYS F 100 11.08 59.60 -1.06
CA CYS F 100 10.33 58.35 -1.08
C CYS F 100 11.06 57.29 -0.25
N ASN F 101 10.31 56.60 0.60
CA ASN F 101 10.89 55.61 1.50
C ASN F 101 10.47 54.20 1.13
N ALA F 102 11.45 53.38 0.79
CA ALA F 102 11.18 52.00 0.38
C ALA F 102 11.65 50.99 1.42
N ASP F 103 10.72 50.25 1.99
CA ASP F 103 11.05 49.16 2.89
C ASP F 103 11.31 47.90 2.07
N ALA F 104 12.58 47.60 1.84
CA ALA F 104 12.95 46.51 0.94
C ALA F 104 13.78 45.44 1.63
N ARG F 105 13.65 44.21 1.16
CA ARG F 105 14.44 43.10 1.68
C ARG F 105 15.47 42.63 0.66
N THR F 106 16.75 42.67 1.06
CA THR F 106 17.82 42.18 0.21
C THR F 106 18.52 41.00 0.87
N ILE F 107 19.62 40.54 0.26
CA ILE F 107 20.39 39.44 0.82
C ILE F 107 21.00 39.86 2.17
N THR F 108 21.27 41.15 2.32
CA THR F 108 21.76 41.69 3.57
C THR F 108 20.68 41.62 4.65
N GLY F 109 19.45 41.92 4.25
CA GLY F 109 18.32 41.86 5.17
C GLY F 109 17.27 42.91 4.88
N ARG F 110 16.23 42.92 5.70
CA ARG F 110 15.14 43.89 5.56
C ARG F 110 15.57 45.25 6.09
N ALA F 111 15.39 46.30 5.29
CA ALA F 111 15.82 47.63 5.68
C ALA F 111 15.06 48.72 4.94
N ASP F 112 15.15 49.95 5.46
CA ASP F 112 14.52 51.11 4.84
C ASP F 112 15.53 51.88 4.00
N TYR F 113 15.08 52.34 2.83
CA TYR F 113 15.95 53.07 1.92
C TYR F 113 15.30 54.39 1.49
N TRP F 114 16.13 55.40 1.30
CA TRP F 114 15.63 56.74 0.96
C TRP F 114 16.31 57.29 -0.29
N GLY F 115 15.58 58.11 -1.03
CA GLY F 115 16.12 58.77 -2.22
C GLY F 115 16.62 60.16 -1.91
N GLN F 116 17.00 60.90 -2.94
CA GLN F 116 17.51 62.25 -2.76
C GLN F 116 16.38 63.27 -2.65
N GLY F 117 15.22 62.92 -3.20
CA GLY F 117 14.04 63.75 -3.10
C GLY F 117 14.00 64.88 -4.11
N THR F 118 12.81 65.36 -4.43
CA THR F 118 12.66 66.48 -5.36
C THR F 118 11.85 67.62 -4.75
N GLN F 119 12.16 68.85 -5.16
CA GLN F 119 11.49 70.03 -4.61
C GLN F 119 10.17 70.32 -5.30
N VAL F 120 9.11 70.45 -4.52
CA VAL F 120 7.80 70.85 -5.05
C VAL F 120 7.35 72.14 -4.40
N THR F 121 7.30 73.21 -5.19
CA THR F 121 6.95 74.53 -4.69
C THR F 121 5.66 75.05 -5.34
N VAL F 122 4.63 75.25 -4.52
CA VAL F 122 3.36 75.78 -5.00
C VAL F 122 3.16 77.23 -4.58
N ASP G 1 -0.26 33.68 -39.14
CA ASP G 1 -1.15 33.97 -40.24
C ASP G 1 -1.03 32.92 -41.34
N VAL G 2 -2.12 32.19 -41.60
CA VAL G 2 -2.14 31.17 -42.63
C VAL G 2 -2.63 31.74 -43.96
N GLN G 3 -1.87 31.51 -45.02
CA GLN G 3 -2.18 32.03 -46.34
C GLN G 3 -2.89 31.00 -47.20
N LEU G 4 -3.90 31.46 -47.94
CA LEU G 4 -4.68 30.61 -48.82
C LEU G 4 -4.49 31.01 -50.28
N VAL G 5 -4.31 30.02 -51.15
CA VAL G 5 -4.13 30.28 -52.57
C VAL G 5 -5.06 29.42 -53.43
N GLU G 6 -5.96 30.07 -54.14
CA GLU G 6 -6.88 29.37 -55.04
C GLU G 6 -6.24 29.15 -56.41
N SER G 7 -6.66 28.07 -57.07
CA SER G 7 -6.15 27.74 -58.41
C SER G 7 -7.09 26.78 -59.13
N GLY G 8 -6.97 26.73 -60.45
CA GLY G 8 -7.76 25.81 -61.25
C GLY G 8 -8.89 26.45 -62.04
N GLY G 9 -9.19 27.70 -61.74
CA GLY G 9 -10.25 28.41 -62.43
C GLY G 9 -9.96 28.69 -63.89
N GLY G 10 -11.00 28.63 -64.73
CA GLY G 10 -10.84 28.88 -66.15
C GLY G 10 -12.17 28.96 -66.89
N LEU G 11 -12.12 28.78 -68.21
CA LEU G 11 -13.32 28.83 -69.04
C LEU G 11 -13.71 27.46 -69.58
N VAL G 12 -14.96 27.07 -69.35
CA VAL G 12 -15.46 25.77 -69.80
C VAL G 12 -16.89 25.87 -70.33
N GLN G 13 -17.20 25.06 -71.34
CA GLN G 13 -18.56 24.98 -71.85
C GLN G 13 -19.42 24.16 -70.89
N PRO G 14 -20.72 24.51 -70.79
CA PRO G 14 -21.67 23.85 -69.89
C PRO G 14 -21.63 22.34 -69.98
N GLY G 15 -21.65 21.66 -68.84
CA GLY G 15 -21.56 20.21 -68.80
C GLY G 15 -20.14 19.72 -68.69
N GLY G 16 -19.20 20.66 -68.66
CA GLY G 16 -17.80 20.33 -68.55
C GLY G 16 -17.41 20.18 -67.10
N SER G 17 -16.13 19.89 -66.84
CA SER G 17 -15.66 19.71 -65.48
C SER G 17 -14.47 20.62 -65.17
N LEU G 18 -14.33 20.97 -63.90
CA LEU G 18 -13.23 21.81 -63.46
C LEU G 18 -12.95 21.55 -61.98
N ARG G 19 -11.67 21.45 -61.62
CA ARG G 19 -11.31 21.17 -60.23
C ARG G 19 -10.60 22.37 -59.60
N LEU G 20 -11.17 22.88 -58.51
CA LEU G 20 -10.58 24.00 -57.80
C LEU G 20 -9.73 23.53 -56.64
N SER G 21 -8.59 24.21 -56.43
CA SER G 21 -7.69 23.87 -55.34
C SER G 21 -7.42 25.08 -54.46
N CYS G 22 -7.43 24.86 -53.15
CA CYS G 22 -7.14 25.91 -52.20
C CYS G 22 -6.00 25.47 -51.29
N ALA G 23 -4.84 26.11 -51.43
CA ALA G 23 -3.66 25.70 -50.70
C ALA G 23 -3.40 26.58 -49.50
N TYR G 24 -3.41 25.97 -48.32
CA TYR G 24 -3.09 26.69 -47.10
C TYR G 24 -1.62 26.50 -46.74
N SER G 25 -1.01 27.54 -46.16
CA SER G 25 0.39 27.47 -45.78
C SER G 25 0.70 28.40 -44.61
N GLY G 26 1.74 28.07 -43.86
CA GLY G 26 2.15 28.87 -42.72
C GLY G 26 3.17 28.16 -41.88
N SER G 27 3.19 28.49 -40.58
CA SER G 27 4.11 27.86 -39.64
C SER G 27 3.36 26.89 -38.73
N LEU G 28 2.67 27.44 -37.74
CA LEU G 28 1.87 26.65 -36.82
C LEU G 28 0.42 27.08 -36.92
N PHE G 29 -0.44 26.16 -37.37
CA PHE G 29 -1.84 26.47 -37.60
C PHE G 29 -2.71 25.23 -37.55
N SER G 30 -4.00 25.42 -37.29
CA SER G 30 -4.95 24.32 -37.29
C SER G 30 -6.26 24.73 -37.96
N ILE G 31 -6.49 24.23 -39.17
CA ILE G 31 -7.73 24.55 -39.88
C ILE G 31 -8.89 23.75 -39.31
N LEU G 32 -9.81 24.46 -38.65
CA LEU G 32 -10.98 23.84 -38.04
C LEU G 32 -12.08 23.66 -39.08
N ARG G 33 -12.22 24.65 -39.95
CA ARG G 33 -13.28 24.64 -40.96
C ARG G 33 -12.82 25.33 -42.24
N MET G 34 -13.15 24.74 -43.38
CA MET G 34 -12.81 25.31 -44.68
C MET G 34 -14.04 25.44 -45.56
N ASP G 35 -14.42 26.68 -45.87
CA ASP G 35 -15.60 26.91 -46.70
C ASP G 35 -15.22 27.43 -48.08
N TRP G 36 -16.02 27.05 -49.08
CA TRP G 36 -15.86 27.58 -50.42
C TRP G 36 -16.92 28.63 -50.70
N TYR G 37 -16.50 29.80 -51.19
CA TYR G 37 -17.45 30.86 -51.51
C TYR G 37 -17.33 31.29 -52.97
N ARG G 38 -18.44 31.70 -53.56
CA ARG G 38 -18.41 32.24 -54.92
C ARG G 38 -19.17 33.55 -54.99
N GLN G 39 -18.66 34.49 -55.78
CA GLN G 39 -19.31 35.79 -55.91
C GLN G 39 -19.47 36.20 -57.37
N ALA G 40 -20.70 36.15 -57.85
CA ALA G 40 -21.01 36.62 -59.19
C ALA G 40 -20.92 38.14 -59.23
N PRO G 41 -20.62 38.71 -60.41
CA PRO G 41 -20.55 40.18 -60.56
C PRO G 41 -21.85 40.86 -60.15
N GLY G 42 -21.77 41.73 -59.15
CA GLY G 42 -22.94 42.44 -58.66
C GLY G 42 -23.69 41.69 -57.58
N LYS G 43 -23.67 40.36 -57.64
CA LYS G 43 -24.36 39.54 -56.66
C LYS G 43 -23.54 39.37 -55.39
N GLU G 44 -24.19 38.93 -54.31
CA GLU G 44 -23.54 38.77 -53.01
C GLU G 44 -22.63 37.55 -52.97
N ARG G 45 -21.97 37.36 -51.84
CA ARG G 45 -21.17 36.16 -51.62
C ARG G 45 -22.06 34.97 -51.27
N GLU G 46 -21.90 33.89 -52.01
CA GLU G 46 -22.71 32.70 -51.81
C GLU G 46 -21.87 31.52 -51.34
N LEU G 47 -22.34 30.82 -50.32
CA LEU G 47 -21.67 29.63 -49.82
C LEU G 47 -21.91 28.43 -50.73
N VAL G 48 -20.82 27.78 -51.12
CA VAL G 48 -20.87 26.64 -52.02
C VAL G 48 -20.70 25.32 -51.26
N ALA G 49 -19.53 25.15 -50.64
CA ALA G 49 -19.24 23.92 -49.93
C ALA G 49 -18.30 24.15 -48.74
N GLY G 50 -18.42 23.30 -47.74
CA GLY G 50 -17.59 23.36 -46.55
C GLY G 50 -17.26 21.96 -46.05
N ILE G 51 -16.28 21.87 -45.16
CA ILE G 51 -15.89 20.57 -44.62
C ILE G 51 -15.32 20.71 -43.20
N THR G 52 -15.74 19.82 -42.31
CA THR G 52 -15.25 19.83 -40.93
C THR G 52 -15.36 18.44 -40.31
N ARG G 53 -14.37 18.06 -39.50
CA ARG G 53 -14.36 16.73 -38.89
C ARG G 53 -15.57 16.51 -37.99
N ASP G 54 -16.11 15.29 -38.03
CA ASP G 54 -17.33 14.96 -37.31
C ASP G 54 -17.13 14.92 -35.80
N ALA G 55 -18.20 14.64 -35.07
CA ALA G 55 -18.14 14.48 -33.62
C ALA G 55 -17.14 13.37 -33.28
N ALA G 56 -17.23 12.26 -34.00
CA ALA G 56 -16.21 11.24 -33.94
C ALA G 56 -14.96 11.74 -34.67
N GLY G 57 -13.81 11.62 -34.02
CA GLY G 57 -12.61 12.27 -34.52
C GLY G 57 -11.91 11.56 -35.66
N TYR G 58 -12.68 10.92 -36.53
CA TYR G 58 -12.11 10.19 -37.65
C TYR G 58 -12.58 10.73 -39.00
N ALA G 59 -13.79 10.34 -39.40
CA ALA G 59 -14.34 10.74 -40.69
C ALA G 59 -14.82 12.19 -40.69
N ASP G 60 -14.69 12.84 -41.84
CA ASP G 60 -15.10 14.24 -41.99
C ASP G 60 -16.61 14.37 -42.25
N SER G 61 -17.05 15.62 -42.35
CA SER G 61 -18.44 15.93 -42.65
C SER G 61 -18.50 17.14 -43.61
N THR G 62 -19.09 16.91 -44.78
CA THR G 62 -19.23 17.94 -45.79
C THR G 62 -20.54 18.70 -45.67
N ASN G 63 -20.56 19.92 -46.20
CA ASN G 63 -21.75 20.75 -46.20
C ASN G 63 -21.93 21.47 -47.53
N TYR G 64 -22.95 21.10 -48.29
CA TYR G 64 -23.16 21.66 -49.62
C TYR G 64 -24.38 22.57 -49.68
N ALA G 65 -24.36 23.50 -50.63
CA ALA G 65 -25.52 24.36 -50.89
C ALA G 65 -26.51 23.61 -51.78
N ASP G 66 -27.77 24.03 -51.71
CA ASP G 66 -28.83 23.38 -52.49
C ASP G 66 -28.59 23.49 -53.99
N SER G 67 -27.94 24.57 -54.42
CA SER G 67 -27.64 24.78 -55.83
C SER G 67 -26.69 23.73 -56.38
N VAL G 68 -25.52 23.61 -55.76
CA VAL G 68 -24.48 22.71 -56.22
C VAL G 68 -24.57 21.34 -55.54
N LYS G 69 -25.73 21.07 -54.94
CA LYS G 69 -25.96 19.89 -54.11
C LYS G 69 -25.43 18.58 -54.70
N GLY G 70 -25.81 18.28 -55.94
CA GLY G 70 -25.44 17.03 -56.58
C GLY G 70 -24.22 17.11 -57.48
N ARG G 71 -23.95 18.30 -58.00
CA ARG G 71 -22.89 18.47 -59.00
C ARG G 71 -21.50 18.57 -58.38
N PHE G 72 -21.40 19.31 -57.27
CA PHE G 72 -20.09 19.62 -56.69
C PHE G 72 -19.73 18.64 -55.58
N THR G 73 -18.43 18.39 -55.43
CA THR G 73 -17.94 17.49 -54.39
C THR G 73 -16.67 18.04 -53.75
N ILE G 74 -16.76 18.45 -52.48
CA ILE G 74 -15.60 19.01 -51.79
C ILE G 74 -14.80 17.91 -51.10
N SER G 75 -13.49 17.97 -51.27
CA SER G 75 -12.59 16.98 -50.68
C SER G 75 -11.38 17.67 -50.09
N ARG G 76 -10.44 16.90 -49.55
CA ARG G 76 -9.23 17.50 -49.00
C ARG G 76 -8.06 16.53 -48.97
N ASP G 77 -6.85 17.09 -49.01
CA ASP G 77 -5.61 16.33 -48.83
C ASP G 77 -4.71 17.06 -47.86
N SER G 78 -4.60 16.52 -46.65
CA SER G 78 -3.76 17.10 -45.60
C SER G 78 -2.28 16.97 -45.93
N ALA G 79 -1.93 15.94 -46.70
CA ALA G 79 -0.54 15.69 -47.06
C ALA G 79 -0.03 16.73 -48.05
N LYS G 80 -0.86 17.07 -49.03
CA LYS G 80 -0.49 18.06 -50.02
C LYS G 80 -0.89 19.46 -49.57
N ASN G 81 -1.45 19.54 -48.36
CA ASN G 81 -1.91 20.80 -47.77
C ASN G 81 -2.89 21.55 -48.69
N THR G 82 -3.84 20.84 -49.27
CA THR G 82 -4.75 21.46 -50.23
C THR G 82 -6.18 20.94 -50.09
N VAL G 83 -7.14 21.86 -50.08
CA VAL G 83 -8.55 21.49 -50.04
C VAL G 83 -9.16 21.67 -51.42
N TYR G 84 -9.88 20.65 -51.89
CA TYR G 84 -10.37 20.64 -53.26
C TYR G 84 -11.89 20.83 -53.38
N LEU G 85 -12.29 21.36 -54.52
CA LEU G 85 -13.69 21.49 -54.87
C LEU G 85 -13.87 20.97 -56.30
N GLN G 86 -14.48 19.80 -56.42
CA GLN G 86 -14.65 19.16 -57.71
C GLN G 86 -15.98 19.58 -58.34
N MET G 87 -15.90 20.38 -59.39
CA MET G 87 -17.09 20.89 -60.05
C MET G 87 -17.38 20.12 -61.33
N ASN G 88 -18.46 19.35 -61.31
CA ASN G 88 -18.88 18.58 -62.48
C ASN G 88 -20.19 19.11 -63.06
N SER G 89 -20.36 18.94 -64.37
CA SER G 89 -21.54 19.43 -65.09
C SER G 89 -21.85 20.88 -64.73
N LEU G 90 -20.91 21.77 -65.06
CA LEU G 90 -21.02 23.18 -64.70
C LEU G 90 -22.11 23.89 -65.48
N LYS G 91 -22.98 24.61 -64.76
CA LYS G 91 -24.04 25.40 -65.37
C LYS G 91 -23.57 26.83 -65.60
N PRO G 92 -24.26 27.59 -66.47
CA PRO G 92 -23.88 29.00 -66.67
C PRO G 92 -24.14 29.87 -65.44
N GLU G 93 -24.98 29.39 -64.53
CA GLU G 93 -25.27 30.11 -63.30
C GLU G 93 -24.15 29.93 -62.28
N ASP G 94 -23.29 28.95 -62.52
CA ASP G 94 -22.15 28.67 -61.65
C ASP G 94 -20.99 29.65 -61.90
N THR G 95 -21.13 30.48 -62.92
CA THR G 95 -20.10 31.45 -63.27
C THR G 95 -19.92 32.51 -62.20
N ALA G 96 -18.74 32.55 -61.60
CA ALA G 96 -18.45 33.49 -60.53
C ALA G 96 -16.97 33.45 -60.13
N VAL G 97 -16.59 34.33 -59.20
CA VAL G 97 -15.27 34.31 -58.61
C VAL G 97 -15.30 33.48 -57.34
N TYR G 98 -14.51 32.42 -57.31
CA TYR G 98 -14.52 31.46 -56.20
C TYR G 98 -13.38 31.69 -55.21
N TYR G 99 -13.75 32.12 -54.00
CA TYR G 99 -12.82 32.27 -52.90
C TYR G 99 -12.90 31.06 -51.96
N CYS G 100 -11.97 30.97 -51.02
CA CYS G 100 -12.05 29.95 -49.98
C CYS G 100 -11.80 30.56 -48.60
N ASN G 101 -12.65 30.21 -47.64
CA ASN G 101 -12.55 30.77 -46.29
C ASN G 101 -12.16 29.71 -45.27
N ALA G 102 -11.00 29.90 -44.64
CA ALA G 102 -10.50 28.95 -43.66
C ALA G 102 -10.54 29.51 -42.23
N ASP G 103 -11.34 28.88 -41.37
CA ASP G 103 -11.36 29.23 -39.96
C ASP G 103 -10.26 28.46 -39.24
N ALA G 104 -9.14 29.13 -38.99
CA ALA G 104 -7.96 28.45 -38.45
C ALA G 104 -7.53 29.02 -37.10
N ARG G 105 -6.92 28.17 -36.29
CA ARG G 105 -6.38 28.58 -35.00
C ARG G 105 -4.86 28.58 -35.03
N THR G 106 -4.27 29.74 -34.75
CA THR G 106 -2.82 29.88 -34.69
C THR G 106 -2.39 30.28 -33.29
N ILE G 107 -1.10 30.57 -33.13
CA ILE G 107 -0.57 31.02 -31.84
C ILE G 107 -1.17 32.37 -31.47
N THR G 108 -1.53 33.16 -32.47
CA THR G 108 -2.19 34.44 -32.26
C THR G 108 -3.60 34.23 -31.74
N GLY G 109 -4.28 33.23 -32.29
CA GLY G 109 -5.64 32.90 -31.87
C GLY G 109 -6.50 32.40 -33.02
N ARG G 110 -7.75 32.10 -32.72
CA ARG G 110 -8.69 31.62 -33.72
C ARG G 110 -9.20 32.77 -34.59
N ALA G 111 -9.11 32.60 -35.90
CA ALA G 111 -9.51 33.66 -36.83
C ALA G 111 -9.87 33.11 -38.21
N ASP G 112 -10.55 33.94 -39.00
CA ASP G 112 -10.94 33.57 -40.36
C ASP G 112 -9.95 34.13 -41.38
N TYR G 113 -9.63 33.33 -42.39
CA TYR G 113 -8.67 33.74 -43.41
C TYR G 113 -9.26 33.54 -44.81
N TRP G 114 -8.91 34.44 -45.72
CA TRP G 114 -9.43 34.38 -47.09
C TRP G 114 -8.32 34.42 -48.13
N GLY G 115 -8.58 33.78 -49.26
CA GLY G 115 -7.64 33.80 -50.38
C GLY G 115 -7.97 34.87 -51.39
N GLN G 116 -7.24 34.86 -52.51
CA GLN G 116 -7.47 35.85 -53.57
C GLN G 116 -8.59 35.42 -54.51
N GLY G 117 -8.85 34.12 -54.56
CA GLY G 117 -9.94 33.59 -55.37
C GLY G 117 -9.59 33.42 -56.83
N THR G 118 -10.29 32.52 -57.51
CA THR G 118 -10.06 32.32 -58.94
C THR G 118 -11.35 32.45 -59.75
N GLN G 119 -11.22 32.92 -60.99
CA GLN G 119 -12.38 33.15 -61.84
C GLN G 119 -12.84 31.88 -62.55
N VAL G 120 -14.12 31.56 -62.41
CA VAL G 120 -14.71 30.43 -63.12
C VAL G 120 -15.86 30.91 -64.01
N THR G 121 -15.66 30.84 -65.33
CA THR G 121 -16.66 31.32 -66.27
C THR G 121 -17.21 30.20 -67.16
N VAL G 122 -18.51 29.93 -67.01
CA VAL G 122 -19.19 28.91 -67.81
C VAL G 122 -20.13 29.55 -68.82
N SER G 123 -19.74 29.53 -70.10
CA SER G 123 -20.57 30.12 -71.14
C SER G 123 -20.52 29.30 -72.43
N SER G 124 -21.57 29.43 -73.24
CA SER G 124 -21.66 28.71 -74.51
C SER G 124 -20.88 29.43 -75.61
N ASP H 1 12.97 -8.97 -48.77
CA ASP H 1 13.15 -9.90 -49.87
C ASP H 1 14.22 -10.92 -49.55
N VAL H 2 13.78 -12.12 -49.17
CA VAL H 2 14.71 -13.21 -48.84
C VAL H 2 14.97 -14.07 -50.08
N GLN H 3 16.25 -14.29 -50.37
CA GLN H 3 16.66 -15.05 -51.54
C GLN H 3 16.98 -16.50 -51.17
N LEU H 4 16.54 -17.42 -52.02
CA LEU H 4 16.76 -18.84 -51.83
C LEU H 4 17.66 -19.41 -52.92
N VAL H 5 18.63 -20.24 -52.54
CA VAL H 5 19.53 -20.86 -53.50
C VAL H 5 19.62 -22.36 -53.30
N GLU H 6 19.17 -23.12 -54.30
CA GLU H 6 19.24 -24.58 -54.24
C GLU H 6 20.60 -25.08 -54.74
N SER H 7 21.03 -26.22 -54.22
CA SER H 7 22.29 -26.83 -54.61
C SER H 7 22.29 -28.31 -54.26
N GLY H 8 23.18 -29.07 -54.89
CA GLY H 8 23.32 -30.48 -54.58
C GLY H 8 22.76 -31.38 -55.65
N GLY H 9 22.00 -30.79 -56.58
CA GLY H 9 21.38 -31.54 -57.66
C GLY H 9 22.40 -32.10 -58.63
N GLY H 10 22.13 -33.30 -59.14
CA GLY H 10 23.04 -33.94 -60.08
C GLY H 10 22.45 -35.20 -60.69
N LEU H 11 23.32 -36.06 -61.21
CA LEU H 11 22.90 -37.31 -61.82
C LEU H 11 23.27 -38.51 -60.95
N VAL H 12 22.29 -39.37 -60.67
CA VAL H 12 22.50 -40.53 -59.83
C VAL H 12 21.78 -41.75 -60.37
N GLN H 13 22.39 -42.92 -60.18
CA GLN H 13 21.77 -44.18 -60.58
C GLN H 13 20.68 -44.59 -59.59
N PRO H 14 19.60 -45.22 -60.08
CA PRO H 14 18.45 -45.64 -59.28
C PRO H 14 18.83 -46.43 -58.03
N GLY H 15 18.20 -46.11 -56.91
CA GLY H 15 18.50 -46.77 -55.64
C GLY H 15 19.60 -46.05 -54.89
N GLY H 16 20.12 -44.99 -55.49
CA GLY H 16 21.19 -44.22 -54.88
C GLY H 16 20.66 -43.13 -53.96
N SER H 17 21.56 -42.35 -53.39
CA SER H 17 21.18 -41.28 -52.48
C SER H 17 21.74 -39.94 -52.92
N LEU H 18 21.05 -38.86 -52.56
CA LEU H 18 21.47 -37.51 -52.91
C LEU H 18 20.92 -36.51 -51.90
N ARG H 19 21.74 -35.55 -51.50
CA ARG H 19 21.31 -34.56 -50.51
C ARG H 19 21.19 -33.16 -51.11
N LEU H 20 19.99 -32.60 -51.03
CA LEU H 20 19.74 -31.25 -51.55
C LEU H 20 19.85 -30.20 -50.44
N SER H 21 20.40 -29.04 -50.79
CA SER H 21 20.54 -27.95 -49.84
C SER H 21 19.87 -26.68 -50.36
N CYS H 22 19.15 -26.00 -49.48
CA CYS H 22 18.50 -24.73 -49.84
C CYS H 22 18.92 -23.63 -48.88
N ALA H 23 19.67 -22.66 -49.39
CA ALA H 23 20.22 -21.60 -48.56
C ALA H 23 19.42 -20.31 -48.67
N TYR H 24 18.89 -19.85 -47.53
CA TYR H 24 18.17 -18.59 -47.46
C TYR H 24 19.09 -17.46 -47.01
N SER H 25 18.84 -16.25 -47.53
CA SER H 25 19.64 -15.09 -47.17
C SER H 25 18.84 -13.80 -47.32
N GLY H 26 19.24 -12.75 -46.61
CA GLY H 26 18.55 -11.48 -46.71
C GLY H 26 18.96 -10.50 -45.63
N SER H 27 18.05 -9.59 -45.29
CA SER H 27 18.31 -8.61 -44.24
C SER H 27 17.51 -8.94 -42.99
N LEU H 28 16.24 -8.62 -43.00
CA LEU H 28 15.34 -8.92 -41.89
C LEU H 28 14.23 -9.84 -42.38
N PHE H 29 14.21 -11.05 -41.86
CA PHE H 29 13.25 -12.05 -42.30
C PHE H 29 13.01 -13.11 -41.23
N SER H 30 11.86 -13.77 -41.33
CA SER H 30 11.54 -14.87 -40.43
C SER H 30 10.88 -15.99 -41.20
N ILE H 31 11.60 -17.09 -41.42
CA ILE H 31 11.03 -18.23 -42.13
C ILE H 31 10.08 -18.99 -41.22
N LEU H 32 8.80 -18.91 -41.53
CA LEU H 32 7.77 -19.56 -40.75
C LEU H 32 7.63 -21.01 -41.19
N ARG H 33 7.74 -21.22 -42.50
CA ARG H 33 7.58 -22.54 -43.09
C ARG H 33 8.47 -22.67 -44.32
N MET H 34 9.10 -23.84 -44.47
CA MET H 34 9.95 -24.10 -45.63
C MET H 34 9.53 -25.39 -46.31
N ASP H 35 9.03 -25.28 -47.53
CA ASP H 35 8.58 -26.44 -48.29
C ASP H 35 9.51 -26.78 -49.44
N TRP H 36 9.61 -28.07 -49.74
CA TRP H 36 10.35 -28.53 -50.91
C TRP H 36 9.36 -28.90 -52.01
N TYR H 37 9.57 -28.37 -53.20
CA TYR H 37 8.71 -28.69 -54.33
C TYR H 37 9.52 -29.27 -55.48
N ARG H 38 8.91 -30.17 -56.25
CA ARG H 38 9.56 -30.71 -57.43
C ARG H 38 8.63 -30.66 -58.63
N GLN H 39 9.19 -30.37 -59.81
CA GLN H 39 8.38 -30.28 -61.01
C GLN H 39 9.00 -31.08 -62.16
N ALA H 40 8.39 -32.22 -62.48
CA ALA H 40 8.80 -33.02 -63.61
C ALA H 40 8.42 -32.32 -64.91
N PRO H 41 9.17 -32.57 -66.00
CA PRO H 41 8.84 -31.97 -67.29
C PRO H 41 7.42 -32.30 -67.75
N GLY H 42 6.60 -31.28 -67.93
CA GLY H 42 5.22 -31.46 -68.35
C GLY H 42 4.26 -31.67 -67.20
N LYS H 43 4.75 -32.29 -66.13
CA LYS H 43 3.92 -32.57 -64.96
C LYS H 43 3.80 -31.35 -64.05
N GLU H 44 2.83 -31.38 -63.14
CA GLU H 44 2.57 -30.25 -62.25
C GLU H 44 3.60 -30.13 -61.14
N ARG H 45 3.44 -29.09 -60.31
CA ARG H 45 4.27 -28.92 -59.13
C ARG H 45 3.81 -29.84 -58.01
N GLU H 46 4.75 -30.62 -57.47
CA GLU H 46 4.42 -31.57 -56.42
C GLU H 46 5.11 -31.20 -55.11
N LEU H 47 4.33 -31.22 -54.03
CA LEU H 47 4.86 -30.98 -52.69
C LEU H 47 5.58 -32.21 -52.19
N VAL H 48 6.83 -32.04 -51.76
CA VAL H 48 7.65 -33.14 -51.29
C VAL H 48 7.76 -33.18 -49.77
N ALA H 49 8.34 -32.14 -49.19
CA ALA H 49 8.56 -32.09 -47.75
C ALA H 49 8.52 -30.66 -47.22
N GLY H 50 8.14 -30.53 -45.95
CA GLY H 50 8.08 -29.23 -45.30
C GLY H 50 8.50 -29.36 -43.84
N ILE H 51 8.77 -28.21 -43.21
CA ILE H 51 9.20 -28.21 -41.82
C ILE H 51 8.76 -26.93 -41.12
N THR H 52 8.24 -27.07 -39.90
CA THR H 52 7.80 -25.92 -39.12
C THR H 52 7.84 -26.23 -37.63
N ARG H 53 8.24 -25.25 -36.82
CA ARG H 53 8.34 -25.45 -35.37
C ARG H 53 7.00 -25.84 -34.77
N ASP H 54 7.04 -26.76 -33.80
CA ASP H 54 5.83 -27.32 -33.21
C ASP H 54 5.12 -26.31 -32.31
N ALA H 55 4.00 -26.73 -31.73
CA ALA H 55 3.27 -25.91 -30.77
C ALA H 55 4.20 -25.54 -29.61
N ALA H 56 4.94 -26.54 -29.13
CA ALA H 56 6.04 -26.28 -28.20
C ALA H 56 7.18 -25.64 -28.99
N GLY H 57 7.71 -24.54 -28.49
CA GLY H 57 8.66 -23.74 -29.24
C GLY H 57 10.08 -24.25 -29.27
N TYR H 58 10.25 -25.57 -29.25
CA TYR H 58 11.58 -26.17 -29.25
C TYR H 58 11.82 -27.06 -30.46
N ALA H 59 11.28 -28.28 -30.41
CA ALA H 59 11.49 -29.25 -31.47
C ALA H 59 10.62 -28.94 -32.69
N ASP H 60 11.13 -29.26 -33.88
CA ASP H 60 10.41 -29.00 -35.12
C ASP H 60 9.39 -30.08 -35.45
N SER H 61 8.68 -29.87 -36.55
CA SER H 61 7.68 -30.82 -37.05
C SER H 61 7.77 -30.89 -38.56
N THR H 62 8.06 -32.09 -39.06
CA THR H 62 8.18 -32.33 -40.49
C THR H 62 6.86 -32.75 -41.12
N ASN H 63 6.74 -32.51 -42.43
CA ASN H 63 5.55 -32.88 -43.19
C ASN H 63 5.91 -33.48 -44.55
N TYR H 64 5.67 -34.77 -44.72
CA TYR H 64 6.05 -35.45 -45.96
C TYR H 64 4.84 -35.85 -46.80
N ALA H 65 5.07 -35.97 -48.11
CA ALA H 65 4.06 -36.48 -49.02
C ALA H 65 4.06 -38.00 -49.01
N ASP H 66 2.93 -38.60 -49.39
CA ASP H 66 2.79 -40.05 -49.40
C ASP H 66 3.79 -40.72 -50.34
N SER H 67 4.16 -40.02 -51.41
CA SER H 67 5.11 -40.55 -52.39
C SER H 67 6.50 -40.78 -51.78
N VAL H 68 7.08 -39.72 -51.23
CA VAL H 68 8.43 -39.78 -50.68
C VAL H 68 8.42 -40.13 -49.19
N LYS H 69 7.29 -40.66 -48.74
CA LYS H 69 7.02 -40.91 -47.31
C LYS H 69 8.19 -41.52 -46.54
N GLY H 70 8.73 -42.63 -47.04
CA GLY H 70 9.79 -43.33 -46.35
C GLY H 70 11.18 -43.00 -46.84
N ARG H 71 11.28 -42.55 -48.09
CA ARG H 71 12.58 -42.34 -48.71
C ARG H 71 13.25 -41.01 -48.33
N PHE H 72 12.46 -39.95 -48.29
CA PHE H 72 13.01 -38.60 -48.10
C PHE H 72 12.96 -38.14 -46.65
N THR H 73 13.94 -37.34 -46.26
CA THR H 73 14.01 -36.81 -44.90
C THR H 73 14.45 -35.35 -44.89
N ILE H 74 13.53 -34.45 -44.52
CA ILE H 74 13.85 -33.02 -44.50
C ILE H 74 14.41 -32.61 -43.13
N SER H 75 15.50 -31.84 -43.17
CA SER H 75 16.15 -31.36 -41.96
C SER H 75 16.52 -29.90 -42.13
N ARG H 76 17.15 -29.30 -41.12
CA ARG H 76 17.59 -27.92 -41.24
C ARG H 76 18.76 -27.57 -40.31
N ASP H 77 19.50 -26.54 -40.70
CA ASP H 77 20.57 -25.98 -39.89
C ASP H 77 20.42 -24.46 -39.86
N SER H 78 19.97 -23.93 -38.72
CA SER H 78 19.80 -22.49 -38.55
C SER H 78 21.15 -21.77 -38.51
N ALA H 79 22.17 -22.49 -38.05
CA ALA H 79 23.50 -21.91 -37.93
C ALA H 79 24.12 -21.71 -39.31
N LYS H 80 23.93 -22.70 -40.19
CA LYS H 80 24.46 -22.63 -41.54
C LYS H 80 23.46 -21.97 -42.49
N ASN H 81 22.33 -21.56 -41.93
CA ASN H 81 21.25 -20.91 -42.68
C ASN H 81 20.83 -21.75 -43.90
N THR H 82 20.71 -23.05 -43.71
CA THR H 82 20.40 -23.93 -44.84
C THR H 82 19.44 -25.05 -44.46
N VAL H 83 18.42 -25.28 -45.28
CA VAL H 83 17.48 -26.37 -45.05
C VAL H 83 17.78 -27.53 -46.01
N TYR H 84 17.85 -28.74 -45.47
CA TYR H 84 18.29 -29.90 -46.25
C TYR H 84 17.16 -30.87 -46.59
N LEU H 85 17.35 -31.60 -47.69
CA LEU H 85 16.45 -32.67 -48.08
C LEU H 85 17.25 -33.91 -48.46
N GLN H 86 17.19 -34.93 -47.60
CA GLN H 86 17.94 -36.15 -47.80
C GLN H 86 17.13 -37.17 -48.58
N MET H 87 17.55 -37.42 -49.82
CA MET H 87 16.84 -38.33 -50.71
C MET H 87 17.51 -39.70 -50.79
N ASN H 88 16.84 -40.72 -50.28
CA ASN H 88 17.36 -42.08 -50.30
C ASN H 88 16.55 -42.98 -51.24
N SER H 89 17.21 -43.99 -51.80
CA SER H 89 16.60 -44.90 -52.78
C SER H 89 15.86 -44.15 -53.87
N LEU H 90 16.60 -43.36 -54.63
CA LEU H 90 16.00 -42.52 -55.67
C LEU H 90 15.44 -43.36 -56.81
N LYS H 91 14.19 -43.09 -57.15
CA LYS H 91 13.52 -43.78 -58.25
C LYS H 91 13.66 -42.95 -59.52
N PRO H 92 13.47 -43.59 -60.69
CA PRO H 92 13.53 -42.81 -61.93
C PRO H 92 12.37 -41.82 -62.04
N GLU H 93 11.31 -42.07 -61.29
CA GLU H 93 10.15 -41.19 -61.27
C GLU H 93 10.40 -39.97 -60.38
N ASP H 94 11.43 -40.04 -59.54
CA ASP H 94 11.80 -38.94 -58.67
C ASP H 94 12.57 -37.86 -59.45
N THR H 95 12.87 -38.17 -60.70
CA THR H 95 13.59 -37.24 -61.56
C THR H 95 12.77 -36.00 -61.88
N ALA H 96 13.27 -34.84 -61.45
CA ALA H 96 12.56 -33.58 -61.65
C ALA H 96 13.42 -32.39 -61.24
N VAL H 97 12.87 -31.19 -61.44
CA VAL H 97 13.51 -29.97 -60.95
C VAL H 97 12.98 -29.63 -59.57
N TYR H 98 13.88 -29.58 -58.60
CA TYR H 98 13.50 -29.37 -57.20
C TYR H 98 13.70 -27.92 -56.77
N TYR H 99 12.59 -27.24 -56.50
CA TYR H 99 12.61 -25.89 -55.96
C TYR H 99 12.40 -25.94 -54.45
N CYS H 100 12.56 -24.80 -53.78
CA CYS H 100 12.24 -24.71 -52.37
C CYS H 100 11.41 -23.44 -52.11
N ASN H 101 10.33 -23.60 -51.36
CA ASN H 101 9.42 -22.50 -51.09
C ASN H 101 9.45 -22.09 -49.64
N ALA H 102 9.84 -20.84 -49.39
CA ALA H 102 9.92 -20.33 -48.03
C ALA H 102 8.84 -19.31 -47.76
N ASP H 103 7.94 -19.64 -46.83
CA ASP H 103 6.94 -18.69 -46.37
C ASP H 103 7.56 -17.85 -45.26
N ALA H 104 8.00 -16.65 -45.62
CA ALA H 104 8.75 -15.82 -44.68
C ALA H 104 8.06 -14.49 -44.42
N ARG H 105 8.29 -13.94 -43.23
CA ARG H 105 7.76 -12.64 -42.88
C ARG H 105 8.88 -11.61 -42.81
N THR H 106 8.74 -10.55 -43.60
CA THR H 106 9.69 -9.45 -43.61
C THR H 106 8.99 -8.17 -43.18
N ILE H 107 9.70 -7.05 -43.27
CA ILE H 107 9.13 -5.76 -42.92
C ILE H 107 7.99 -5.40 -43.87
N THR H 108 8.07 -5.90 -45.11
CA THR H 108 7.01 -5.70 -46.08
C THR H 108 5.75 -6.47 -45.69
N GLY H 109 5.93 -7.67 -45.18
CA GLY H 109 4.82 -8.50 -44.75
C GLY H 109 5.08 -9.97 -44.99
N ARG H 110 4.10 -10.80 -44.66
CA ARG H 110 4.23 -12.24 -44.85
C ARG H 110 4.04 -12.59 -46.32
N ALA H 111 4.97 -13.36 -46.88
CA ALA H 111 4.91 -13.70 -48.29
C ALA H 111 5.67 -14.98 -48.61
N ASP H 112 5.41 -15.53 -49.79
CA ASP H 112 6.09 -16.74 -50.25
C ASP H 112 7.25 -16.40 -51.17
N TYR H 113 8.35 -17.12 -51.01
CA TYR H 113 9.55 -16.89 -51.82
C TYR H 113 10.01 -18.20 -52.44
N TRP H 114 10.54 -18.12 -53.66
CA TRP H 114 10.96 -19.31 -54.39
C TRP H 114 12.41 -19.19 -54.86
N GLY H 115 13.09 -20.32 -54.96
CA GLY H 115 14.45 -20.35 -55.46
C GLY H 115 14.49 -20.68 -56.94
N GLN H 116 15.69 -20.87 -57.47
CA GLN H 116 15.86 -21.19 -58.88
C GLN H 116 15.71 -22.68 -59.13
N GLY H 117 15.93 -23.48 -58.09
CA GLY H 117 15.76 -24.91 -58.17
C GLY H 117 16.94 -25.62 -58.80
N THR H 118 17.10 -26.90 -58.47
CA THR H 118 18.19 -27.69 -59.05
C THR H 118 17.67 -28.95 -59.74
N GLN H 119 18.37 -29.37 -60.78
CA GLN H 119 17.94 -30.53 -61.56
C GLN H 119 18.41 -31.83 -60.90
N VAL H 120 17.47 -32.75 -60.68
CA VAL H 120 17.79 -34.07 -60.17
C VAL H 120 17.34 -35.12 -61.16
N THR H 121 18.32 -35.79 -61.78
CA THR H 121 18.04 -36.78 -62.81
C THR H 121 18.48 -38.17 -62.39
N VAL H 122 17.53 -39.08 -62.26
CA VAL H 122 17.82 -40.47 -61.90
C VAL H 122 17.67 -41.37 -63.12
N SER H 123 18.81 -41.81 -63.66
CA SER H 123 18.81 -42.67 -64.83
C SER H 123 19.92 -43.71 -64.77
N SER H 124 19.74 -44.81 -65.49
CA SER H 124 20.73 -45.88 -65.52
C SER H 124 21.84 -45.57 -66.51
N ASP I 1 43.07 -21.96 -17.57
CA ASP I 1 44.12 -22.93 -17.28
C ASP I 1 45.04 -22.40 -16.19
N VAL I 2 44.91 -22.96 -14.99
CA VAL I 2 45.75 -22.56 -13.87
C VAL I 2 47.00 -23.42 -13.75
N GLN I 3 48.16 -22.78 -13.66
CA GLN I 3 49.44 -23.46 -13.60
C GLN I 3 49.95 -23.55 -12.16
N LEU I 4 50.51 -24.70 -11.82
CA LEU I 4 51.06 -24.94 -10.49
C LEU I 4 52.58 -25.14 -10.56
N VAL I 5 53.31 -24.52 -9.63
CA VAL I 5 54.76 -24.65 -9.58
C VAL I 5 55.23 -25.02 -8.19
N GLU I 6 55.84 -26.21 -8.06
CA GLU I 6 56.40 -26.66 -6.79
C GLU I 6 57.81 -26.15 -6.58
N SER I 7 58.18 -25.97 -5.32
CA SER I 7 59.52 -25.52 -4.95
C SER I 7 59.83 -25.87 -3.50
N GLY I 8 61.11 -25.88 -3.14
CA GLY I 8 61.52 -26.14 -1.78
C GLY I 8 62.13 -27.51 -1.58
N GLY I 9 61.98 -28.37 -2.58
CA GLY I 9 62.51 -29.72 -2.52
C GLY I 9 64.03 -29.75 -2.52
N GLY I 10 64.61 -30.70 -1.77
CA GLY I 10 66.05 -30.82 -1.69
C GLY I 10 66.50 -32.07 -0.95
N LEU I 11 67.75 -32.04 -0.48
CA LEU I 11 68.33 -33.16 0.24
C LEU I 11 68.50 -32.83 1.73
N VAL I 12 67.98 -33.69 2.59
CA VAL I 12 68.05 -33.48 4.03
C VAL I 12 68.37 -34.77 4.79
N GLN I 13 69.12 -34.65 5.87
CA GLN I 13 69.42 -35.77 6.73
C GLN I 13 68.22 -36.10 7.61
N PRO I 14 68.01 -37.40 7.91
CA PRO I 14 66.88 -37.89 8.71
C PRO I 14 66.68 -37.13 10.02
N GLY I 15 65.42 -36.81 10.33
CA GLY I 15 65.10 -36.07 11.52
C GLY I 15 65.07 -34.56 11.30
N GLY I 16 65.40 -34.15 10.07
CA GLY I 16 65.41 -32.74 9.72
C GLY I 16 64.05 -32.23 9.28
N SER I 17 64.01 -30.95 8.91
CA SER I 17 62.76 -30.33 8.47
C SER I 17 62.92 -29.63 7.13
N LEU I 18 61.83 -29.55 6.37
CA LEU I 18 61.81 -28.89 5.07
C LEU I 18 60.41 -28.39 4.74
N ARG I 19 60.32 -27.17 4.20
CA ARG I 19 59.02 -26.60 3.87
C ARG I 19 58.84 -26.44 2.36
N LEU I 20 57.81 -27.08 1.84
CA LEU I 20 57.50 -27.03 0.41
C LEU I 20 56.48 -25.94 0.07
N SER I 21 56.67 -25.31 -1.09
CA SER I 21 55.76 -24.26 -1.54
C SER I 21 55.19 -24.60 -2.92
N CYS I 22 53.89 -24.37 -3.09
CA CYS I 22 53.22 -24.61 -4.37
C CYS I 22 52.49 -23.36 -4.82
N ALA I 23 52.96 -22.76 -5.91
CA ALA I 23 52.42 -21.49 -6.39
C ALA I 23 51.46 -21.68 -7.57
N TYR I 24 50.22 -21.25 -7.39
CA TYR I 24 49.23 -21.29 -8.46
C TYR I 24 49.13 -19.94 -9.17
N SER I 25 48.86 -19.98 -10.48
CA SER I 25 48.73 -18.76 -11.26
C SER I 25 47.81 -18.94 -12.46
N GLY I 26 47.23 -17.85 -12.95
CA GLY I 26 46.35 -17.91 -14.11
C GLY I 26 45.60 -16.62 -14.34
N SER I 27 44.42 -16.72 -14.96
CA SER I 27 43.58 -15.56 -15.23
C SER I 27 42.37 -15.53 -14.31
N LEU I 28 41.37 -16.34 -14.65
CA LEU I 28 40.16 -16.46 -13.83
C LEU I 28 40.03 -17.90 -13.35
N PHE I 29 40.13 -18.07 -12.04
CA PHE I 29 40.11 -19.41 -11.44
C PHE I 29 39.67 -19.38 -9.98
N SER I 30 39.19 -20.52 -9.51
CA SER I 30 38.82 -20.65 -8.11
C SER I 30 39.26 -22.01 -7.56
N ILE I 31 40.31 -22.00 -6.75
CA ILE I 31 40.81 -23.24 -6.15
C ILE I 31 39.89 -23.68 -5.01
N LEU I 32 39.17 -24.77 -5.24
CA LEU I 32 38.26 -25.31 -4.25
C LEU I 32 38.98 -26.20 -3.26
N ARG I 33 39.96 -26.95 -3.77
CA ARG I 33 40.71 -27.90 -2.95
C ARG I 33 42.14 -28.03 -3.45
N MET I 34 43.08 -28.09 -2.51
CA MET I 34 44.50 -28.26 -2.86
C MET I 34 45.11 -29.42 -2.09
N ASP I 35 45.49 -30.46 -2.81
CA ASP I 35 46.08 -31.65 -2.20
C ASP I 35 47.58 -31.78 -2.49
N TRP I 36 48.30 -32.34 -1.54
CA TRP I 36 49.71 -32.65 -1.73
C TRP I 36 49.88 -34.14 -1.99
N TYR I 37 50.60 -34.49 -3.05
CA TYR I 37 50.84 -35.90 -3.36
C TYR I 37 52.34 -36.19 -3.44
N ARG I 38 52.72 -37.41 -3.08
CA ARG I 38 54.11 -37.83 -3.21
C ARG I 38 54.20 -39.18 -3.90
N GLN I 39 55.22 -39.35 -4.74
CA GLN I 39 55.40 -40.60 -5.46
C GLN I 39 56.82 -41.11 -5.37
N ALA I 40 57.02 -42.17 -4.60
CA ALA I 40 58.32 -42.84 -4.51
C ALA I 40 58.60 -43.59 -5.79
N PRO I 41 59.89 -43.77 -6.12
CA PRO I 41 60.26 -44.53 -7.32
C PRO I 41 59.69 -45.95 -7.34
N GLY I 42 58.87 -46.24 -8.34
CA GLY I 42 58.25 -47.54 -8.46
C GLY I 42 56.92 -47.66 -7.72
N LYS I 43 56.81 -46.93 -6.61
CA LYS I 43 55.59 -46.95 -5.81
C LYS I 43 54.52 -46.02 -6.38
N GLU I 44 53.27 -46.21 -5.93
CA GLU I 44 52.15 -45.45 -6.44
C GLU I 44 52.11 -44.02 -5.90
N ARG I 45 51.13 -43.25 -6.36
CA ARG I 45 50.90 -41.91 -5.85
C ARG I 45 50.19 -41.96 -4.50
N GLU I 46 50.77 -41.29 -3.51
CA GLU I 46 50.20 -41.29 -2.16
C GLU I 46 49.76 -39.89 -1.74
N LEU I 47 48.55 -39.82 -1.18
CA LEU I 47 48.01 -38.56 -0.67
C LEU I 47 48.64 -38.22 0.68
N VAL I 48 49.16 -36.99 0.78
CA VAL I 48 49.83 -36.53 1.98
C VAL I 48 48.94 -35.58 2.78
N ALA I 49 48.60 -34.44 2.19
CA ALA I 49 47.79 -33.44 2.88
C ALA I 49 46.91 -32.66 1.90
N GLY I 50 45.80 -32.16 2.41
CA GLY I 50 44.86 -31.37 1.63
C GLY I 50 44.25 -30.26 2.46
N ILE I 51 43.62 -29.30 1.80
CA ILE I 51 43.01 -28.18 2.50
C ILE I 51 41.80 -27.64 1.74
N THR I 52 40.71 -27.37 2.46
CA THR I 52 39.50 -26.83 1.86
C THR I 52 38.70 -26.04 2.88
N ARG I 53 38.09 -24.94 2.45
CA ARG I 53 37.32 -24.09 3.36
C ARG I 53 36.17 -24.88 3.99
N ASP I 54 35.91 -24.62 5.26
CA ASP I 54 34.92 -25.38 6.01
C ASP I 54 33.49 -25.05 5.58
N ALA I 55 32.52 -25.71 6.20
CA ALA I 55 31.11 -25.41 5.96
C ALA I 55 30.85 -23.95 6.26
N ALA I 56 31.37 -23.48 7.39
CA ALA I 56 31.40 -22.05 7.68
C ALA I 56 32.45 -21.39 6.79
N GLY I 57 32.07 -20.31 6.13
CA GLY I 57 32.90 -19.74 5.09
C GLY I 57 34.06 -18.88 5.56
N TYR I 58 34.65 -19.24 6.70
CA TYR I 58 35.76 -18.48 7.26
C TYR I 58 37.04 -19.30 7.39
N ALA I 59 37.10 -20.12 8.44
CA ALA I 59 38.30 -20.91 8.72
C ALA I 59 38.41 -22.11 7.78
N ASP I 60 39.64 -22.49 7.47
CA ASP I 60 39.89 -23.63 6.58
C ASP I 60 39.79 -24.96 7.32
N SER I 61 39.96 -26.04 6.56
CA SER I 61 39.94 -27.40 7.10
C SER I 61 41.01 -28.25 6.42
N THR I 62 41.93 -28.76 7.23
CA THR I 62 43.02 -29.58 6.73
C THR I 62 42.66 -31.07 6.75
N ASN I 63 43.31 -31.84 5.89
CA ASN I 63 43.12 -33.28 5.81
C ASN I 63 44.45 -34.00 5.64
N TYR I 64 44.86 -34.74 6.66
CA TYR I 64 46.16 -35.41 6.64
C TYR I 64 46.04 -36.93 6.52
N ALA I 65 47.08 -37.55 5.97
CA ALA I 65 47.16 -39.00 5.93
C ALA I 65 47.69 -39.52 7.27
N ASP I 66 47.38 -40.78 7.58
CA ASP I 66 47.80 -41.38 8.84
C ASP I 66 49.32 -41.45 8.97
N SER I 67 50.01 -41.56 7.85
CA SER I 67 51.47 -41.63 7.84
C SER I 67 52.09 -40.33 8.35
N VAL I 68 51.76 -39.22 7.70
CA VAL I 68 52.33 -37.91 8.02
C VAL I 68 51.49 -37.17 9.06
N LYS I 69 50.60 -37.91 9.73
CA LYS I 69 49.61 -37.35 10.64
C LYS I 69 50.13 -36.27 11.59
N GLY I 70 51.19 -36.58 12.31
CA GLY I 70 51.73 -35.66 13.31
C GLY I 70 52.89 -34.81 12.82
N ARG I 71 53.60 -35.30 11.82
CA ARG I 71 54.81 -34.65 11.35
C ARG I 71 54.55 -33.48 10.40
N PHE I 72 53.58 -33.65 9.50
CA PHE I 72 53.34 -32.67 8.44
C PHE I 72 52.25 -31.68 8.82
N THR I 73 52.39 -30.45 8.33
CA THR I 73 51.40 -29.40 8.58
C THR I 73 51.17 -28.55 7.33
N ILE I 74 50.00 -28.67 6.73
CA ILE I 74 49.68 -27.92 5.51
C ILE I 74 49.06 -26.57 5.84
N SER I 75 49.55 -25.53 5.17
CA SER I 75 49.05 -24.17 5.36
C SER I 75 48.87 -23.49 4.01
N ARG I 76 48.44 -22.23 4.03
CA ARG I 76 48.31 -21.48 2.77
C ARG I 76 48.35 -19.98 2.97
N ASP I 77 48.75 -19.27 1.91
CA ASP I 77 48.72 -17.82 1.86
C ASP I 77 48.07 -17.39 0.55
N SER I 78 46.84 -16.89 0.64
CA SER I 78 46.10 -16.42 -0.52
C SER I 78 46.70 -15.15 -1.10
N ALA I 79 47.36 -14.37 -0.26
CA ALA I 79 47.95 -13.11 -0.70
C ALA I 79 49.17 -13.35 -1.58
N LYS I 80 50.00 -14.32 -1.20
CA LYS I 80 51.17 -14.66 -1.97
C LYS I 80 50.85 -15.72 -3.01
N ASN I 81 49.58 -16.12 -3.07
CA ASN I 81 49.11 -17.15 -4.00
C ASN I 81 49.91 -18.44 -3.89
N THR I 82 50.19 -18.88 -2.67
CA THR I 82 51.02 -20.07 -2.48
C THR I 82 50.53 -20.94 -1.32
N VAL I 83 50.45 -22.25 -1.57
CA VAL I 83 50.07 -23.19 -0.53
C VAL I 83 51.31 -23.95 -0.02
N TYR I 84 51.45 -24.02 1.30
CA TYR I 84 52.65 -24.57 1.91
C TYR I 84 52.44 -25.93 2.55
N LEU I 85 53.52 -26.71 2.61
CA LEU I 85 53.53 -27.99 3.30
C LEU I 85 54.76 -28.08 4.19
N GLN I 86 54.54 -28.00 5.50
CA GLN I 86 55.64 -28.00 6.47
C GLN I 86 55.95 -29.42 6.92
N MET I 87 57.12 -29.92 6.50
CA MET I 87 57.52 -31.28 6.82
C MET I 87 58.53 -31.29 7.97
N ASN I 88 58.12 -31.84 9.11
CA ASN I 88 59.00 -31.92 10.27
C ASN I 88 59.38 -33.35 10.61
N SER I 89 60.57 -33.53 11.19
CA SER I 89 61.11 -34.85 11.52
C SER I 89 60.99 -35.83 10.36
N LEU I 90 61.67 -35.52 9.27
CA LEU I 90 61.57 -36.31 8.05
C LEU I 90 62.20 -37.70 8.19
N LYS I 91 61.43 -38.71 7.79
CA LYS I 91 61.89 -40.10 7.82
C LYS I 91 62.47 -40.47 6.44
N PRO I 92 63.27 -41.56 6.38
CA PRO I 92 63.79 -41.99 5.09
C PRO I 92 62.71 -42.52 4.15
N GLU I 93 61.56 -42.90 4.71
CA GLU I 93 60.44 -43.38 3.91
C GLU I 93 59.68 -42.22 3.27
N ASP I 94 59.95 -41.01 3.75
CA ASP I 94 59.31 -39.81 3.21
C ASP I 94 59.95 -39.37 1.90
N THR I 95 61.04 -40.02 1.53
CA THR I 95 61.76 -39.70 0.30
C THR I 95 60.93 -40.02 -0.93
N ALA I 96 60.60 -38.99 -1.71
CA ALA I 96 59.77 -39.14 -2.90
C ALA I 96 59.71 -37.85 -3.71
N VAL I 97 59.02 -37.91 -4.85
CA VAL I 97 58.73 -36.73 -5.64
C VAL I 97 57.37 -36.16 -5.24
N TYR I 98 57.36 -34.92 -4.78
CA TYR I 98 56.15 -34.30 -4.25
C TYR I 98 55.49 -33.37 -5.25
N TYR I 99 54.31 -33.76 -5.72
CA TYR I 99 53.48 -32.94 -6.60
C TYR I 99 52.40 -32.24 -5.77
N CYS I 100 51.68 -31.32 -6.40
CA CYS I 100 50.52 -30.69 -5.77
C CYS I 100 49.35 -30.68 -6.75
N ASN I 101 48.18 -31.08 -6.25
CA ASN I 101 46.98 -31.19 -7.07
C ASN I 101 45.91 -30.17 -6.68
N ALA I 102 45.58 -29.28 -7.62
CA ALA I 102 44.59 -28.24 -7.36
C ALA I 102 43.29 -28.50 -8.13
N ASP I 103 42.21 -28.70 -7.38
CA ASP I 103 40.89 -28.81 -7.98
C ASP I 103 40.31 -27.41 -8.14
N ALA I 104 40.37 -26.88 -9.36
CA ALA I 104 40.00 -25.48 -9.59
C ALA I 104 38.86 -25.35 -10.59
N ARG I 105 38.07 -24.29 -10.43
CA ARG I 105 37.00 -23.98 -11.36
C ARG I 105 37.34 -22.75 -12.18
N THR I 106 37.37 -22.91 -13.50
CA THR I 106 37.63 -21.80 -14.39
C THR I 106 36.43 -21.54 -15.30
N ILE I 107 36.60 -20.62 -16.25
CA ILE I 107 35.54 -20.31 -17.20
C ILE I 107 35.25 -21.53 -18.08
N THR I 108 36.27 -22.36 -18.29
CA THR I 108 36.12 -23.60 -19.04
C THR I 108 35.29 -24.60 -18.25
N GLY I 109 35.52 -24.64 -16.94
CA GLY I 109 34.79 -25.53 -16.05
C GLY I 109 35.64 -26.04 -14.91
N ARG I 110 35.03 -26.86 -14.06
CA ARG I 110 35.74 -27.45 -12.93
C ARG I 110 36.65 -28.59 -13.37
N ALA I 111 37.91 -28.55 -12.96
CA ALA I 111 38.88 -29.55 -13.37
C ALA I 111 40.06 -29.65 -12.40
N ASP I 112 40.81 -30.75 -12.52
CA ASP I 112 41.98 -30.96 -11.69
C ASP I 112 43.26 -30.56 -12.43
N TYR I 113 44.17 -29.93 -11.71
CA TYR I 113 45.44 -29.47 -12.29
C TYR I 113 46.63 -29.96 -11.47
N TRP I 114 47.72 -30.27 -12.15
CA TRP I 114 48.92 -30.81 -11.51
C TRP I 114 50.15 -30.00 -11.86
N GLY I 115 51.10 -29.96 -10.92
CA GLY I 115 52.38 -29.29 -11.14
C GLY I 115 53.45 -30.26 -11.59
N GLN I 116 54.68 -29.77 -11.70
CA GLN I 116 55.80 -30.61 -12.12
C GLN I 116 56.40 -31.38 -10.96
N GLY I 117 56.20 -30.90 -9.74
CA GLY I 117 56.66 -31.58 -8.55
C GLY I 117 58.13 -31.34 -8.25
N THR I 118 58.50 -31.50 -6.98
CA THR I 118 59.90 -31.35 -6.57
C THR I 118 60.43 -32.57 -5.85
N GLN I 119 61.72 -32.84 -5.99
CA GLN I 119 62.33 -34.03 -5.41
C GLN I 119 62.72 -33.81 -3.95
N VAL I 120 62.26 -34.71 -3.08
CA VAL I 120 62.65 -34.69 -1.68
C VAL I 120 63.36 -35.99 -1.31
N THR I 121 64.66 -35.89 -1.03
CA THR I 121 65.47 -37.05 -0.72
C THR I 121 66.03 -37.01 0.70
N VAL I 122 65.62 -37.98 1.51
CA VAL I 122 66.11 -38.06 2.89
C VAL I 122 67.11 -39.21 3.05
N SER I 123 68.38 -38.85 3.17
CA SER I 123 69.45 -39.84 3.33
C SER I 123 70.54 -39.34 4.28
N SER I 124 71.27 -40.27 4.88
CA SER I 124 72.34 -39.92 5.80
C SER I 124 73.63 -39.58 5.05
N ASP J 1 50.79 12.17 13.04
CA ASP J 1 49.97 12.72 11.97
C ASP J 1 49.66 14.21 12.20
N VAL J 2 49.00 14.51 13.32
CA VAL J 2 48.66 15.89 13.64
C VAL J 2 49.75 16.54 14.49
N GLN J 3 50.23 17.70 14.05
CA GLN J 3 51.29 18.42 14.73
C GLN J 3 50.76 19.56 15.58
N LEU J 4 51.34 19.72 16.76
CA LEU J 4 50.96 20.78 17.69
C LEU J 4 52.10 21.77 17.87
N VAL J 5 51.79 23.06 17.83
CA VAL J 5 52.82 24.08 18.01
C VAL J 5 52.42 25.12 19.06
N GLU J 6 53.19 25.18 20.14
CA GLU J 6 52.95 26.17 21.18
C GLU J 6 53.65 27.48 20.85
N SER J 7 53.07 28.58 21.32
CA SER J 7 53.62 29.90 21.10
C SER J 7 53.08 30.89 22.13
N GLY J 8 53.75 32.02 22.29
CA GLY J 8 53.28 33.06 23.19
C GLY J 8 54.06 33.14 24.48
N GLY J 9 54.90 32.13 24.72
CA GLY J 9 55.70 32.09 25.94
C GLY J 9 56.75 33.19 25.95
N GLY J 10 57.00 33.74 27.13
CA GLY J 10 57.98 34.81 27.29
C GLY J 10 58.25 35.15 28.74
N LEU J 11 58.77 36.35 28.95
CA LEU J 11 59.08 36.83 30.30
C LEU J 11 58.10 37.91 30.72
N VAL J 12 57.49 37.73 31.90
CA VAL J 12 56.51 38.69 32.40
C VAL J 12 56.69 38.94 33.90
N GLN J 13 56.42 40.17 34.32
CA GLN J 13 56.47 40.52 35.74
C GLN J 13 55.22 40.02 36.45
N PRO J 14 55.36 39.61 37.72
CA PRO J 14 54.27 39.08 38.54
C PRO J 14 53.04 39.99 38.54
N GLY J 15 51.85 39.40 38.41
CA GLY J 15 50.62 40.15 38.36
C GLY J 15 50.25 40.55 36.95
N GLY J 16 51.11 40.18 36.00
CA GLY J 16 50.88 40.47 34.60
C GLY J 16 50.05 39.41 33.91
N SER J 17 49.83 39.59 32.62
CA SER J 17 49.03 38.64 31.85
C SER J 17 49.78 38.15 30.61
N LEU J 18 49.46 36.94 30.18
CA LEU J 18 50.09 36.35 28.99
C LEU J 18 49.18 35.31 28.36
N ARG J 19 49.11 35.31 27.04
CA ARG J 19 48.24 34.37 26.33
C ARG J 19 49.04 33.34 25.54
N LEU J 20 48.84 32.07 25.86
CA LEU J 20 49.52 31.00 25.15
C LEU J 20 48.62 30.45 24.05
N SER J 21 49.21 30.13 22.91
CA SER J 21 48.47 29.59 21.78
C SER J 21 49.03 28.24 21.34
N CYS J 22 48.13 27.30 21.04
CA CYS J 22 48.55 26.00 20.55
C CYS J 22 47.85 25.69 19.24
N ALA J 23 48.64 25.64 18.16
CA ALA J 23 48.10 25.44 16.83
C ALA J 23 48.25 24.00 16.38
N TYR J 24 47.12 23.36 16.10
CA TYR J 24 47.11 22.01 15.57
C TYR J 24 47.02 22.03 14.04
N SER J 25 47.66 21.08 13.39
CA SER J 25 47.62 21.02 11.93
C SER J 25 47.80 19.60 11.42
N GLY J 26 47.31 19.32 10.22
CA GLY J 26 47.43 18.01 9.63
C GLY J 26 46.56 17.85 8.40
N SER J 27 46.15 16.62 8.13
CA SER J 27 45.29 16.34 6.98
C SER J 27 43.87 16.04 7.43
N LEU J 28 43.66 14.82 7.92
CA LEU J 28 42.35 14.41 8.42
C LEU J 28 42.46 14.03 9.89
N PHE J 29 41.80 14.81 10.74
CA PHE J 29 41.89 14.61 12.17
C PHE J 29 40.68 15.18 12.91
N SER J 30 40.44 14.69 14.11
CA SER J 30 39.37 15.19 14.97
C SER J 30 39.83 15.27 16.41
N ILE J 31 40.06 16.49 16.89
CA ILE J 31 40.49 16.69 18.27
C ILE J 31 39.32 16.50 19.23
N LEU J 32 39.38 15.43 20.01
CA LEU J 32 38.34 15.11 20.97
C LEU J 32 38.56 15.87 22.28
N ARG J 33 39.82 15.99 22.69
CA ARG J 33 40.17 16.64 23.94
C ARG J 33 41.53 17.34 23.82
N MET J 34 41.62 18.54 24.38
CA MET J 34 42.86 19.29 24.35
C MET J 34 43.25 19.76 25.75
N ASP J 35 44.35 19.25 26.27
CA ASP J 35 44.81 19.61 27.61
C ASP J 35 46.08 20.46 27.59
N TRP J 36 46.19 21.36 28.56
CA TRP J 36 47.41 22.14 28.75
C TRP J 36 48.22 21.59 29.91
N TYR J 37 49.50 21.35 29.68
CA TYR J 37 50.38 20.86 30.75
C TYR J 37 51.56 21.80 30.96
N ARG J 38 52.04 21.88 32.19
CA ARG J 38 53.22 22.68 32.50
C ARG J 38 54.20 21.88 33.35
N GLN J 39 55.49 22.06 33.10
CA GLN J 39 56.50 21.35 33.85
C GLN J 39 57.58 22.28 34.36
N ALA J 40 57.58 22.53 35.66
CA ALA J 40 58.62 23.33 36.31
C ALA J 40 59.92 22.54 36.34
N PRO J 41 61.06 23.25 36.37
CA PRO J 41 62.36 22.57 36.43
C PRO J 41 62.48 21.65 37.65
N GLY J 42 62.69 20.37 37.38
CA GLY J 42 62.82 19.37 38.44
C GLY J 42 61.48 18.77 38.85
N LYS J 43 60.41 19.56 38.76
CA LYS J 43 59.09 19.08 39.14
C LYS J 43 58.43 18.28 38.01
N GLU J 44 57.38 17.54 38.36
CA GLU J 44 56.68 16.68 37.42
C GLU J 44 55.79 17.46 36.47
N ARG J 45 55.13 16.75 35.56
CA ARG J 45 54.16 17.35 34.66
C ARG J 45 52.85 17.62 35.39
N GLU J 46 52.39 18.86 35.32
CA GLU J 46 51.17 19.29 36.01
C GLU J 46 50.08 19.68 35.01
N LEU J 47 48.87 19.19 35.27
CA LEU J 47 47.71 19.54 34.45
C LEU J 47 47.22 20.94 34.79
N VAL J 48 47.07 21.77 33.76
CA VAL J 48 46.63 23.14 33.92
C VAL J 48 45.16 23.32 33.53
N ALA J 49 44.88 23.09 32.25
CA ALA J 49 43.53 23.27 31.74
C ALA J 49 43.23 22.32 30.58
N GLY J 50 41.95 21.99 30.41
CA GLY J 50 41.51 21.14 29.33
C GLY J 50 40.15 21.60 28.82
N ILE J 51 39.76 21.11 27.64
CA ILE J 51 38.49 21.50 27.06
C ILE J 51 37.91 20.39 26.18
N THR J 52 36.60 20.14 26.33
CA THR J 52 35.93 19.13 25.52
C THR J 52 34.45 19.45 25.40
N ARG J 53 33.86 19.20 24.23
CA ARG J 53 32.46 19.49 24.01
C ARG J 53 31.56 18.71 24.97
N ASP J 54 30.50 19.36 25.45
CA ASP J 54 29.63 18.77 26.47
C ASP J 54 28.79 17.63 25.91
N ALA J 55 27.97 17.04 26.77
CA ALA J 55 27.04 16.00 26.34
C ALA J 55 26.12 16.54 25.26
N ALA J 56 25.62 17.76 25.48
CA ALA J 56 24.93 18.49 24.43
C ALA J 56 25.96 18.98 23.42
N GLY J 57 25.71 18.73 22.14
CA GLY J 57 26.70 18.95 21.11
C GLY J 57 26.88 20.39 20.66
N TYR J 58 26.71 21.33 21.58
CA TYR J 58 26.83 22.75 21.24
C TYR J 58 27.95 23.44 22.02
N ALA J 59 27.66 23.78 23.28
CA ALA J 59 28.61 24.50 24.11
C ALA J 59 29.70 23.57 24.63
N ASP J 60 30.91 24.12 24.80
CA ASP J 60 32.04 23.35 25.29
C ASP J 60 32.04 23.22 26.80
N SER J 61 33.02 22.49 27.32
CA SER J 61 33.18 22.31 28.76
C SER J 61 34.65 22.37 29.13
N THR J 62 34.98 23.34 29.97
CA THR J 62 36.35 23.54 30.43
C THR J 62 36.66 22.78 31.71
N ASN J 63 37.94 22.50 31.92
CA ASN J 63 38.41 21.81 33.11
C ASN J 63 39.69 22.43 33.65
N TYR J 64 39.62 23.07 34.81
CA TYR J 64 40.77 23.76 35.37
C TYR J 64 41.36 23.07 36.59
N ALA J 65 42.65 23.30 36.82
CA ALA J 65 43.31 22.79 38.03
C ALA J 65 43.05 23.72 39.21
N ASP J 66 43.16 23.17 40.41
CA ASP J 66 42.90 23.93 41.63
C ASP J 66 43.86 25.11 41.78
N SER J 67 45.08 24.95 41.28
CA SER J 67 46.09 26.01 41.36
C SER J 67 45.69 27.24 40.56
N VAL J 68 45.46 27.05 39.26
CA VAL J 68 45.14 28.14 38.35
C VAL J 68 43.63 28.38 38.24
N LYS J 69 42.88 27.84 39.21
CA LYS J 69 41.42 27.82 39.19
C LYS J 69 40.75 29.12 38.73
N GLY J 70 41.12 30.23 39.37
CA GLY J 70 40.50 31.50 39.07
C GLY J 70 41.26 32.37 38.08
N ARG J 71 42.57 32.14 37.98
CA ARG J 71 43.43 33.01 37.18
C ARG J 71 43.42 32.68 35.69
N PHE J 72 43.43 31.39 35.37
CA PHE J 72 43.59 30.97 33.99
C PHE J 72 42.25 30.71 33.31
N THR J 73 42.20 30.95 32.00
CA THR J 73 40.98 30.72 31.22
C THR J 73 41.30 30.10 29.86
N ILE J 74 40.91 28.85 29.68
CA ILE J 74 41.16 28.14 28.43
C ILE J 74 40.04 28.36 27.43
N SER J 75 40.41 28.67 26.19
CA SER J 75 39.44 28.92 25.12
C SER J 75 39.90 28.24 23.84
N ARG J 76 39.14 28.39 22.77
CA ARG J 76 39.53 27.81 21.49
C ARG J 76 38.92 28.55 20.30
N ASP J 77 39.60 28.44 19.16
CA ASP J 77 39.10 28.95 17.89
C ASP J 77 39.30 27.88 16.82
N SER J 78 38.19 27.27 16.40
CA SER J 78 38.22 26.24 15.38
C SER J 78 38.57 26.82 14.01
N ALA J 79 38.24 28.08 13.80
CA ALA J 79 38.49 28.75 12.53
C ALA J 79 39.98 28.99 12.32
N LYS J 80 40.66 29.42 13.38
CA LYS J 80 42.09 29.66 13.33
C LYS J 80 42.86 28.40 13.67
N ASN J 81 42.12 27.31 13.94
CA ASN J 81 42.70 26.03 14.31
C ASN J 81 43.67 26.15 15.49
N THR J 82 43.29 26.91 16.50
CA THR J 82 44.18 27.17 17.63
C THR J 82 43.45 27.19 18.97
N VAL J 83 44.01 26.51 19.95
CA VAL J 83 43.44 26.51 21.30
C VAL J 83 44.27 27.42 22.22
N TYR J 84 43.58 28.29 22.95
CA TYR J 84 44.25 29.33 23.74
C TYR J 84 44.20 29.09 25.25
N LEU J 85 45.20 29.63 25.94
CA LEU J 85 45.25 29.61 27.40
C LEU J 85 45.60 31.00 27.92
N GLN J 86 44.61 31.67 28.52
CA GLN J 86 44.78 33.02 29.03
C GLN J 86 45.23 33.03 30.49
N MET J 87 46.47 33.44 30.71
CA MET J 87 47.05 33.44 32.05
C MET J 87 47.02 34.85 32.66
N ASN J 88 46.22 35.01 33.72
CA ASN J 88 46.09 36.29 34.41
C ASN J 88 46.66 36.27 35.82
N SER J 89 47.13 37.44 36.27
CA SER J 89 47.75 37.60 37.59
C SER J 89 48.77 36.50 37.85
N LEU J 90 49.81 36.48 37.02
CA LEU J 90 50.82 35.42 37.08
C LEU J 90 51.68 35.47 38.34
N LYS J 91 51.77 34.33 39.02
CA LYS J 91 52.60 34.17 40.20
C LYS J 91 53.96 33.63 39.79
N PRO J 92 54.98 33.75 40.67
CA PRO J 92 56.28 33.17 40.33
C PRO J 92 56.25 31.65 40.26
N GLU J 93 55.23 31.04 40.86
CA GLU J 93 55.06 29.60 40.84
C GLU J 93 54.50 29.13 39.50
N ASP J 94 53.98 30.07 38.72
CA ASP J 94 53.42 29.74 37.41
C ASP J 94 54.53 29.58 36.36
N THR J 95 55.76 29.88 36.77
CA THR J 95 56.91 29.77 35.89
C THR J 95 57.22 28.31 35.55
N ALA J 96 57.12 27.96 34.27
CA ALA J 96 57.35 26.60 33.82
C ALA J 96 57.36 26.50 32.30
N VAL J 97 57.64 25.30 31.81
CA VAL J 97 57.51 25.00 30.38
C VAL J 97 56.14 24.42 30.10
N TYR J 98 55.39 25.09 29.25
CA TYR J 98 54.00 24.72 28.97
C TYR J 98 53.87 23.92 27.68
N TYR J 99 53.52 22.64 27.82
CA TYR J 99 53.24 21.78 26.68
C TYR J 99 51.74 21.70 26.46
N CYS J 100 51.33 21.10 25.35
CA CYS J 100 49.91 20.88 25.09
C CYS J 100 49.64 19.45 24.60
N ASN J 101 48.64 18.81 25.19
CA ASN J 101 48.31 17.43 24.85
C ASN J 101 46.95 17.30 24.15
N ALA J 102 46.96 16.84 22.91
CA ALA J 102 45.75 16.70 22.12
C ALA J 102 45.38 15.23 21.89
N ASP J 103 44.23 14.82 22.41
CA ASP J 103 43.71 13.49 22.12
C ASP J 103 42.90 13.54 20.83
N ALA J 104 43.51 13.11 19.72
CA ALA J 104 42.89 13.27 18.41
C ALA J 104 42.68 11.94 17.70
N ARG J 105 41.67 11.89 16.85
CA ARG J 105 41.41 10.71 16.03
C ARG J 105 41.74 10.98 14.57
N THR J 106 42.63 10.18 14.01
CA THR J 106 43.00 10.30 12.60
C THR J 106 42.63 9.03 11.86
N ILE J 107 43.01 8.95 10.59
CA ILE J 107 42.75 7.77 9.79
C ILE J 107 43.51 6.56 10.36
N THR J 108 44.65 6.84 10.98
CA THR J 108 45.44 5.80 11.64
C THR J 108 44.70 5.28 12.88
N GLY J 109 44.08 6.20 13.61
CA GLY J 109 43.33 5.84 14.81
C GLY J 109 43.41 6.90 15.88
N ARG J 110 42.76 6.63 17.01
CA ARG J 110 42.75 7.56 18.14
C ARG J 110 44.07 7.50 18.90
N ALA J 111 44.67 8.66 19.13
CA ALA J 111 45.97 8.71 19.79
C ALA J 111 46.22 10.08 20.46
N ASP J 112 47.20 10.11 21.35
CA ASP J 112 47.60 11.33 22.03
C ASP J 112 48.79 11.98 21.34
N TYR J 113 48.76 13.31 21.23
CA TYR J 113 49.82 14.05 20.57
C TYR J 113 50.33 15.18 21.45
N TRP J 114 51.63 15.46 21.38
CA TRP J 114 52.23 16.50 22.21
C TRP J 114 53.03 17.49 21.37
N GLY J 115 53.10 18.73 21.83
CA GLY J 115 53.88 19.75 21.16
C GLY J 115 55.26 19.90 21.77
N GLN J 116 56.00 20.91 21.31
CA GLN J 116 57.35 21.16 21.80
C GLN J 116 57.34 21.98 23.08
N GLY J 117 56.26 22.73 23.29
CA GLY J 117 56.10 23.52 24.50
C GLY J 117 56.83 24.85 24.46
N THR J 118 56.35 25.80 25.25
CA THR J 118 57.00 27.11 25.32
C THR J 118 57.36 27.51 26.76
N GLN J 119 58.43 28.27 26.90
CA GLN J 119 58.92 28.67 28.22
C GLN J 119 58.19 29.92 28.73
N VAL J 120 57.65 29.81 29.93
CA VAL J 120 57.02 30.95 30.60
C VAL J 120 57.73 31.24 31.92
N THR J 121 58.41 32.39 31.97
CA THR J 121 59.19 32.76 33.14
C THR J 121 58.65 34.04 33.80
N VAL J 122 58.20 33.89 35.04
CA VAL J 122 57.67 35.03 35.80
C VAL J 122 58.65 35.47 36.89
N SER J 123 59.31 36.61 36.65
CA SER J 123 60.28 37.14 37.61
C SER J 123 60.22 38.66 37.64
N SER J 124 60.66 39.24 38.76
CA SER J 124 60.66 40.69 38.92
C SER J 124 61.89 41.31 38.27
#